data_6AZ4
# 
_entry.id   6AZ4 
# 
_audit_conform.dict_name       mmcif_pdbx.dic 
_audit_conform.dict_version    5.379 
_audit_conform.dict_location   http://mmcif.pdb.org/dictionaries/ascii/mmcif_pdbx.dic 
# 
loop_
_database_2.database_id 
_database_2.database_code 
_database_2.pdbx_database_accession 
_database_2.pdbx_DOI 
PDB   6AZ4         pdb_00006az4 10.2210/pdb6az4/pdb 
WWPDB D_1000230021 ?            ?                   
# 
_pdbx_database_status.status_code                     REL 
_pdbx_database_status.status_code_sf                  REL 
_pdbx_database_status.status_code_mr                  ? 
_pdbx_database_status.entry_id                        6AZ4 
_pdbx_database_status.recvd_initial_deposition_date   2017-09-09 
_pdbx_database_status.SG_entry                        N 
_pdbx_database_status.deposit_site                    RCSB 
_pdbx_database_status.process_site                    RCSB 
_pdbx_database_status.status_code_cs                  ? 
_pdbx_database_status.methods_development_category    ? 
_pdbx_database_status.pdb_format_compatible           Y 
_pdbx_database_status.status_code_nmr_data            ? 
# 
loop_
_audit_author.name 
_audit_author.pdbx_ordinal 
_audit_author.identifier_ORCID 
'Zhang, W.'     1 ? 
'Szostak, J.W.' 2 ? 
# 
_citation.abstract                  ? 
_citation.abstract_id_CAS           ? 
_citation.book_id_ISBN              ? 
_citation.book_publisher            ? 
_citation.book_publisher_city       ? 
_citation.book_title                ? 
_citation.coordinate_linkage        ? 
_citation.country                   US 
_citation.database_id_Medline       ? 
_citation.details                   ? 
_citation.id                        primary 
_citation.journal_abbrev            'J. Am. Chem. Soc.' 
_citation.journal_id_ASTM           JACSAT 
_citation.journal_id_CSD            ? 
_citation.journal_id_ISSN           1520-5126 
_citation.journal_full              ? 
_citation.journal_issue             ? 
_citation.journal_volume            140 
_citation.language                  ? 
_citation.page_first                2829 
_citation.page_last                 2840 
_citation.title                     
'Structural Rationale for the Enhanced Catalysis of Nonenzymatic RNA Primer Extension by a Downstream Oligonucleotide.' 
_citation.year                      2018 
_citation.database_id_CSD           ? 
_citation.pdbx_database_id_DOI      10.1021/jacs.7b11750 
_citation.pdbx_database_id_PubMed   29411978 
_citation.unpublished_flag          ? 
# 
loop_
_citation_author.citation_id 
_citation_author.name 
_citation_author.ordinal 
_citation_author.identifier_ORCID 
primary 'Zhang, W.'     1 ? 
primary 'Tam, C.P.'     2 ? 
primary 'Zhou, L.'      3 ? 
primary 'Oh, S.S.'      4 ? 
primary 'Wang, J.'      5 ? 
primary 'Szostak, J.W.' 6 ? 
# 
_cell.entry_id           6AZ4 
_cell.length_a           79.388 
_cell.length_b           79.388 
_cell.length_c           73.652 
_cell.angle_alpha        90.00 
_cell.angle_beta         90.00 
_cell.angle_gamma        90.00 
_cell.Z_PDB              8 
_cell.pdbx_unique_axis   ? 
# 
_symmetry.entry_id                         6AZ4 
_symmetry.space_group_name_H-M             'P 41 21 2' 
_symmetry.pdbx_full_space_group_name_H-M   ? 
_symmetry.cell_setting                     ? 
_symmetry.Int_Tables_number                92 
# 
loop_
_entity.id 
_entity.type 
_entity.src_method 
_entity.pdbx_description 
_entity.formula_weight 
_entity.pdbx_number_of_molecules 
_entity.pdbx_ec 
_entity.pdbx_mutation 
_entity.pdbx_fragment 
_entity.details 
1 polymer     syn 'RNA (32-MER)'                              10257.117 1 ? ? ? ? 
2 polymer     syn 
;RNA (5'-R(*CP*AP*GP*CP*AP*GP*CP*AP*G)-3')
;
2893.823  1 ? ? ? ? 
3 non-polymer syn "DIGUANOSINE-5'-TRIPHOSPHATE"               788.406   1 ? ? ? ? 
4 water       nat water                                       18.015    2 ? ? ? ? 
# 
loop_
_entity_poly.entity_id 
_entity_poly.type 
_entity_poly.nstd_linkage 
_entity_poly.nstd_monomer 
_entity_poly.pdbx_seq_one_letter_code 
_entity_poly.pdbx_seq_one_letter_code_can 
_entity_poly.pdbx_strand_id 
_entity_poly.pdbx_target_identifier 
1 polyribonucleotide no no CUGCUGCUGCCGCUAAGGAUGAAAGUCUAUGC CUGCUGCUGCCGCUAAGGAUGAAAGUCUAUGC A ? 
2 polyribonucleotide no no CAGCAGCAG                        CAGCAGCAG                        B ? 
# 
loop_
_entity_poly_seq.entity_id 
_entity_poly_seq.num 
_entity_poly_seq.mon_id 
_entity_poly_seq.hetero 
1 1  C n 
1 2  U n 
1 3  G n 
1 4  C n 
1 5  U n 
1 6  G n 
1 7  C n 
1 8  U n 
1 9  G n 
1 10 C n 
1 11 C n 
1 12 G n 
1 13 C n 
1 14 U n 
1 15 A n 
1 16 A n 
1 17 G n 
1 18 G n 
1 19 A n 
1 20 U n 
1 21 G n 
1 22 A n 
1 23 A n 
1 24 A n 
1 25 G n 
1 26 U n 
1 27 C n 
1 28 U n 
1 29 A n 
1 30 U n 
1 31 G n 
1 32 C n 
2 1  C n 
2 2  A n 
2 3  G n 
2 4  C n 
2 5  A n 
2 6  G n 
2 7  C n 
2 8  A n 
2 9  G n 
# 
loop_
_pdbx_entity_src_syn.entity_id 
_pdbx_entity_src_syn.pdbx_src_id 
_pdbx_entity_src_syn.pdbx_alt_source_flag 
_pdbx_entity_src_syn.pdbx_beg_seq_num 
_pdbx_entity_src_syn.pdbx_end_seq_num 
_pdbx_entity_src_syn.organism_scientific 
_pdbx_entity_src_syn.organism_common_name 
_pdbx_entity_src_syn.ncbi_taxonomy_id 
_pdbx_entity_src_syn.details 
1 1 sample 1 32 'synthetic construct' ? 32630 ? 
2 1 sample 1 9  'synthetic construct' ? 32630 ? 
# 
loop_
_struct_ref.id 
_struct_ref.db_name 
_struct_ref.db_code 
_struct_ref.pdbx_db_accession 
_struct_ref.pdbx_db_isoform 
_struct_ref.entity_id 
_struct_ref.pdbx_seq_one_letter_code 
_struct_ref.pdbx_align_begin 
1 PDB 6AZ4 6AZ4 ? 1 ? 1 
2 PDB 6AZ4 6AZ4 ? 2 ? 1 
# 
loop_
_struct_ref_seq.align_id 
_struct_ref_seq.ref_id 
_struct_ref_seq.pdbx_PDB_id_code 
_struct_ref_seq.pdbx_strand_id 
_struct_ref_seq.seq_align_beg 
_struct_ref_seq.pdbx_seq_align_beg_ins_code 
_struct_ref_seq.seq_align_end 
_struct_ref_seq.pdbx_seq_align_end_ins_code 
_struct_ref_seq.pdbx_db_accession 
_struct_ref_seq.db_align_beg 
_struct_ref_seq.pdbx_db_align_beg_ins_code 
_struct_ref_seq.db_align_end 
_struct_ref_seq.pdbx_db_align_end_ins_code 
_struct_ref_seq.pdbx_auth_seq_align_beg 
_struct_ref_seq.pdbx_auth_seq_align_end 
1 1 6AZ4 A 1 ? 32 ? 6AZ4 1 ? 32 ? 1 32 
2 2 6AZ4 B 1 ? 9  ? 6AZ4 1 ? 9  ? 1 9  
# 
loop_
_chem_comp.id 
_chem_comp.type 
_chem_comp.mon_nstd_flag 
_chem_comp.name 
_chem_comp.pdbx_synonyms 
_chem_comp.formula 
_chem_comp.formula_weight 
A   'RNA linking' y "ADENOSINE-5'-MONOPHOSPHATE"  ? 'C10 H14 N5 O7 P'    347.221 
C   'RNA linking' y "CYTIDINE-5'-MONOPHOSPHATE"   ? 'C9 H14 N3 O8 P'     323.197 
G   'RNA linking' y "GUANOSINE-5'-MONOPHOSPHATE"  ? 'C10 H14 N5 O8 P'    363.221 
GP3 non-polymer   . "DIGUANOSINE-5'-TRIPHOSPHATE" ? 'C20 H27 N10 O18 P3' 788.406 
HOH non-polymer   . WATER                         ? 'H2 O'               18.015  
U   'RNA linking' y "URIDINE-5'-MONOPHOSPHATE"    ? 'C9 H13 N2 O9 P'     324.181 
# 
_exptl.absorpt_coefficient_mu     ? 
_exptl.absorpt_correction_T_max   ? 
_exptl.absorpt_correction_T_min   ? 
_exptl.absorpt_correction_type    ? 
_exptl.absorpt_process_details    ? 
_exptl.entry_id                   6AZ4 
_exptl.crystals_number            1 
_exptl.details                    ? 
_exptl.method                     'X-RAY DIFFRACTION' 
_exptl.method_details             ? 
# 
_exptl_crystal.colour                      ? 
_exptl_crystal.density_diffrn              ? 
_exptl_crystal.density_Matthews            4.3 
_exptl_crystal.density_method              ? 
_exptl_crystal.density_percent_sol         71.6 
_exptl_crystal.description                 ? 
_exptl_crystal.F_000                       ? 
_exptl_crystal.id                          1 
_exptl_crystal.preparation                 ? 
_exptl_crystal.size_max                    ? 
_exptl_crystal.size_mid                    ? 
_exptl_crystal.size_min                    ? 
_exptl_crystal.size_rad                    ? 
_exptl_crystal.colour_lustre               ? 
_exptl_crystal.colour_modifier             ? 
_exptl_crystal.colour_primary              ? 
_exptl_crystal.density_meas                ? 
_exptl_crystal.density_meas_esd            ? 
_exptl_crystal.density_meas_gt             ? 
_exptl_crystal.density_meas_lt             ? 
_exptl_crystal.density_meas_temp           ? 
_exptl_crystal.density_meas_temp_esd       ? 
_exptl_crystal.density_meas_temp_gt        ? 
_exptl_crystal.density_meas_temp_lt        ? 
_exptl_crystal.pdbx_crystal_image_url      ? 
_exptl_crystal.pdbx_crystal_image_format   ? 
_exptl_crystal.pdbx_mosaicity              ? 
_exptl_crystal.pdbx_mosaicity_esd          ? 
# 
_exptl_crystal_grow.apparatus       ? 
_exptl_crystal_grow.atmosphere      ? 
_exptl_crystal_grow.crystal_id      1 
_exptl_crystal_grow.details         ? 
_exptl_crystal_grow.method          'VAPOR DIFFUSION, SITTING DROP' 
_exptl_crystal_grow.method_ref      ? 
_exptl_crystal_grow.pH              6.5 
_exptl_crystal_grow.pressure        ? 
_exptl_crystal_grow.pressure_esd    ? 
_exptl_crystal_grow.seeding         ? 
_exptl_crystal_grow.seeding_ref     ? 
_exptl_crystal_grow.temp            291 
_exptl_crystal_grow.temp_details    ? 
_exptl_crystal_grow.temp_esd        ? 
_exptl_crystal_grow.time            ? 
_exptl_crystal_grow.pdbx_details    
'0.05 M Magnesium chloride, 0.1 M Sodium cacodylate trihydrate pH 6.5, 1.4 M Sodium acetate trihydrate' 
_exptl_crystal_grow.pdbx_pH_range   ? 
# 
_diffrn.ambient_environment    ? 
_diffrn.ambient_temp           99 
_diffrn.ambient_temp_details   ? 
_diffrn.ambient_temp_esd       ? 
_diffrn.crystal_id             1 
_diffrn.crystal_support        ? 
_diffrn.crystal_treatment      ? 
_diffrn.details                ? 
_diffrn.id                     1 
_diffrn.ambient_pressure       ? 
_diffrn.ambient_pressure_esd   ? 
_diffrn.ambient_pressure_gt    ? 
_diffrn.ambient_pressure_lt    ? 
_diffrn.ambient_temp_gt        ? 
_diffrn.ambient_temp_lt        ? 
# 
_diffrn_detector.details                      ? 
_diffrn_detector.detector                     CCD 
_diffrn_detector.diffrn_id                    1 
_diffrn_detector.type                         'MAR CCD 130 mm' 
_diffrn_detector.area_resol_mean              ? 
_diffrn_detector.dtime                        ? 
_diffrn_detector.pdbx_frames_total            ? 
_diffrn_detector.pdbx_collection_time_total   ? 
_diffrn_detector.pdbx_collection_date         2017-09-07 
# 
_diffrn_radiation.collimation                      ? 
_diffrn_radiation.diffrn_id                        1 
_diffrn_radiation.filter_edge                      ? 
_diffrn_radiation.inhomogeneity                    ? 
_diffrn_radiation.monochromator                    ? 
_diffrn_radiation.polarisn_norm                    ? 
_diffrn_radiation.polarisn_ratio                   ? 
_diffrn_radiation.probe                            ? 
_diffrn_radiation.type                             ? 
_diffrn_radiation.xray_symbol                      ? 
_diffrn_radiation.wavelength_id                    1 
_diffrn_radiation.pdbx_monochromatic_or_laue_m_l   M 
_diffrn_radiation.pdbx_wavelength_list             ? 
_diffrn_radiation.pdbx_wavelength                  ? 
_diffrn_radiation.pdbx_diffrn_protocol             'SINGLE WAVELENGTH' 
_diffrn_radiation.pdbx_analyzer                    ? 
_diffrn_radiation.pdbx_scattering_type             x-ray 
# 
_diffrn_radiation_wavelength.id           1 
_diffrn_radiation_wavelength.wavelength   1 
_diffrn_radiation_wavelength.wt           1.0 
# 
_diffrn_source.current                     ? 
_diffrn_source.details                     ? 
_diffrn_source.diffrn_id                   1 
_diffrn_source.power                       ? 
_diffrn_source.size                        ? 
_diffrn_source.source                      SYNCHROTRON 
_diffrn_source.target                      ? 
_diffrn_source.type                        'ALS BEAMLINE 8.2.2' 
_diffrn_source.voltage                     ? 
_diffrn_source.take-off_angle              ? 
_diffrn_source.pdbx_wavelength_list        1 
_diffrn_source.pdbx_wavelength             ? 
_diffrn_source.pdbx_synchrotron_beamline   8.2.2 
_diffrn_source.pdbx_synchrotron_site       ALS 
# 
_reflns.B_iso_Wilson_estimate            ? 
_reflns.entry_id                         6AZ4 
_reflns.data_reduction_details           ? 
_reflns.data_reduction_method            ? 
_reflns.d_resolution_high                2.98 
_reflns.d_resolution_low                 50 
_reflns.details                          ? 
_reflns.limit_h_max                      ? 
_reflns.limit_h_min                      ? 
_reflns.limit_k_max                      ? 
_reflns.limit_k_min                      ? 
_reflns.limit_l_max                      ? 
_reflns.limit_l_min                      ? 
_reflns.number_all                       ? 
_reflns.number_obs                       4712 
_reflns.observed_criterion               ? 
_reflns.observed_criterion_F_max         ? 
_reflns.observed_criterion_F_min         ? 
_reflns.observed_criterion_I_max         ? 
_reflns.observed_criterion_I_min         ? 
_reflns.observed_criterion_sigma_F       ? 
_reflns.observed_criterion_sigma_I       ? 
_reflns.percent_possible_obs             91.6 
_reflns.R_free_details                   ? 
_reflns.Rmerge_F_all                     ? 
_reflns.Rmerge_F_obs                     ? 
_reflns.Friedel_coverage                 ? 
_reflns.number_gt                        ? 
_reflns.threshold_expression             ? 
_reflns.pdbx_redundancy                  4.5 
_reflns.pdbx_Rmerge_I_obs                0.133 
_reflns.pdbx_Rmerge_I_all                ? 
_reflns.pdbx_Rsym_value                  ? 
_reflns.pdbx_netI_over_av_sigmaI         ? 
_reflns.pdbx_netI_over_sigmaI            9.24 
_reflns.pdbx_res_netI_over_av_sigmaI_2   ? 
_reflns.pdbx_res_netI_over_sigmaI_2      ? 
_reflns.pdbx_chi_squared                 0.900 
_reflns.pdbx_scaling_rejects             ? 
_reflns.pdbx_d_res_high_opt              ? 
_reflns.pdbx_d_res_low_opt               ? 
_reflns.pdbx_d_res_opt_method            ? 
_reflns.phase_calculation_details        ? 
_reflns.pdbx_Rrim_I_all                  ? 
_reflns.pdbx_Rpim_I_all                  ? 
_reflns.pdbx_d_opt                       ? 
_reflns.pdbx_number_measured_all         ? 
_reflns.pdbx_diffrn_id                   1 
_reflns.pdbx_ordinal                     1 
_reflns.pdbx_CC_half                     0.996 
_reflns.pdbx_R_split                     ? 
# 
_reflns_shell.d_res_high                  2.98 
_reflns_shell.d_res_low                   3.09 
_reflns_shell.meanI_over_sigI_all         ? 
_reflns_shell.meanI_over_sigI_obs         1.64 
_reflns_shell.number_measured_all         ? 
_reflns_shell.number_measured_obs         ? 
_reflns_shell.number_possible             ? 
_reflns_shell.number_unique_all           ? 
_reflns_shell.number_unique_obs           476 
_reflns_shell.percent_possible_all        95.2 
_reflns_shell.percent_possible_obs        ? 
_reflns_shell.Rmerge_F_all                ? 
_reflns_shell.Rmerge_F_obs                ? 
_reflns_shell.Rmerge_I_all                ? 
_reflns_shell.Rmerge_I_obs                0.698 
_reflns_shell.meanI_over_sigI_gt          ? 
_reflns_shell.meanI_over_uI_all           ? 
_reflns_shell.meanI_over_uI_gt            ? 
_reflns_shell.number_measured_gt          ? 
_reflns_shell.number_unique_gt            ? 
_reflns_shell.percent_possible_gt         ? 
_reflns_shell.Rmerge_F_gt                 ? 
_reflns_shell.Rmerge_I_gt                 ? 
_reflns_shell.pdbx_redundancy             4.4 
_reflns_shell.pdbx_Rsym_value             ? 
_reflns_shell.pdbx_chi_squared            0.591 
_reflns_shell.pdbx_netI_over_sigmaI_all   ? 
_reflns_shell.pdbx_netI_over_sigmaI_obs   ? 
_reflns_shell.pdbx_Rrim_I_all             ? 
_reflns_shell.pdbx_Rpim_I_all             ? 
_reflns_shell.pdbx_rejects                ? 
_reflns_shell.pdbx_ordinal                1 
_reflns_shell.pdbx_diffrn_id              1 
_reflns_shell.pdbx_CC_half                0.978 
_reflns_shell.pdbx_R_split                ? 
# 
_refine.pdbx_refine_id                           'X-RAY DIFFRACTION' 
_refine.entry_id                                 6AZ4 
_refine.pdbx_diffrn_id                           1 
_refine.pdbx_TLS_residual_ADP_flag               ? 
_refine.ls_number_reflns_obs                     4464 
_refine.ls_number_reflns_all                     ? 
_refine.pdbx_ls_sigma_I                          ? 
_refine.pdbx_ls_sigma_F                          ? 
_refine.pdbx_data_cutoff_high_absF               ? 
_refine.pdbx_data_cutoff_low_absF                ? 
_refine.pdbx_data_cutoff_high_rms_absF           ? 
_refine.ls_d_res_low                             50 
_refine.ls_d_res_high                            2.98 
_refine.ls_percent_reflns_obs                    91.53 
_refine.ls_R_factor_obs                          0.18206 
_refine.ls_R_factor_all                          ? 
_refine.ls_R_factor_R_work                       0.18053 
_refine.ls_R_factor_R_free                       0.2325 
_refine.ls_R_factor_R_free_error                 ? 
_refine.ls_R_factor_R_free_error_details         ? 
_refine.ls_percent_reflns_R_free                 5.2 
_refine.ls_number_reflns_R_free                  247 
_refine.ls_number_parameters                     ? 
_refine.ls_number_restraints                     ? 
_refine.occupancy_min                            ? 
_refine.occupancy_max                            ? 
_refine.correlation_coeff_Fo_to_Fc               0.963 
_refine.correlation_coeff_Fo_to_Fc_free          0.939 
_refine.B_iso_mean                               73.195 
_refine.aniso_B[1][1]                            -0.03 
_refine.aniso_B[2][2]                            -0.03 
_refine.aniso_B[3][3]                            0.06 
_refine.aniso_B[1][2]                            0.00 
_refine.aniso_B[1][3]                            0.00 
_refine.aniso_B[2][3]                            0.00 
_refine.solvent_model_details                    MASK 
_refine.solvent_model_param_ksol                 ? 
_refine.solvent_model_param_bsol                 ? 
_refine.pdbx_solvent_vdw_probe_radii             1.20 
_refine.pdbx_solvent_ion_probe_radii             0.80 
_refine.pdbx_solvent_shrinkage_radii             0.80 
_refine.pdbx_ls_cross_valid_method               THROUGHOUT 
_refine.details                                  'HYDROGENS HAVE BEEN ADDED IN THE RIDING POSITIONS' 
_refine.pdbx_starting_model                      4FNJ 
_refine.pdbx_method_to_determine_struct          'MOLECULAR REPLACEMENT' 
_refine.pdbx_isotropic_thermal_model             ? 
_refine.pdbx_stereochemistry_target_values       'MAXIMUM LIKELIHOOD' 
_refine.pdbx_stereochem_target_val_spec_case     ? 
_refine.pdbx_R_Free_selection_details            RANDOM 
_refine.pdbx_overall_ESU_R                       0.617 
_refine.pdbx_overall_ESU_R_Free                  0.302 
_refine.overall_SU_ML                            0.239 
_refine.pdbx_overall_phase_error                 ? 
_refine.overall_SU_B                             13.839 
_refine.overall_SU_R_Cruickshank_DPI             ? 
_refine.pdbx_overall_SU_R_free_Cruickshank_DPI   ? 
_refine.pdbx_overall_SU_R_Blow_DPI               ? 
_refine.pdbx_overall_SU_R_free_Blow_DPI          ? 
# 
_refine_hist.pdbx_refine_id                   'X-RAY DIFFRACTION' 
_refine_hist.cycle_id                         1 
_refine_hist.pdbx_number_atoms_protein        0 
_refine_hist.pdbx_number_atoms_nucleic_acid   870 
_refine_hist.pdbx_number_atoms_ligand         51 
_refine_hist.number_atoms_solvent             2 
_refine_hist.number_atoms_total               923 
_refine_hist.d_res_high                       2.98 
_refine_hist.d_res_low                        50 
# 
loop_
_refine_ls_restr.type 
_refine_ls_restr.dev_ideal 
_refine_ls_restr.dev_ideal_target 
_refine_ls_restr.weight 
_refine_ls_restr.number 
_refine_ls_restr.pdbx_refine_id 
_refine_ls_restr.pdbx_restraint_function 
r_bond_refined_d             0.009  0.012  ? 1028 'X-RAY DIFFRACTION' ? 
r_bond_other_d               0.005  0.020  ? 420  'X-RAY DIFFRACTION' ? 
r_angle_refined_deg          2.185  1.375  ? 1600 'X-RAY DIFFRACTION' ? 
r_angle_other_deg            1.818  3.025  ? 1020 'X-RAY DIFFRACTION' ? 
r_dihedral_angle_1_deg       ?      ?      ? ?    'X-RAY DIFFRACTION' ? 
r_dihedral_angle_2_deg       ?      ?      ? ?    'X-RAY DIFFRACTION' ? 
r_dihedral_angle_3_deg       ?      ?      ? ?    'X-RAY DIFFRACTION' ? 
r_dihedral_angle_4_deg       ?      ?      ? ?    'X-RAY DIFFRACTION' ? 
r_chiral_restr               0.242  0.200  ? 175  'X-RAY DIFFRACTION' ? 
r_gen_planes_refined         0.013  0.020  ? 511  'X-RAY DIFFRACTION' ? 
r_gen_planes_other           0.002  0.020  ? 222  'X-RAY DIFFRACTION' ? 
r_nbd_refined                ?      ?      ? ?    'X-RAY DIFFRACTION' ? 
r_nbd_other                  ?      ?      ? ?    'X-RAY DIFFRACTION' ? 
r_nbtor_refined              ?      ?      ? ?    'X-RAY DIFFRACTION' ? 
r_nbtor_other                ?      ?      ? ?    'X-RAY DIFFRACTION' ? 
r_xyhbond_nbd_refined        ?      ?      ? ?    'X-RAY DIFFRACTION' ? 
r_xyhbond_nbd_other          ?      ?      ? ?    'X-RAY DIFFRACTION' ? 
r_metal_ion_refined          ?      ?      ? ?    'X-RAY DIFFRACTION' ? 
r_metal_ion_other            ?      ?      ? ?    'X-RAY DIFFRACTION' ? 
r_symmetry_vdw_refined       ?      ?      ? ?    'X-RAY DIFFRACTION' ? 
r_symmetry_vdw_other         ?      ?      ? ?    'X-RAY DIFFRACTION' ? 
r_symmetry_hbond_refined     ?      ?      ? ?    'X-RAY DIFFRACTION' ? 
r_symmetry_hbond_other       ?      ?      ? ?    'X-RAY DIFFRACTION' ? 
r_symmetry_metal_ion_refined ?      ?      ? ?    'X-RAY DIFFRACTION' ? 
r_symmetry_metal_ion_other   ?      ?      ? ?    'X-RAY DIFFRACTION' ? 
r_mcbond_it                  ?      ?      ? ?    'X-RAY DIFFRACTION' ? 
r_mcbond_other               ?      ?      ? ?    'X-RAY DIFFRACTION' ? 
r_mcangle_it                 ?      ?      ? ?    'X-RAY DIFFRACTION' ? 
r_mcangle_other              ?      ?      ? ?    'X-RAY DIFFRACTION' ? 
r_scbond_it                  6.218  7.739  ? 1025 'X-RAY DIFFRACTION' ? 
r_scbond_other               6.216  7.739  ? 1026 'X-RAY DIFFRACTION' ? 
r_scangle_it                 ?      ?      ? ?    'X-RAY DIFFRACTION' ? 
r_scangle_other              8.969  11.600 ? 1599 'X-RAY DIFFRACTION' ? 
r_long_range_B_refined       10.783 75.740 ? 1443 'X-RAY DIFFRACTION' ? 
r_long_range_B_other         10.779 75.724 ? 1444 'X-RAY DIFFRACTION' ? 
r_rigid_bond_restr           ?      ?      ? ?    'X-RAY DIFFRACTION' ? 
r_sphericity_free            ?      ?      ? ?    'X-RAY DIFFRACTION' ? 
r_sphericity_bonded          ?      ?      ? ?    'X-RAY DIFFRACTION' ? 
# 
_refine_ls_shell.pdbx_refine_id                   'X-RAY DIFFRACTION' 
_refine_ls_shell.pdbx_total_number_of_bins_used   20 
_refine_ls_shell.d_res_high                       2.983 
_refine_ls_shell.d_res_low                        3.060 
_refine_ls_shell.number_reflns_R_work             323 
_refine_ls_shell.R_factor_R_work                  0.330 
_refine_ls_shell.percent_reflns_obs               92.93 
_refine_ls_shell.R_factor_R_free                  0.384 
_refine_ls_shell.R_factor_R_free_error            ? 
_refine_ls_shell.percent_reflns_R_free            ? 
_refine_ls_shell.number_reflns_R_free             19 
_refine_ls_shell.number_reflns_all                ? 
_refine_ls_shell.R_factor_all                     ? 
_refine_ls_shell.R_factor_obs                     ? 
_refine_ls_shell.number_reflns_obs                ? 
# 
_struct.entry_id                     6AZ4 
_struct.title                        
;RNA hairpin complex with guanosine dinucleotide ligand G(5')ppp(5')G
;
_struct.pdbx_model_details           ? 
_struct.pdbx_formula_weight          ? 
_struct.pdbx_formula_weight_method   ? 
_struct.pdbx_model_type_details      ? 
_struct.pdbx_CASP_flag               N 
# 
_struct_keywords.entry_id        6AZ4 
_struct_keywords.text            RNA 
_struct_keywords.pdbx_keywords   RNA 
# 
loop_
_struct_asym.id 
_struct_asym.pdbx_blank_PDB_chainid_flag 
_struct_asym.pdbx_modified 
_struct_asym.entity_id 
_struct_asym.details 
A N N 1 ? 
B N N 2 ? 
C N N 3 ? 
D N N 4 ? 
E N N 4 ? 
# 
loop_
_struct_conn.id 
_struct_conn.conn_type_id 
_struct_conn.pdbx_leaving_atom_flag 
_struct_conn.pdbx_PDB_id 
_struct_conn.ptnr1_label_asym_id 
_struct_conn.ptnr1_label_comp_id 
_struct_conn.ptnr1_label_seq_id 
_struct_conn.ptnr1_label_atom_id 
_struct_conn.pdbx_ptnr1_label_alt_id 
_struct_conn.pdbx_ptnr1_PDB_ins_code 
_struct_conn.pdbx_ptnr1_standard_comp_id 
_struct_conn.ptnr1_symmetry 
_struct_conn.ptnr2_label_asym_id 
_struct_conn.ptnr2_label_comp_id 
_struct_conn.ptnr2_label_seq_id 
_struct_conn.ptnr2_label_atom_id 
_struct_conn.pdbx_ptnr2_label_alt_id 
_struct_conn.pdbx_ptnr2_PDB_ins_code 
_struct_conn.ptnr1_auth_asym_id 
_struct_conn.ptnr1_auth_comp_id 
_struct_conn.ptnr1_auth_seq_id 
_struct_conn.ptnr2_auth_asym_id 
_struct_conn.ptnr2_auth_comp_id 
_struct_conn.ptnr2_auth_seq_id 
_struct_conn.ptnr2_symmetry 
_struct_conn.pdbx_ptnr3_label_atom_id 
_struct_conn.pdbx_ptnr3_label_seq_id 
_struct_conn.pdbx_ptnr3_label_comp_id 
_struct_conn.pdbx_ptnr3_label_asym_id 
_struct_conn.pdbx_ptnr3_label_alt_id 
_struct_conn.pdbx_ptnr3_PDB_ins_code 
_struct_conn.details 
_struct_conn.pdbx_dist_value 
_struct_conn.pdbx_value_order 
_struct_conn.pdbx_role 
hydrog1  hydrog ? ? A C 1  N3 ? ? ? 1_555 B G 9  N1 ? ? A C 1  B G 9  1_555 ? ? ? ? ? ? WATSON-CRICK         ? ? ? 
hydrog2  hydrog ? ? A C 1  N4 ? ? ? 1_555 B G 9  O6 ? ? A C 1  B G 9  1_555 ? ? ? ? ? ? WATSON-CRICK         ? ? ? 
hydrog3  hydrog ? ? A C 1  O2 ? ? ? 1_555 B G 9  N2 ? ? A C 1  B G 9  1_555 ? ? ? ? ? ? WATSON-CRICK         ? ? ? 
hydrog4  hydrog ? ? A U 2  N3 ? ? ? 1_555 B A 8  N1 ? ? A U 2  B A 8  1_555 ? ? ? ? ? ? WATSON-CRICK         ? ? ? 
hydrog5  hydrog ? ? A U 2  O4 ? ? ? 1_555 B A 8  N6 ? ? A U 2  B A 8  1_555 ? ? ? ? ? ? WATSON-CRICK         ? ? ? 
hydrog6  hydrog ? ? A G 3  N1 ? ? ? 1_555 B C 7  N3 ? ? A G 3  B C 7  1_555 ? ? ? ? ? ? WATSON-CRICK         ? ? ? 
hydrog7  hydrog ? ? A G 3  N2 ? ? ? 1_555 B C 7  O2 ? ? A G 3  B C 7  1_555 ? ? ? ? ? ? WATSON-CRICK         ? ? ? 
hydrog8  hydrog ? ? A G 3  O6 ? ? ? 1_555 B C 7  N4 ? ? A G 3  B C 7  1_555 ? ? ? ? ? ? WATSON-CRICK         ? ? ? 
hydrog9  hydrog ? ? A C 4  N3 ? ? ? 1_555 B G 6  N1 ? ? A C 4  B G 6  1_555 ? ? ? ? ? ? WATSON-CRICK         ? ? ? 
hydrog10 hydrog ? ? A C 4  N4 ? ? ? 1_555 B G 6  O6 ? ? A C 4  B G 6  1_555 ? ? ? ? ? ? WATSON-CRICK         ? ? ? 
hydrog11 hydrog ? ? A C 4  O2 ? ? ? 1_555 B G 6  N2 ? ? A C 4  B G 6  1_555 ? ? ? ? ? ? WATSON-CRICK         ? ? ? 
hydrog12 hydrog ? ? A U 5  N3 ? ? ? 1_555 B A 5  N1 ? ? A U 5  B A 5  1_555 ? ? ? ? ? ? WATSON-CRICK         ? ? ? 
hydrog13 hydrog ? ? A U 5  O4 ? ? ? 1_555 B A 5  N6 ? ? A U 5  B A 5  1_555 ? ? ? ? ? ? WATSON-CRICK         ? ? ? 
hydrog14 hydrog ? ? A G 6  N1 ? ? ? 1_555 B C 4  N3 ? ? A G 6  B C 4  1_555 ? ? ? ? ? ? WATSON-CRICK         ? ? ? 
hydrog15 hydrog ? ? A G 6  N2 ? ? ? 1_555 B C 4  O2 ? ? A G 6  B C 4  1_555 ? ? ? ? ? ? WATSON-CRICK         ? ? ? 
hydrog16 hydrog ? ? A G 6  O6 ? ? ? 1_555 B C 4  N4 ? ? A G 6  B C 4  1_555 ? ? ? ? ? ? WATSON-CRICK         ? ? ? 
hydrog17 hydrog ? ? A C 7  N3 ? ? ? 1_555 B G 3  N1 ? ? A C 7  B G 3  1_555 ? ? ? ? ? ? WATSON-CRICK         ? ? ? 
hydrog18 hydrog ? ? A C 7  N4 ? ? ? 1_555 B G 3  O6 ? ? A C 7  B G 3  1_555 ? ? ? ? ? ? WATSON-CRICK         ? ? ? 
hydrog19 hydrog ? ? A C 7  O2 ? ? ? 1_555 B G 3  N2 ? ? A C 7  B G 3  1_555 ? ? ? ? ? ? WATSON-CRICK         ? ? ? 
hydrog20 hydrog ? ? A U 8  N3 ? ? ? 1_555 B A 2  N1 ? ? A U 8  B A 2  1_555 ? ? ? ? ? ? WATSON-CRICK         ? ? ? 
hydrog21 hydrog ? ? A U 8  O4 ? ? ? 1_555 B A 2  N6 ? ? A U 8  B A 2  1_555 ? ? ? ? ? ? WATSON-CRICK         ? ? ? 
hydrog22 hydrog ? ? A G 9  N1 ? ? ? 1_555 B C 1  N3 ? ? A G 9  B C 1  1_555 ? ? ? ? ? ? WATSON-CRICK         ? ? ? 
hydrog23 hydrog ? ? A G 9  N2 ? ? ? 1_555 B C 1  O2 ? ? A G 9  B C 1  1_555 ? ? ? ? ? ? WATSON-CRICK         ? ? ? 
hydrog24 hydrog ? ? A G 9  O6 ? ? ? 1_555 B C 1  N4 ? ? A G 9  B C 1  1_555 ? ? ? ? ? ? WATSON-CRICK         ? ? ? 
hydrog25 hydrog ? ? A G 12 N1 ? ? ? 1_555 A C 32 N3 ? ? A G 12 A C 32 1_555 ? ? ? ? ? ? WATSON-CRICK         ? ? ? 
hydrog26 hydrog ? ? A G 12 N2 ? ? ? 1_555 A C 32 O2 ? ? A G 12 A C 32 1_555 ? ? ? ? ? ? WATSON-CRICK         ? ? ? 
hydrog27 hydrog ? ? A G 12 O6 ? ? ? 1_555 A C 32 N4 ? ? A G 12 A C 32 1_555 ? ? ? ? ? ? WATSON-CRICK         ? ? ? 
hydrog28 hydrog ? ? A C 13 N3 ? ? ? 1_555 A G 31 N1 ? ? A C 13 A G 31 1_555 ? ? ? ? ? ? WATSON-CRICK         ? ? ? 
hydrog29 hydrog ? ? A C 13 N4 ? ? ? 1_555 A G 31 O6 ? ? A C 13 A G 31 1_555 ? ? ? ? ? ? WATSON-CRICK         ? ? ? 
hydrog30 hydrog ? ? A C 13 O2 ? ? ? 1_555 A G 31 N2 ? ? A C 13 A G 31 1_555 ? ? ? ? ? ? WATSON-CRICK         ? ? ? 
hydrog31 hydrog ? ? A U 14 N3 ? ? ? 1_555 A A 29 N7 ? ? A U 14 A A 29 1_555 ? ? ? ? ? ? 'REVERSED HOOGSTEEN' ? ? ? 
hydrog32 hydrog ? ? A U 14 O2 ? ? ? 1_555 A A 29 N6 ? ? A U 14 A A 29 1_555 ? ? ? ? ? ? 'REVERSED HOOGSTEEN' ? ? ? 
hydrog33 hydrog ? ? A G 17 N1 ? ? ? 1_555 A U 28 O2 ? ? A G 17 A U 28 1_555 ? ? ? ? ? ? TYPE_28_PAIR         ? ? ? 
hydrog34 hydrog ? ? A G 17 O6 ? ? ? 1_555 A U 28 N3 ? ? A G 17 A U 28 1_555 ? ? ? ? ? ? TYPE_28_PAIR         ? ? ? 
hydrog35 hydrog ? ? A G 18 N1 ? ? ? 1_555 A C 27 N3 ? ? A G 18 A C 27 1_555 ? ? ? ? ? ? WATSON-CRICK         ? ? ? 
hydrog36 hydrog ? ? A G 18 N2 ? ? ? 1_555 A C 27 O2 ? ? A G 18 A C 27 1_555 ? ? ? ? ? ? WATSON-CRICK         ? ? ? 
hydrog37 hydrog ? ? A G 18 O6 ? ? ? 1_555 A C 27 N4 ? ? A G 18 A C 27 1_555 ? ? ? ? ? ? WATSON-CRICK         ? ? ? 
hydrog38 hydrog ? ? A A 19 N1 ? ? ? 1_555 A U 26 N3 ? ? A A 19 A U 26 1_555 ? ? ? ? ? ? WATSON-CRICK         ? ? ? 
hydrog39 hydrog ? ? A A 19 N6 ? ? ? 1_555 A U 26 O4 ? ? A A 19 A U 26 1_555 ? ? ? ? ? ? WATSON-CRICK         ? ? ? 
hydrog40 hydrog ? ? A U 20 N3 ? ? ? 1_555 A G 25 O6 ? ? A U 20 A G 25 1_555 ? ? ? ? ? ? TYPE_28_PAIR         ? ? ? 
hydrog41 hydrog ? ? A U 20 O2 ? ? ? 1_555 A G 25 N1 ? ? A U 20 A G 25 1_555 ? ? ? ? ? ? TYPE_28_PAIR         ? ? ? 
hydrog42 hydrog ? ? A G 21 N2 ? ? ? 1_555 A A 24 N7 ? ? A G 21 A A 24 1_555 ? ? ? ? ? ? 'G-A MISPAIR'        ? ? ? 
# 
_struct_conn_type.id          hydrog 
_struct_conn_type.criteria    ? 
_struct_conn_type.reference   ? 
# 
_struct_site.id                   AC1 
_struct_site.pdbx_evidence_code   Software 
_struct_site.pdbx_auth_asym_id    A 
_struct_site.pdbx_auth_comp_id    GP3 
_struct_site.pdbx_auth_seq_id     101 
_struct_site.pdbx_auth_ins_code   ? 
_struct_site.pdbx_num_residues    7 
_struct_site.details              'binding site for residue GP3 A 101' 
# 
loop_
_struct_site_gen.id 
_struct_site_gen.site_id 
_struct_site_gen.pdbx_num_res 
_struct_site_gen.label_comp_id 
_struct_site_gen.label_asym_id 
_struct_site_gen.label_seq_id 
_struct_site_gen.pdbx_auth_ins_code 
_struct_site_gen.auth_comp_id 
_struct_site_gen.auth_asym_id 
_struct_site_gen.auth_seq_id 
_struct_site_gen.label_atom_id 
_struct_site_gen.label_alt_id 
_struct_site_gen.symmetry 
_struct_site_gen.details 
1 AC1 7 G A 9  ? G A 9  . ? 1_555 ? 
2 AC1 7 C A 10 ? C A 10 . ? 1_555 ? 
3 AC1 7 C A 11 ? C A 11 . ? 1_555 ? 
4 AC1 7 G A 12 ? G A 12 . ? 1_555 ? 
5 AC1 7 U A 26 ? U A 26 . ? 3_555 ? 
6 AC1 7 C A 32 ? C A 32 . ? 1_555 ? 
7 AC1 7 C B 1  ? C B 1  . ? 1_555 ? 
# 
_atom_sites.entry_id                    6AZ4 
_atom_sites.fract_transf_matrix[1][1]   0.00240471 
_atom_sites.fract_transf_matrix[1][2]   -0.01090189 
_atom_sites.fract_transf_matrix[1][3]   0.00583313 
_atom_sites.fract_transf_matrix[2][1]   -0.00478429 
_atom_sites.fract_transf_matrix[2][2]   -0.00629996 
_atom_sites.fract_transf_matrix[2][3]   -0.00980206 
_atom_sites.fract_transf_matrix[3][1]   0.01228914 
_atom_sites.fract_transf_matrix[3][2]   -0.00037107 
_atom_sites.fract_transf_matrix[3][3]   -0.00575971 
_atom_sites.fract_transf_vector[1]      0.207872 
_atom_sites.fract_transf_vector[2]      0.351635 
_atom_sites.fract_transf_vector[3]      0.126418 
# 
loop_
_atom_type.symbol 
C 
N 
O 
P 
# 
loop_
_atom_site.group_PDB 
_atom_site.id 
_atom_site.type_symbol 
_atom_site.label_atom_id 
_atom_site.label_alt_id 
_atom_site.label_comp_id 
_atom_site.label_asym_id 
_atom_site.label_entity_id 
_atom_site.label_seq_id 
_atom_site.pdbx_PDB_ins_code 
_atom_site.Cartn_x 
_atom_site.Cartn_y 
_atom_site.Cartn_z 
_atom_site.occupancy 
_atom_site.B_iso_or_equiv 
_atom_site.pdbx_formal_charge 
_atom_site.auth_seq_id 
_atom_site.auth_comp_id 
_atom_site.auth_asym_id 
_atom_site.auth_atom_id 
_atom_site.pdbx_PDB_model_num 
ATOM   1   O "O5'" . C   A 1 1  ? 26.058  -3.378  -5.104  1.00 114.52 ? 1   C   A "O5'" 1 
ATOM   2   C "C5'" . C   A 1 1  ? 26.006  -2.694  -6.366  1.00 112.18 ? 1   C   A "C5'" 1 
ATOM   3   C "C4'" . C   A 1 1  ? 25.962  -3.705  -7.480  1.00 111.91 ? 1   C   A "C4'" 1 
ATOM   4   O "O4'" . C   A 1 1  ? 26.744  -4.863  -7.100  1.00 110.87 ? 1   C   A "O4'" 1 
ATOM   5   C "C3'" . C   A 1 1  ? 24.597  -4.304  -7.759  1.00 111.78 ? 1   C   A "C3'" 1 
ATOM   6   O "O3'" . C   A 1 1  ? 23.727  -3.464  -8.498  1.00 110.24 ? 1   C   A "O3'" 1 
ATOM   7   C "C2'" . C   A 1 1  ? 24.950  -5.597  -8.486  1.00 105.97 ? 1   C   A "C2'" 1 
ATOM   8   O "O2'" . C   A 1 1  ? 25.103  -5.562  -9.894  1.00 94.05  ? 1   C   A "O2'" 1 
ATOM   9   C "C1'" . C   A 1 1  ? 26.238  -6.006  -7.770  1.00 105.55 ? 1   C   A "C1'" 1 
ATOM   10  N N1    . C   A 1 1  ? 26.031  -7.088  -6.792  1.00 104.09 ? 1   C   A N1    1 
ATOM   11  C C2    . C   A 1 1  ? 25.733  -8.366  -7.281  1.00 94.12  ? 1   C   A C2    1 
ATOM   12  O O2    . C   A 1 1  ? 25.641  -8.531  -8.508  1.00 76.15  ? 1   C   A O2    1 
ATOM   13  N N3    . C   A 1 1  ? 25.542  -9.384  -6.407  1.00 88.39  ? 1   C   A N3    1 
ATOM   14  C C4    . C   A 1 1  ? 25.627  -9.157  -5.092  1.00 87.74  ? 1   C   A C4    1 
ATOM   15  N N4    . C   A 1 1  ? 25.433  -10.188 -4.267  1.00 83.23  ? 1   C   A N4    1 
ATOM   16  C C5    . C   A 1 1  ? 25.927  -7.863  -4.566  1.00 84.24  ? 1   C   A C5    1 
ATOM   17  C C6    . C   A 1 1  ? 26.122  -6.869  -5.443  1.00 92.22  ? 1   C   A C6    1 
ATOM   18  P P     . U   A 1 2  ? 22.170  -3.657  -8.323  1.00 105.55 ? 2   U   A P     1 
ATOM   19  O OP1   . U   A 1 2  ? 21.479  -2.612  -9.109  1.00 113.17 ? 2   U   A OP1   1 
ATOM   20  O OP2   . U   A 1 2  ? 21.892  -3.795  -6.874  1.00 105.44 ? 2   U   A OP2   1 
ATOM   21  O "O5'" . U   A 1 2  ? 21.900  -5.021  -9.086  1.00 82.51  ? 2   U   A "O5'" 1 
ATOM   22  C "C5'" . U   A 1 2  ? 21.685  -4.987  -10.497 1.00 85.26  ? 2   U   A "C5'" 1 
ATOM   23  C "C4'" . U   A 1 2  ? 21.512  -6.390  -10.998 1.00 95.01  ? 2   U   A "C4'" 1 
ATOM   24  O "O4'" . U   A 1 2  ? 22.435  -7.259  -10.302 1.00 102.20 ? 2   U   A "O4'" 1 
ATOM   25  C "C3'" . U   A 1 2  ? 20.174  -7.014  -10.671 1.00 105.36 ? 2   U   A "C3'" 1 
ATOM   26  O "O3'" . U   A 1 2  ? 19.145  -6.461  -11.470 1.00 115.62 ? 2   U   A "O3'" 1 
ATOM   27  C "C2'" . U   A 1 2  ? 20.469  -8.504  -10.794 1.00 94.84  ? 2   U   A "C2'" 1 
ATOM   28  O "O2'" . U   A 1 2  ? 20.401  -9.082  -12.079 1.00 83.10  ? 2   U   A "O2'" 1 
ATOM   29  C "C1'" . U   A 1 2  ? 21.886  -8.565  -10.231 1.00 89.33  ? 2   U   A "C1'" 1 
ATOM   30  N N1    . U   A 1 2  ? 21.983  -9.036  -8.844  1.00 83.37  ? 2   U   A N1    1 
ATOM   31  C C2    . U   A 1 2  ? 21.715  -10.371 -8.610  1.00 83.07  ? 2   U   A C2    1 
ATOM   32  O O2    . U   A 1 2  ? 21.330  -11.132 -9.484  1.00 80.36  ? 2   U   A O2    1 
ATOM   33  N N3    . U   A 1 2  ? 21.876  -10.773 -7.306  1.00 85.51  ? 2   U   A N3    1 
ATOM   34  C C4    . U   A 1 2  ? 22.275  -9.999  -6.235  1.00 90.33  ? 2   U   A C4    1 
ATOM   35  O O4    . U   A 1 2  ? 22.372  -10.512 -5.118  1.00 91.14  ? 2   U   A O4    1 
ATOM   36  C C5    . U   A 1 2  ? 22.541  -8.629  -6.560  1.00 89.76  ? 2   U   A C5    1 
ATOM   37  C C6    . U   A 1 2  ? 22.396  -8.206  -7.822  1.00 82.93  ? 2   U   A C6    1 
ATOM   38  P P     . G   A 1 3  ? 17.723  -6.215  -10.815 1.00 99.29  ? 3   G   A P     1 
ATOM   39  O OP1   . G   A 1 3  ? 16.921  -5.454  -11.803 1.00 108.70 ? 3   G   A OP1   1 
ATOM   40  O OP2   . G   A 1 3  ? 17.927  -5.647  -9.452  1.00 94.92  ? 3   G   A OP2   1 
ATOM   41  O "O5'" . G   A 1 3  ? 17.170  -7.702  -10.690 1.00 88.15  ? 3   G   A "O5'" 1 
ATOM   42  C "C5'" . G   A 1 3  ? 16.759  -8.419  -11.873 1.00 93.54  ? 3   G   A "C5'" 1 
ATOM   43  C "C4'" . G   A 1 3  ? 16.529  -9.855  -11.512 1.00 94.35  ? 3   G   A "C4'" 1 
ATOM   44  O "O4'" . G   A 1 3  ? 17.703  -10.326 -10.811 1.00 95.22  ? 3   G   A "O4'" 1 
ATOM   45  C "C3'" . G   A 1 3  ? 15.442  -10.096 -10.480 1.00 101.04 ? 3   G   A "C3'" 1 
ATOM   46  O "O3'" . G   A 1 3  ? 14.087  -9.917  -10.874 1.00 108.46 ? 3   G   A "O3'" 1 
ATOM   47  C "C2'" . G   A 1 3  ? 15.814  -11.478 -9.960  1.00 100.17 ? 3   G   A "C2'" 1 
ATOM   48  O "O2'" . G   A 1 3  ? 15.466  -12.609 -10.730 1.00 96.53  ? 3   G   A "O2'" 1 
ATOM   49  C "C1'" . G   A 1 3  ? 17.330  -11.357 -9.910  1.00 93.05  ? 3   G   A "C1'" 1 
ATOM   50  N N9    . G   A 1 3  ? 17.854  -11.052 -8.583  1.00 84.65  ? 3   G   A N9    1 
ATOM   51  C C8    . G   A 1 3  ? 18.407  -9.876  -8.128  1.00 83.62  ? 3   G   A C8    1 
ATOM   52  N N7    . G   A 1 3  ? 18.811  -9.947  -6.887  1.00 77.58  ? 3   G   A N7    1 
ATOM   53  C C5    . G   A 1 3  ? 18.512  -11.247 -6.505  1.00 71.62  ? 3   G   A C5    1 
ATOM   54  C C6    . G   A 1 3  ? 18.728  -11.911 -5.272  1.00 68.54  ? 3   G   A C6    1 
ATOM   55  O O6    . G   A 1 3  ? 19.252  -11.469 -4.245  1.00 67.84  ? 3   G   A O6    1 
ATOM   56  N N1    . G   A 1 3  ? 18.252  -13.220 -5.304  1.00 70.84  ? 3   G   A N1    1 
ATOM   57  C C2    . G   A 1 3  ? 17.640  -13.814 -6.386  1.00 82.43  ? 3   G   A C2    1 
ATOM   58  N N2    . G   A 1 3  ? 17.252  -15.091 -6.229  1.00 78.93  ? 3   G   A N2    1 
ATOM   59  N N3    . G   A 1 3  ? 17.450  -13.208 -7.550  1.00 77.77  ? 3   G   A N3    1 
ATOM   60  C C4    . G   A 1 3  ? 17.914  -11.939 -7.539  1.00 77.96  ? 3   G   A C4    1 
ATOM   61  P P     . C   A 1 4  ? 13.042  -9.265  -9.829  1.00 110.10 ? 4   C   A P     1 
ATOM   62  O OP1   . C   A 1 4  ? 12.236  -8.257  -10.563 1.00 114.82 ? 4   C   A OP1   1 
ATOM   63  O OP2   . C   A 1 4  ? 13.786  -8.825  -8.618  1.00 105.78 ? 4   C   A OP2   1 
ATOM   64  O "O5'" . C   A 1 4  ? 12.156  -10.505 -9.350  1.00 92.50  ? 4   C   A "O5'" 1 
ATOM   65  C "C5'" . C   A 1 4  ? 12.079  -11.760 -10.058 1.00 89.08  ? 4   C   A "C5'" 1 
ATOM   66  C "C4'" . C   A 1 4  ? 11.947  -12.904 -9.076  1.00 95.09  ? 4   C   A "C4'" 1 
ATOM   67  O "O4'" . C   A 1 4  ? 13.262  -13.311 -8.601  1.00 98.19  ? 4   C   A "O4'" 1 
ATOM   68  C "C3'" . C   A 1 4  ? 11.188  -12.617 -7.785  1.00 96.80  ? 4   C   A "C3'" 1 
ATOM   69  O "O3'" . C   A 1 4  ? 9.770   -12.573 -7.908  1.00 99.91  ? 4   C   A "O3'" 1 
ATOM   70  C "C2'" . C   A 1 4  ? 11.684  -13.743 -6.891  1.00 89.26  ? 4   C   A "C2'" 1 
ATOM   71  O "O2'" . C   A 1 4  ? 11.140  -15.012 -7.175  1.00 80.67  ? 4   C   A "O2'" 1 
ATOM   72  C "C1'" . C   A 1 4  ? 13.167  -13.749 -7.246  1.00 89.50  ? 4   C   A "C1'" 1 
ATOM   73  N N1    . C   A 1 4  ? 13.956  -12.842 -6.388  1.00 87.03  ? 4   C   A N1    1 
ATOM   74  C C2    . C   A 1 4  ? 14.376  -13.292 -5.126  1.00 79.90  ? 4   C   A C2    1 
ATOM   75  O O2    . C   A 1 4  ? 14.063  -14.435 -4.759  1.00 68.86  ? 4   C   A O2    1 
ATOM   76  N N3    . C   A 1 4  ? 15.099  -12.463 -4.336  1.00 72.51  ? 4   C   A N3    1 
ATOM   77  C C4    . C   A 1 4  ? 15.394  -11.229 -4.757  1.00 76.13  ? 4   C   A C4    1 
ATOM   78  N N4    . C   A 1 4  ? 16.096  -10.444 -3.945  1.00 76.83  ? 4   C   A N4    1 
ATOM   79  C C5    . C   A 1 4  ? 14.975  -10.746 -6.032  1.00 81.92  ? 4   C   A C5    1 
ATOM   80  C C6    . C   A 1 4  ? 14.249  -11.571 -6.800  1.00 85.93  ? 4   C   A C6    1 
ATOM   81  P P     . U   A 1 5  ? 8.942   -11.538 -7.018  1.00 91.17  ? 5   U   A P     1 
ATOM   82  O OP1   . U   A 1 5  ? 7.512   -11.679 -7.362  1.00 96.08  ? 5   U   A OP1   1 
ATOM   83  O OP2   . U   A 1 5  ? 9.585   -10.205 -7.151  1.00 86.88  ? 5   U   A OP2   1 
ATOM   84  O "O5'" . U   A 1 5  ? 9.143   -12.116 -5.547  1.00 80.27  ? 5   U   A "O5'" 1 
ATOM   85  C "C5'" . U   A 1 5  ? 8.456   -13.304 -5.134  1.00 82.68  ? 5   U   A "C5'" 1 
ATOM   86  C "C4'" . U   A 1 5  ? 8.931   -13.776 -3.777  1.00 93.35  ? 5   U   A "C4'" 1 
ATOM   87  O "O4'" . U   A 1 5  ? 10.384  -13.879 -3.747  1.00 101.12 ? 5   U   A "O4'" 1 
ATOM   88  C "C3'" . U   A 1 5  ? 8.603   -12.888 -2.585  1.00 94.60  ? 5   U   A "C3'" 1 
ATOM   89  O "O3'" . U   A 1 5  ? 7.267   -13.036 -2.133  1.00 91.97  ? 5   U   A "O3'" 1 
ATOM   90  C "C2'" . U   A 1 5  ? 9.609   -13.387 -1.557  1.00 97.25  ? 5   U   A "C2'" 1 
ATOM   91  O "O2'" . U   A 1 5  ? 9.126   -14.480 -0.784  1.00 83.17  ? 5   U   A "O2'" 1 
ATOM   92  C "C1'" . U   A 1 5  ? 10.854  -13.555 -2.443  1.00 96.72  ? 5   U   A "C1'" 1 
ATOM   93  N N1    . U   A 1 5  ? 11.629  -12.300 -2.509  1.00 92.15  ? 5   U   A N1    1 
ATOM   94  C C2    . U   A 1 5  ? 12.386  -11.982 -1.395  1.00 91.43  ? 5   U   A C2    1 
ATOM   95  O O2    . U   A 1 5  ? 12.460  -12.707 -0.417  1.00 92.57  ? 5   U   A O2    1 
ATOM   96  N N3    . U   A 1 5  ? 13.046  -10.779 -1.467  1.00 85.56  ? 5   U   A N3    1 
ATOM   97  C C4    . U   A 1 5  ? 13.014  -9.867  -2.504  1.00 84.72  ? 5   U   A C4    1 
ATOM   98  O O4    . U   A 1 5  ? 13.645  -8.815  -2.404  1.00 80.01  ? 5   U   A O4    1 
ATOM   99  C C5    . U   A 1 5  ? 12.200  -10.261 -3.618  1.00 80.70  ? 5   U   A C5    1 
ATOM   100 C C6    . U   A 1 5  ? 11.541  -11.428 -3.578  1.00 84.51  ? 5   U   A C6    1 
ATOM   101 P P     . G   A 1 6  ? 6.402   -11.749 -1.697  1.00 94.30  ? 6   G   A P     1 
ATOM   102 O OP1   . G   A 1 6  ? 4.992   -12.182 -1.619  1.00 94.54  ? 6   G   A OP1   1 
ATOM   103 O OP2   . G   A 1 6  ? 6.750   -10.587 -2.567  1.00 76.86  ? 6   G   A OP2   1 
ATOM   104 O "O5'" . G   A 1 6  ? 6.845   -11.534 -0.185  1.00 89.37  ? 6   G   A "O5'" 1 
ATOM   105 C "C5'" . G   A 1 6  ? 6.613   -12.596 0.754   1.00 89.30  ? 6   G   A "C5'" 1 
ATOM   106 C "C4'" . G   A 1 6  ? 7.420   -12.390 2.005   1.00 90.85  ? 6   G   A "C4'" 1 
ATOM   107 O "O4'" . G   A 1 6  ? 8.839   -12.510 1.706   1.00 96.52  ? 6   G   A "O4'" 1 
ATOM   108 C "C3'" . G   A 1 6  ? 7.297   -11.036 2.684   1.00 92.44  ? 6   G   A "C3'" 1 
ATOM   109 O "O3'" . G   A 1 6  ? 6.112   -10.952 3.467   1.00 86.06  ? 6   G   A "O3'" 1 
ATOM   110 C "C2'" . G   A 1 6  ? 8.565   -11.032 3.522   1.00 97.11  ? 6   G   A "C2'" 1 
ATOM   111 O "O2'" . G   A 1 6  ? 8.457   -11.858 4.662   1.00 100.93 ? 6   G   A "O2'" 1 
ATOM   112 C "C1'" . G   A 1 6  ? 9.568   -11.597 2.517   1.00 94.83  ? 6   G   A "C1'" 1 
ATOM   113 N N9    . G   A 1 6  ? 10.168  -10.577 1.656   1.00 89.93  ? 6   G   A N9    1 
ATOM   114 C C8    . G   A 1 6  ? 9.848   -10.287 0.351   1.00 91.12  ? 6   G   A C8    1 
ATOM   115 N N7    . G   A 1 6  ? 10.561  -9.316  -0.150  1.00 87.85  ? 6   G   A N7    1 
ATOM   116 C C5    . G   A 1 6  ? 11.399  -8.936  0.889   1.00 91.30  ? 6   G   A C5    1 
ATOM   117 C C6    . G   A 1 6  ? 12.406  -7.934  0.938   1.00 94.81  ? 6   G   A C6    1 
ATOM   118 O O6    . G   A 1 6  ? 12.773  -7.162  0.038   1.00 87.27  ? 6   G   A O6    1 
ATOM   119 N N1    . G   A 1 6  ? 13.005  -7.875  2.196   1.00 92.28  ? 6   G   A N1    1 
ATOM   120 C C2    . G   A 1 6  ? 12.687  -8.687  3.262   1.00 84.49  ? 6   G   A C2    1 
ATOM   121 N N2    . G   A 1 6  ? 13.378  -8.490  4.388   1.00 81.31  ? 6   G   A N2    1 
ATOM   122 N N3    . G   A 1 6  ? 11.767  -9.636  3.220   1.00 86.81  ? 6   G   A N3    1 
ATOM   123 C C4    . G   A 1 6  ? 11.164  -9.702  2.013   1.00 90.43  ? 6   G   A C4    1 
ATOM   124 P P     . C   A 1 7  ? 5.302   -9.559  3.635   1.00 82.53  ? 7   C   A P     1 
ATOM   125 O OP1   . C   A 1 7  ? 3.938   -9.925  4.081   1.00 84.65  ? 7   C   A OP1   1 
ATOM   126 O OP2   . C   A 1 7  ? 5.463   -8.727  2.418   1.00 83.92  ? 7   C   A OP2   1 
ATOM   127 O "O5'" . C   A 1 7  ? 6.098   -8.795  4.787   1.00 77.83  ? 7   C   A "O5'" 1 
ATOM   128 C "C5'" . C   A 1 7  ? 6.390   -9.466  6.031   1.00 81.63  ? 7   C   A "C5'" 1 
ATOM   129 C "C4'" . C   A 1 7  ? 7.429   -8.730  6.842   1.00 82.79  ? 7   C   A "C4'" 1 
ATOM   130 O "O4'" . C   A 1 7  ? 8.754   -8.910  6.262   1.00 89.84  ? 7   C   A "O4'" 1 
ATOM   131 C "C3'" . C   A 1 7  ? 7.281   -7.221  6.947   1.00 78.90  ? 7   C   A "C3'" 1 
ATOM   132 O "O3'" . C   A 1 7  ? 6.311   -6.825  7.894   1.00 68.92  ? 7   C   A "O3'" 1 
ATOM   133 C "C2'" . C   A 1 7  ? 8.684   -6.823  7.368   1.00 81.54  ? 7   C   A "C2'" 1 
ATOM   134 O "O2'" . C   A 1 7  ? 8.912   -7.089  8.729   1.00 84.60  ? 7   C   A "O2'" 1 
ATOM   135 C "C1'" . C   A 1 7  ? 9.519   -7.723  6.454   1.00 90.32  ? 7   C   A "C1'" 1 
ATOM   136 N N1    . C   A 1 7  ? 9.758   -7.090  5.139   1.00 92.82  ? 7   C   A N1    1 
ATOM   137 C C2    . C   A 1 7  ? 10.697  -6.051  5.049   1.00 96.70  ? 7   C   A C2    1 
ATOM   138 O O2    . C   A 1 7  ? 11.331  -5.721  6.063   1.00 107.45 ? 7   C   A O2    1 
ATOM   139 N N3    . C   A 1 7  ? 10.894  -5.441  3.857   1.00 87.25  ? 7   C   A N3    1 
ATOM   140 C C4    . C   A 1 7  ? 10.193  -5.825  2.789   1.00 86.89  ? 7   C   A C4    1 
ATOM   141 N N4    . C   A 1 7  ? 10.417  -5.195  1.636   1.00 88.80  ? 7   C   A N4    1 
ATOM   142 C C5    . C   A 1 7  ? 9.221   -6.866  2.858   1.00 86.81  ? 7   C   A C5    1 
ATOM   143 C C6    . C   A 1 7  ? 9.029   -7.457  4.042   1.00 82.45  ? 7   C   A C6    1 
ATOM   144 P P     . U   A 1 8  ? 5.535   -5.448  7.704   1.00 77.90  ? 8   U   A P     1 
ATOM   145 O OP1   . U   A 1 8  ? 4.583   -5.285  8.830   1.00 81.10  ? 8   U   A OP1   1 
ATOM   146 O OP2   . U   A 1 8  ? 5.047   -5.355  6.303   1.00 71.88  ? 8   U   A OP2   1 
ATOM   147 O "O5'" . U   A 1 8  ? 6.687   -4.371  7.873   1.00 80.71  ? 8   U   A "O5'" 1 
ATOM   148 C "C5'" . U   A 1 8  ? 7.232   -4.063  9.156   1.00 77.59  ? 8   U   A "C5'" 1 
ATOM   149 C "C4'" . U   A 1 8  ? 8.251   -2.965  9.008   1.00 75.44  ? 8   U   A "C4'" 1 
ATOM   150 O "O4'" . U   A 1 8  ? 9.338   -3.399  8.145   1.00 67.32  ? 8   U   A "O4'" 1 
ATOM   151 C "C3'" . U   A 1 8  ? 7.749   -1.683  8.363   1.00 67.72  ? 8   U   A "C3'" 1 
ATOM   152 O "O3'" . U   A 1 8  ? 7.141   -0.826  9.304   1.00 64.31  ? 8   U   A "O3'" 1 
ATOM   153 C "C2'" . U   A 1 8  ? 9.048   -1.062  7.898   1.00 68.60  ? 8   U   A "C2'" 1 
ATOM   154 O "O2'" . U   A 1 8  ? 9.725   -0.404  8.934   1.00 76.52  ? 8   U   A "O2'" 1 
ATOM   155 C "C1'" . U   A 1 8  ? 9.797   -2.292  7.387   1.00 74.25  ? 8   U   A "C1'" 1 
ATOM   156 N N1    . U   A 1 8  ? 9.513   -2.514  5.960   1.00 80.65  ? 8   U   A N1    1 
ATOM   157 C C2    . U   A 1 8  ? 10.120  -1.655  5.066   1.00 79.44  ? 8   U   A C2    1 
ATOM   158 O O2    . U   A 1 8  ? 10.885  -0.774  5.413   1.00 81.54  ? 8   U   A O2    1 
ATOM   159 N N3    . U   A 1 8  ? 9.792   -1.862  3.751   1.00 83.17  ? 8   U   A N3    1 
ATOM   160 C C4    . U   A 1 8  ? 8.926   -2.804  3.247   1.00 88.03  ? 8   U   A C4    1 
ATOM   161 O O4    . U   A 1 8  ? 8.735   -2.863  2.034   1.00 85.68  ? 8   U   A O4    1 
ATOM   162 C C5    . U   A 1 8  ? 8.321   -3.643  4.234   1.00 95.84  ? 8   U   A C5    1 
ATOM   163 C C6    . U   A 1 8  ? 8.621   -3.468  5.526   1.00 89.58  ? 8   U   A C6    1 
ATOM   164 P P     . G   A 1 9  ? 6.067   0.263   8.853   1.00 69.30  ? 9   G   A P     1 
ATOM   165 O OP1   . G   A 1 9  ? 5.387   0.752   10.087  1.00 65.67  ? 9   G   A OP1   1 
ATOM   166 O OP2   . G   A 1 9  ? 5.286   -0.281  7.704   1.00 60.34  ? 9   G   A OP2   1 
ATOM   167 O "O5'" . G   A 1 9  ? 6.933   1.462   8.268   1.00 70.53  ? 9   G   A "O5'" 1 
ATOM   168 C "C5'" . G   A 1 9  ? 7.899   2.176   9.055   1.00 72.13  ? 9   G   A "C5'" 1 
ATOM   169 C "C4'" . G   A 1 9  ? 8.690   3.096   8.163   1.00 72.22  ? 9   G   A "C4'" 1 
ATOM   170 O "O4'" . G   A 1 9  ? 9.525   2.329   7.251   1.00 78.25  ? 9   G   A "O4'" 1 
ATOM   171 C "C3'" . G   A 1 9  ? 7.836   3.925   7.228   1.00 71.43  ? 9   G   A "C3'" 1 
ATOM   172 O "O3'" . G   A 1 9  ? 7.360   5.080   7.865   1.00 77.43  ? 9   G   A "O3'" 1 
ATOM   173 C "C2'" . G   A 1 9  ? 8.832   4.313   6.163   1.00 72.19  ? 9   G   A "C2'" 1 
ATOM   174 O "O2'" . G   A 1 9  ? 9.570   5.409   6.635   1.00 73.93  ? 9   G   A "O2'" 1 
ATOM   175 C "C1'" . G   A 1 9  ? 9.605   3.008   6.003   1.00 75.73  ? 9   G   A "C1'" 1 
ATOM   176 N N9    . G   A 1 9  ? 9.057   2.155   4.947   1.00 78.79  ? 9   G   A N9    1 
ATOM   177 C C8    . G   A 1 9  ? 8.228   1.066   5.076   1.00 83.61  ? 9   G   A C8    1 
ATOM   178 N N7    . G   A 1 9  ? 7.925   0.513   3.932   1.00 81.23  ? 9   G   A N7    1 
ATOM   179 C C5    . G   A 1 9  ? 8.578   1.294   2.990   1.00 76.98  ? 9   G   A C5    1 
ATOM   180 C C6    . G   A 1 9  ? 8.632   1.177   1.580   1.00 70.45  ? 9   G   A C6    1 
ATOM   181 O O6    . G   A 1 9  ? 8.081   0.345   0.857   1.00 67.64  ? 9   G   A O6    1 
ATOM   182 N N1    . G   A 1 9  ? 9.414   2.178   1.015   1.00 76.05  ? 9   G   A N1    1 
ATOM   183 C C2    . G   A 1 9  ? 10.070  3.160   1.717   1.00 86.02  ? 9   G   A C2    1 
ATOM   184 N N2    . G   A 1 9  ? 10.789  4.027   0.996   1.00 99.35  ? 9   G   A N2    1 
ATOM   185 N N3    . G   A 1 9  ? 10.037  3.273   3.034   1.00 80.86  ? 9   G   A N3    1 
ATOM   186 C C4    . G   A 1 9  ? 9.276   2.317   3.601   1.00 79.92  ? 9   G   A C4    1 
ATOM   187 P P     . C   A 1 10 ? 6.018   5.713   7.372   1.00 78.99  ? 10  C   A P     1 
ATOM   188 O OP1   . C   A 1 10 ? 5.653   6.815   8.320   1.00 70.39  ? 10  C   A OP1   1 
ATOM   189 O OP2   . C   A 1 10 ? 5.086   4.581   7.125   1.00 81.13  ? 10  C   A OP2   1 
ATOM   190 O "O5'" . C   A 1 10 ? 6.435   6.406   6.003   1.00 71.92  ? 10  C   A "O5'" 1 
ATOM   191 C "C5'" . C   A 1 10 ? 7.230   7.592   6.014   1.00 72.05  ? 10  C   A "C5'" 1 
ATOM   192 C "C4'" . C   A 1 10 ? 7.666   7.964   4.618   1.00 75.93  ? 10  C   A "C4'" 1 
ATOM   193 O "O4'" . C   A 1 10 ? 8.457   6.901   4.017   1.00 76.66  ? 10  C   A "O4'" 1 
ATOM   194 C "C3'" . C   A 1 10 ? 6.555   8.214   3.613   1.00 73.81  ? 10  C   A "C3'" 1 
ATOM   195 O "O3'" . C   A 1 10 ? 5.964   9.493   3.757   1.00 72.38  ? 10  C   A "O3'" 1 
ATOM   196 C "C2'" . C   A 1 10 ? 7.301   8.056   2.297   1.00 77.23  ? 10  C   A "C2'" 1 
ATOM   197 O "O2'" . C   A 1 10 ? 8.035   9.197   1.908   1.00 78.15  ? 10  C   A "O2'" 1 
ATOM   198 C "C1'" . C   A 1 10 ? 8.194   6.854   2.619   1.00 80.81  ? 10  C   A "C1'" 1 
ATOM   199 N N1    . C   A 1 10 ? 7.528   5.576   2.304   1.00 82.42  ? 10  C   A N1    1 
ATOM   200 C C2    . C   A 1 10 ? 7.525   5.127   0.982   1.00 82.12  ? 10  C   A C2    1 
ATOM   201 O O2    . C   A 1 10 ? 8.101   5.802   0.118   1.00 88.82  ? 10  C   A O2    1 
ATOM   202 N N3    . C   A 1 10 ? 6.902   3.966   0.682   1.00 84.01  ? 10  C   A N3    1 
ATOM   203 C C4    . C   A 1 10 ? 6.271   3.281   1.638   1.00 76.74  ? 10  C   A C4    1 
ATOM   204 N N4    . C   A 1 10 ? 5.671   2.141   1.297   1.00 82.10  ? 10  C   A N4    1 
ATOM   205 C C5    . C   A 1 10 ? 6.255   3.718   2.989   1.00 72.97  ? 10  C   A C5    1 
ATOM   206 C C6    . C   A 1 10 ? 6.867   4.872   3.271   1.00 79.57  ? 10  C   A C6    1 
ATOM   207 P P     . C   A 1 11 ? 4.473   9.722   3.240   1.00 83.24  ? 11  C   A P     1 
ATOM   208 O OP1   . C   A 1 11 ? 4.017   11.068  3.660   1.00 73.10  ? 11  C   A OP1   1 
ATOM   209 O OP2   . C   A 1 11 ? 3.674   8.523   3.587   1.00 80.82  ? 11  C   A OP2   1 
ATOM   210 O "O5'" . C   A 1 11 ? 4.629   9.721   1.659   1.00 77.84  ? 11  C   A "O5'" 1 
ATOM   211 C "C5'" . C   A 1 11 ? 5.110   10.864  0.962   1.00 76.90  ? 11  C   A "C5'" 1 
ATOM   212 C "C4'" . C   A 1 11 ? 5.224   10.538  -0.503  1.00 77.25  ? 11  C   A "C4'" 1 
ATOM   213 O "O4'" . C   A 1 11 ? 5.929   9.279   -0.697  1.00 71.90  ? 11  C   A "O4'" 1 
ATOM   214 C "C3'" . C   A 1 11 ? 3.910   10.306  -1.220  1.00 70.62  ? 11  C   A "C3'" 1 
ATOM   215 O "O3'" . C   A 1 11 ? 3.204   11.510  -1.444  1.00 67.31  ? 11  C   A "O3'" 1 
ATOM   216 C "C2'" . C   A 1 11 ? 4.383   9.589   -2.471  1.00 73.66  ? 11  C   A "C2'" 1 
ATOM   217 O "O2'" . C   A 1 11 ? 4.868   10.465  -3.469  1.00 76.62  ? 11  C   A "O2'" 1 
ATOM   218 C "C1'" . C   A 1 11 ? 5.455   8.662   -1.885  1.00 74.14  ? 11  C   A "C1'" 1 
ATOM   219 N N1    . C   A 1 11 ? 4.929   7.327   -1.549  1.00 75.52  ? 11  C   A N1    1 
ATOM   220 C C2    . C   A 1 11 ? 4.645   6.443   -2.591  1.00 84.47  ? 11  C   A C2    1 
ATOM   221 O O2    . C   A 1 11 ? 4.878   6.793   -3.757  1.00 90.21  ? 11  C   A O2    1 
ATOM   222 N N3    . C   A 1 11 ? 4.140   5.221   -2.302  1.00 90.91  ? 11  C   A N3    1 
ATOM   223 C C4    . C   A 1 11 ? 3.906   4.879   -1.032  1.00 84.76  ? 11  C   A C4    1 
ATOM   224 N N4    . C   A 1 11 ? 3.419   3.662   -0.793  1.00 97.91  ? 11  C   A N4    1 
ATOM   225 C C5    . C   A 1 11 ? 4.168   5.767   0.046   1.00 76.00  ? 11  C   A C5    1 
ATOM   226 C C6    . C   A 1 11 ? 4.672   6.972   -0.254  1.00 82.74  ? 11  C   A C6    1 
ATOM   227 P P     . G   A 1 12 ? 1.617   11.507  -1.346  1.00 80.44  ? 12  G   A P     1 
ATOM   228 O OP1   . G   A 1 12 ? 1.127   12.909  -1.410  1.00 75.34  ? 12  G   A OP1   1 
ATOM   229 O OP2   . G   A 1 12 ? 1.236   10.719  -0.163  1.00 76.40  ? 12  G   A OP2   1 
ATOM   230 O "O5'" . G   A 1 12 ? 1.218   10.701  -2.664  1.00 79.50  ? 12  G   A "O5'" 1 
ATOM   231 C "C5'" . G   A 1 12 ? 1.615   11.184  -3.961  1.00 76.90  ? 12  G   A "C5'" 1 
ATOM   232 C "C4'" . G   A 1 12 ? 1.243   10.206  -5.056  1.00 76.51  ? 12  G   A "C4'" 1 
ATOM   233 O "O4'" . G   A 1 12 ? 2.038   8.991   -4.946  1.00 73.46  ? 12  G   A "O4'" 1 
ATOM   234 C "C3'" . G   A 1 12 ? -0.192  9.702   -5.094  1.00 71.68  ? 12  G   A "C3'" 1 
ATOM   235 O "O3'" . G   A 1 12 ? -1.128  10.575  -5.720  1.00 67.81  ? 12  G   A "O3'" 1 
ATOM   236 C "C2'" . G   A 1 12 ? -0.032  8.448   -5.937  1.00 72.35  ? 12  G   A "C2'" 1 
ATOM   237 O "O2'" . G   A 1 12 ? 0.119   8.708   -7.305  1.00 70.47  ? 12  G   A "O2'" 1 
ATOM   238 C "C1'" . G   A 1 12 ? 1.268   7.883   -5.376  1.00 70.00  ? 12  G   A "C1'" 1 
ATOM   239 N N9    . G   A 1 12 ? 1.028   7.002   -4.236  1.00 78.68  ? 12  G   A N9    1 
ATOM   240 C C8    . G   A 1 12 ? 1.246   7.257   -2.901  1.00 75.33  ? 12  G   A C8    1 
ATOM   241 N N7    . G   A 1 12 ? 0.922   6.256   -2.129  1.00 66.68  ? 12  G   A N7    1 
ATOM   242 C C5    . G   A 1 12 ? 0.453   5.287   -3.004  1.00 68.44  ? 12  G   A C5    1 
ATOM   243 C C6    . G   A 1 12 ? -0.037  3.986   -2.751  1.00 70.27  ? 12  G   A C6    1 
ATOM   244 O O6    . G   A 1 12 ? -0.171  3.415   -1.666  1.00 77.79  ? 12  G   A O6    1 
ATOM   245 N N1    . G   A 1 12 ? -0.425  3.345   -3.925  1.00 69.25  ? 12  G   A N1    1 
ATOM   246 C C2    . G   A 1 12 ? -0.355  3.891   -5.182  1.00 71.37  ? 12  G   A C2    1 
ATOM   247 N N2    . G   A 1 12 ? -0.776  3.115   -6.195  1.00 71.21  ? 12  G   A N2    1 
ATOM   248 N N3    . G   A 1 12 ? 0.118   5.099   -5.434  1.00 76.43  ? 12  G   A N3    1 
ATOM   249 C C4    . G   A 1 12 ? 0.497   5.737   -4.306  1.00 75.45  ? 12  G   A C4    1 
ATOM   250 P P     . C   A 1 13 ? -2.676  10.559  -5.277  1.00 80.58  ? 13  C   A P     1 
ATOM   251 O OP1   . C   A 1 13 ? -3.309  11.812  -5.753  1.00 74.83  ? 13  C   A OP1   1 
ATOM   252 O OP2   . C   A 1 13 ? -2.742  10.257  -3.829  1.00 79.20  ? 13  C   A OP2   1 
ATOM   253 O "O5'" . C   A 1 13 ? -3.277  9.327   -6.096  1.00 76.63  ? 13  C   A "O5'" 1 
ATOM   254 C "C5'" . C   A 1 13 ? -3.047  9.168   -7.518  1.00 80.00  ? 13  C   A "C5'" 1 
ATOM   255 C "C4'" . C   A 1 13 ? -3.643  7.875   -8.049  1.00 78.59  ? 13  C   A "C4'" 1 
ATOM   256 O "O4'" . C   A 1 13 ? -2.841  6.731   -7.640  1.00 88.95  ? 13  C   A "O4'" 1 
ATOM   257 C "C3'" . C   A 1 13 ? -5.027  7.529   -7.543  1.00 74.55  ? 13  C   A "C3'" 1 
ATOM   258 O "O3'" . C   A 1 13 ? -6.077  8.227   -8.169  1.00 68.87  ? 13  C   A "O3'" 1 
ATOM   259 C "C2'" . C   A 1 13 ? -5.096  6.031   -7.772  1.00 70.45  ? 13  C   A "C2'" 1 
ATOM   260 O "O2'" . C   A 1 13 ? -5.382  5.705   -9.109  1.00 67.29  ? 13  C   A "O2'" 1 
ATOM   261 C "C1'" . C   A 1 13 ? -3.691  5.620   -7.353  1.00 73.88  ? 13  C   A "C1'" 1 
ATOM   262 N N1    . C   A 1 13 ? -3.587  5.290   -5.918  1.00 64.55  ? 13  C   A N1    1 
ATOM   263 C C2    . C   A 1 13 ? -3.947  4.007   -5.487  1.00 67.48  ? 13  C   A C2    1 
ATOM   264 O O2    . C   A 1 13 ? -4.360  3.185   -6.320  1.00 75.45  ? 13  C   A O2    1 
ATOM   265 N N3    . C   A 1 13 ? -3.837  3.697   -4.174  1.00 59.75  ? 13  C   A N3    1 
ATOM   266 C C4    . C   A 1 13 ? -3.407  4.616   -3.307  1.00 60.73  ? 13  C   A C4    1 
ATOM   267 N N4    . C   A 1 13 ? -3.321  4.274   -2.023  1.00 68.56  ? 13  C   A N4    1 
ATOM   268 C C5    . C   A 1 13 ? -3.037  5.927   -3.718  1.00 57.18  ? 13  C   A C5    1 
ATOM   269 C C6    . C   A 1 13 ? -3.141  6.218   -5.018  1.00 58.21  ? 13  C   A C6    1 
ATOM   270 P P     . U   A 1 14 ? -7.279  8.674   -7.257  1.00 72.52  ? 14  U   A P     1 
ATOM   271 O OP1   . U   A 1 14 ? -8.169  9.531   -8.067  1.00 68.86  ? 14  U   A OP1   1 
ATOM   272 O OP2   . U   A 1 14 ? -6.722  9.128   -5.957  1.00 65.70  ? 14  U   A OP2   1 
ATOM   273 O "O5'" . U   A 1 14 ? -8.037  7.313   -6.948  1.00 67.56  ? 14  U   A "O5'" 1 
ATOM   274 C "C5'" . U   A 1 14 ? -8.668  6.623   -8.025  1.00 69.54  ? 14  U   A "C5'" 1 
ATOM   275 C "C4'" . U   A 1 14 ? -9.078  5.254   -7.577  1.00 63.49  ? 14  U   A "C4'" 1 
ATOM   276 O "O4'" . U   A 1 14 ? -7.954  4.605   -6.938  1.00 64.47  ? 14  U   A "O4'" 1 
ATOM   277 C "C3'" . U   A 1 14 ? -10.145 5.212   -6.507  1.00 62.01  ? 14  U   A "C3'" 1 
ATOM   278 O "O3'" . U   A 1 14 ? -11.456 5.318   -7.023  1.00 65.25  ? 14  U   A "O3'" 1 
ATOM   279 C "C2'" . U   A 1 14 ? -9.950  3.817   -5.960  1.00 61.78  ? 14  U   A "C2'" 1 
ATOM   280 O "O2'" . U   A 1 14 ? -10.497 2.864   -6.853  1.00 63.65  ? 14  U   A "O2'" 1 
ATOM   281 C "C1'" . U   A 1 14 ? -8.428  3.739   -5.922  1.00 60.98  ? 14  U   A "C1'" 1 
ATOM   282 N N1    . U   A 1 14 ? -7.855  4.146   -4.632  1.00 54.24  ? 14  U   A N1    1 
ATOM   283 C C2    . U   A 1 14 ? -7.883  3.211   -3.619  1.00 55.02  ? 14  U   A C2    1 
ATOM   284 O O2    . U   A 1 14 ? -8.378  2.111   -3.752  1.00 56.70  ? 14  U   A O2    1 
ATOM   285 N N3    . U   A 1 14 ? -7.325  3.618   -2.436  1.00 60.30  ? 14  U   A N3    1 
ATOM   286 C C4    . U   A 1 14 ? -6.739  4.833   -2.165  1.00 65.56  ? 14  U   A C4    1 
ATOM   287 O O4    . U   A 1 14 ? -6.286  5.050   -1.038  1.00 75.65  ? 14  U   A O4    1 
ATOM   288 C C5    . U   A 1 14 ? -6.721  5.741   -3.273  1.00 62.33  ? 14  U   A C5    1 
ATOM   289 C C6    . U   A 1 14 ? -7.273  5.378   -4.439  1.00 56.55  ? 14  U   A C6    1 
ATOM   290 P P     . A   A 1 15 ? -12.555 6.088   -6.176  1.00 63.93  ? 15  A   A P     1 
ATOM   291 O OP1   . A   A 1 15 ? -13.762 6.194   -7.013  1.00 68.77  ? 15  A   A OP1   1 
ATOM   292 O OP2   . A   A 1 15 ? -11.922 7.299   -5.625  1.00 66.04  ? 15  A   A OP2   1 
ATOM   293 O "O5'" . A   A 1 15 ? -12.826 5.142   -4.928  1.00 59.66  ? 15  A   A "O5'" 1 
ATOM   294 C "C5'" . A   A 1 15 ? -13.804 4.094   -4.999  1.00 67.58  ? 15  A   A "C5'" 1 
ATOM   295 C "C4'" . A   A 1 15 ? -13.732 3.241   -3.759  1.00 70.26  ? 15  A   A "C4'" 1 
ATOM   296 O "O4'" . A   A 1 15 ? -12.394 3.297   -3.233  1.00 79.39  ? 15  A   A "O4'" 1 
ATOM   297 C "C3'" . A   A 1 15 ? -14.662 3.635   -2.615  1.00 75.75  ? 15  A   A "C3'" 1 
ATOM   298 O "O3'" . A   A 1 15 ? -15.537 2.563   -2.361  1.00 75.80  ? 15  A   A "O3'" 1 
ATOM   299 C "C2'" . A   A 1 15 ? -13.747 3.862   -1.406  1.00 83.50  ? 15  A   A "C2'" 1 
ATOM   300 O "O2'" . A   A 1 15 ? -14.284 3.419   -0.161  1.00 95.44  ? 15  A   A "O2'" 1 
ATOM   301 C "C1'" . A   A 1 15 ? -12.431 3.211   -1.840  1.00 72.07  ? 15  A   A "C1'" 1 
ATOM   302 N N9    . A   A 1 15 ? -11.298 3.970   -1.326  1.00 68.17  ? 15  A   A N9    1 
ATOM   303 C C8    . A   A 1 15 ? -10.748 5.128   -1.822  1.00 63.69  ? 15  A   A C8    1 
ATOM   304 N N7    . A   A 1 15 ? -9.764  5.599   -1.094  1.00 59.23  ? 15  A   A N7    1 
ATOM   305 C C5    . A   A 1 15 ? -9.682  4.708   -0.032  1.00 57.82  ? 15  A   A C5    1 
ATOM   306 C C6    . A   A 1 15 ? -8.878  4.679   1.115   1.00 57.38  ? 15  A   A C6    1 
ATOM   307 N N6    . A   A 1 15 ? -7.925  5.572   1.369   1.00 67.80  ? 15  A   A N6    1 
ATOM   308 N N1    . A   A 1 15 ? -9.070  3.672   1.993   1.00 54.44  ? 15  A   A N1    1 
ATOM   309 C C2    . A   A 1 15 ? -10.000 2.752   1.719   1.00 54.52  ? 15  A   A C2    1 
ATOM   310 N N3    . A   A 1 15 ? -10.837 2.685   0.688   1.00 58.08  ? 15  A   A N3    1 
ATOM   311 C C4    . A   A 1 15 ? -10.624 3.704   -0.160  1.00 61.78  ? 15  A   A C4    1 
ATOM   312 P P     . A   A 1 16 ? -16.855 2.446   -3.175  1.00 65.54  ? 16  A   A P     1 
ATOM   313 O OP1   . A   A 1 16 ? -16.485 2.264   -4.597  1.00 67.92  ? 16  A   A OP1   1 
ATOM   314 O OP2   . A   A 1 16 ? -17.659 3.606   -2.800  1.00 66.54  ? 16  A   A OP2   1 
ATOM   315 O "O5'" . A   A 1 16 ? -17.459 1.085   -2.608  1.00 57.92  ? 16  A   A "O5'" 1 
ATOM   316 C "C5'" . A   A 1 16 ? -18.174 0.183   -3.455  1.00 62.31  ? 16  A   A "C5'" 1 
ATOM   317 C "C4'" . A   A 1 16 ? -17.825 -1.244  -3.118  1.00 62.32  ? 16  A   A "C4'" 1 
ATOM   318 O "O4'" . A   A 1 16 ? -16.437 -1.513  -3.444  1.00 59.22  ? 16  A   A "O4'" 1 
ATOM   319 C "C3'" . A   A 1 16 ? -17.942 -1.627  -1.650  1.00 62.45  ? 16  A   A "C3'" 1 
ATOM   320 O "O3'" . A   A 1 16 ? -19.279 -1.962  -1.337  1.00 64.11  ? 16  A   A "O3'" 1 
ATOM   321 C "C2'" . A   A 1 16 ? -17.034 -2.846  -1.587  1.00 64.65  ? 16  A   A "C2'" 1 
ATOM   322 O "O2'" . A   A 1 16 ? -17.644 -4.052  -2.013  1.00 62.65  ? 16  A   A "O2'" 1 
ATOM   323 C "C1'" . A   A 1 16 ? -15.873 -2.370  -2.461  1.00 61.47  ? 16  A   A "C1'" 1 
ATOM   324 N N9    . A   A 1 16 ? -14.899 -1.603  -1.692  1.00 56.96  ? 16  A   A N9    1 
ATOM   325 C C8    . A   A 1 16 ? -14.579 -0.275  -1.809  1.00 62.47  ? 16  A   A C8    1 
ATOM   326 N N7    . A   A 1 16 ? -13.681 0.131   -0.943  1.00 61.35  ? 16  A   A N7    1 
ATOM   327 C C5    . A   A 1 16 ? -13.407 -1.002  -0.194  1.00 54.35  ? 16  A   A C5    1 
ATOM   328 C C6    . A   A 1 16 ? -12.535 -1.235  0.881   1.00 58.50  ? 16  A   A C6    1 
ATOM   329 N N6    . A   A 1 16 ? -11.745 -0.297  1.412   1.00 61.33  ? 16  A   A N6    1 
ATOM   330 N N1    . A   A 1 16 ? -12.488 -2.486  1.390   1.00 59.55  ? 16  A   A N1    1 
ATOM   331 C C2    . A   A 1 16 ? -13.277 -3.427  0.855   1.00 53.91  ? 16  A   A C2    1 
ATOM   332 N N3    . A   A 1 16 ? -14.131 -3.330  -0.161  1.00 50.42  ? 16  A   A N3    1 
ATOM   333 C C4    . A   A 1 16 ? -14.147 -2.079  -0.647  1.00 52.98  ? 16  A   A C4    1 
ATOM   334 P P     . G   A 1 17 ? -20.029 -1.306  -0.094  1.00 67.70  ? 17  G   A P     1 
ATOM   335 O OP1   . G   A 1 17 ? -21.371 -1.917  -0.079  1.00 67.68  ? 17  G   A OP1   1 
ATOM   336 O OP2   . G   A 1 17 ? -19.920 0.188   -0.180  1.00 52.70  ? 17  G   A OP2   1 
ATOM   337 O "O5'" . G   A 1 17 ? -19.230 -1.879  1.163   1.00 57.15  ? 17  G   A "O5'" 1 
ATOM   338 C "C5'" . G   A 1 17 ? -19.212 -3.293  1.407   1.00 59.04  ? 17  G   A "C5'" 1 
ATOM   339 C "C4'" . G   A 1 17 ? -18.405 -3.641  2.641   1.00 63.47  ? 17  G   A "C4'" 1 
ATOM   340 O "O4'" . G   A 1 17 ? -16.994 -3.801  2.315   1.00 63.89  ? 17  G   A "O4'" 1 
ATOM   341 C "C3'" . G   A 1 17 ? -18.448 -2.650  3.790   1.00 68.04  ? 17  G   A "C3'" 1 
ATOM   342 O "O3'" . G   A 1 17 ? -19.585 -2.990  4.567   1.00 74.34  ? 17  G   A "O3'" 1 
ATOM   343 C "C2'" . G   A 1 17 ? -17.097 -2.894  4.462   1.00 71.31  ? 17  G   A "C2'" 1 
ATOM   344 O "O2'" . G   A 1 17 ? -16.973 -3.976  5.365   1.00 72.52  ? 17  G   A "O2'" 1 
ATOM   345 C "C1'" . G   A 1 17 ? -16.199 -3.083  3.241   1.00 63.39  ? 17  G   A "C1'" 1 
ATOM   346 N N9    . G   A 1 17 ? -15.875 -1.784  2.668   1.00 58.62  ? 17  G   A N9    1 
ATOM   347 C C8    . G   A 1 17 ? -16.434 -1.208  1.557   1.00 60.87  ? 17  G   A C8    1 
ATOM   348 N N7    . G   A 1 17 ? -16.002 0.003   1.334   1.00 65.97  ? 17  G   A N7    1 
ATOM   349 C C5    . G   A 1 17 ? -15.137 0.257   2.385   1.00 53.44  ? 17  G   A C5    1 
ATOM   350 C C6    . G   A 1 17 ? -14.377 1.410   2.682   1.00 53.69  ? 17  G   A C6    1 
ATOM   351 O O6    . G   A 1 17 ? -14.329 2.486   2.062   1.00 54.39  ? 17  G   A O6    1 
ATOM   352 N N1    . G   A 1 17 ? -13.634 1.242   3.847   1.00 49.96  ? 17  G   A N1    1 
ATOM   353 C C2    . G   A 1 17 ? -13.626 0.106   4.621   1.00 50.86  ? 17  G   A C2    1 
ATOM   354 N N2    . G   A 1 17 ? -12.858 0.136   5.713   1.00 56.54  ? 17  G   A N2    1 
ATOM   355 N N3    . G   A 1 17 ? -14.313 -0.985  4.339   1.00 49.08  ? 17  G   A N3    1 
ATOM   356 C C4    . G   A 1 17 ? -15.050 -0.836  3.220   1.00 53.90  ? 17  G   A C4    1 
ATOM   357 P P     . G   A 1 18 ? -20.439 -1.866  5.336   1.00 75.25  ? 18  G   A P     1 
ATOM   358 O OP1   . G   A 1 18 ? -21.398 -2.594  6.200   1.00 73.11  ? 18  G   A OP1   1 
ATOM   359 O OP2   . G   A 1 18 ? -20.919 -0.851  4.348   1.00 66.09  ? 18  G   A OP2   1 
ATOM   360 O "O5'" . G   A 1 18 ? -19.372 -1.151  6.273   1.00 61.07  ? 18  G   A "O5'" 1 
ATOM   361 C "C5'" . G   A 1 18 ? -18.916 -1.820  7.449   1.00 58.40  ? 18  G   A "C5'" 1 
ATOM   362 C "C4'" . G   A 1 18 ? -17.776 -1.040  8.026   1.00 61.94  ? 18  G   A "C4'" 1 
ATOM   363 O "O4'" . G   A 1 18 ? -16.781 -0.822  7.000   1.00 59.93  ? 18  G   A "O4'" 1 
ATOM   364 C "C3'" . G   A 1 18 ? -18.092 0.384   8.446   1.00 67.66  ? 18  G   A "C3'" 1 
ATOM   365 O "O3'" . G   A 1 18 ? -18.820 0.477   9.658   1.00 72.70  ? 18  G   A "O3'" 1 
ATOM   366 C "C2'" . G   A 1 18 ? -16.695 0.959   8.540   1.00 63.23  ? 18  G   A "C2'" 1 
ATOM   367 O "O2'" . G   A 1 18 ? -15.981 0.480   9.660   1.00 65.90  ? 18  G   A "O2'" 1 
ATOM   368 C "C1'" . G   A 1 18 ? -16.094 0.397   7.259   1.00 58.61  ? 18  G   A "C1'" 1 
ATOM   369 N N9    . G   A 1 18 ? -16.298 1.306   6.138   1.00 53.59  ? 18  G   A N9    1 
ATOM   370 C C8    . G   A 1 18 ? -17.088 1.124   5.027   1.00 58.27  ? 18  G   A C8    1 
ATOM   371 N N7    . G   A 1 18 ? -17.059 2.142   4.207   1.00 59.64  ? 18  G   A N7    1 
ATOM   372 C C5    . G   A 1 18 ? -16.208 3.052   4.821   1.00 56.24  ? 18  G   A C5    1 
ATOM   373 C C6    . G   A 1 18 ? -15.789 4.348   4.410   1.00 58.76  ? 18  G   A C6    1 
ATOM   374 O O6    . G   A 1 18 ? -16.084 4.964   3.382   1.00 70.15  ? 18  G   A O6    1 
ATOM   375 N N1    . G   A 1 18 ? -14.937 4.928   5.340   1.00 53.56  ? 18  G   A N1    1 
ATOM   376 C C2    . G   A 1 18 ? -14.503 4.326   6.490   1.00 54.12  ? 18  G   A C2    1 
ATOM   377 N N2    . G   A 1 18 ? -13.662 5.037   7.242   1.00 61.65  ? 18  G   A N2    1 
ATOM   378 N N3    . G   A 1 18 ? -14.871 3.116   6.879   1.00 51.22  ? 18  G   A N3    1 
ATOM   379 C C4    . G   A 1 18 ? -15.727 2.546   6.010   1.00 51.44  ? 18  G   A C4    1 
ATOM   380 P P     . A   A 1 19 ? -20.025 1.513   9.809   1.00 71.06  ? 19  A   A P     1 
ATOM   381 O OP1   . A   A 1 19 ? -20.845 1.042   10.957  1.00 66.95  ? 19  A   A OP1   1 
ATOM   382 O OP2   . A   A 1 19 ? -20.654 1.710   8.481   1.00 78.04  ? 19  A   A OP2   1 
ATOM   383 O "O5'" . A   A 1 19 ? -19.281 2.895   10.066  1.00 63.75  ? 19  A   A "O5'" 1 
ATOM   384 C "C5'" . A   A 1 19 ? -18.398 3.014   11.177  1.00 66.08  ? 19  A   A "C5'" 1 
ATOM   385 C "C4'" . A   A 1 19 ? -17.594 4.270   11.074  1.00 65.30  ? 19  A   A "C4'" 1 
ATOM   386 O "O4'" . A   A 1 19 ? -16.752 4.214   9.898   1.00 71.21  ? 19  A   A "O4'" 1 
ATOM   387 C "C3'" . A   A 1 19 ? -18.383 5.552   10.869  1.00 67.95  ? 19  A   A "C3'" 1 
ATOM   388 O "O3'" . A   A 1 19 ? -18.845 6.060   12.091  1.00 75.35  ? 19  A   A "O3'" 1 
ATOM   389 C "C2'" . A   A 1 19 ? -17.295 6.470   10.364  1.00 72.00  ? 19  A   A "C2'" 1 
ATOM   390 O "O2'" . A   A 1 19 ? -16.517 6.911   11.455  1.00 68.60  ? 19  A   A "O2'" 1 
ATOM   391 C "C1'" . A   A 1 19 ? -16.578 5.533   9.391   1.00 73.03  ? 19  A   A "C1'" 1 
ATOM   392 N N9    . A   A 1 19 ? -17.168 5.614   8.051   1.00 66.53  ? 19  A   A N9    1 
ATOM   393 C C8    . A   A 1 19 ? -17.954 4.717   7.370   1.00 63.61  ? 19  A   A C8    1 
ATOM   394 N N7    . A   A 1 19 ? -18.357 5.152   6.201   1.00 57.12  ? 19  A   A N7    1 
ATOM   395 C C5    . A   A 1 19 ? -17.806 6.421   6.111   1.00 55.14  ? 19  A   A C5    1 
ATOM   396 C C6    . A   A 1 19 ? -17.843 7.396   5.102   1.00 59.13  ? 19  A   A C6    1 
ATOM   397 N N6    . A   A 1 19 ? -18.498 7.241   3.953   1.00 65.09  ? 19  A   A N6    1 
ATOM   398 N N1    . A   A 1 19 ? -17.204 8.564   5.331   1.00 59.47  ? 19  A   A N1    1 
ATOM   399 C C2    . A   A 1 19 ? -16.553 8.719   6.492   1.00 63.14  ? 19  A   A C2    1 
ATOM   400 N N3    . A   A 1 19 ? -16.436 7.869   7.513   1.00 57.71  ? 19  A   A N3    1 
ATOM   401 C C4    . A   A 1 19 ? -17.084 6.723   7.249   1.00 57.33  ? 19  A   A C4    1 
ATOM   402 P P     . U   A 1 20 ? -20.380 6.382   12.315  1.00 75.03  ? 20  U   A P     1 
ATOM   403 O OP1   . U   A 1 20 ? -20.532 6.559   13.775  1.00 70.05  ? 20  U   A OP1   1 
ATOM   404 O OP2   . U   A 1 20 ? -21.189 5.339   11.633  1.00 57.78  ? 20  U   A OP2   1 
ATOM   405 O "O5'" . U   A 1 20 ? -20.509 7.824   11.653  1.00 64.85  ? 20  U   A "O5'" 1 
ATOM   406 C "C5'" . U   A 1 20 ? -19.747 8.890   12.238  1.00 66.43  ? 20  U   A "C5'" 1 
ATOM   407 C "C4'" . U   A 1 20 ? -19.600 10.061  11.301  1.00 69.99  ? 20  U   A "C4'" 1 
ATOM   408 O "O4'" . U   A 1 20 ? -18.806 9.702   10.143  1.00 77.49  ? 20  U   A "O4'" 1 
ATOM   409 C "C3'" . U   A 1 20 ? -20.870 10.624  10.695  1.00 72.16  ? 20  U   A "C3'" 1 
ATOM   410 O "O3'" . U   A 1 20 ? -21.531 11.404  11.674  1.00 76.56  ? 20  U   A "O3'" 1 
ATOM   411 C "C2'" . U   A 1 20 ? -20.297 11.413  9.531   1.00 67.51  ? 20  U   A "C2'" 1 
ATOM   412 O "O2'" . U   A 1 20 ? -19.573 12.559  9.910   1.00 72.01  ? 20  U   A "O2'" 1 
ATOM   413 C "C1'" . U   A 1 20 ? -19.282 10.410  9.007   1.00 66.90  ? 20  U   A "C1'" 1 
ATOM   414 N N1    . U   A 1 20 ? -19.883 9.462   8.059   1.00 65.21  ? 20  U   A N1    1 
ATOM   415 C C2    . U   A 1 20 ? -20.053 9.925   6.775   1.00 62.68  ? 20  U   A C2    1 
ATOM   416 O O2    . U   A 1 20 ? -19.731 11.048  6.435   1.00 65.24  ? 20  U   A O2    1 
ATOM   417 N N3    . U   A 1 20 ? -20.614 9.023   5.901   1.00 63.76  ? 20  U   A N3    1 
ATOM   418 C C4    . U   A 1 20 ? -21.013 7.731   6.175   1.00 66.81  ? 20  U   A C4    1 
ATOM   419 O O4    . U   A 1 20 ? -21.493 7.038   5.272   1.00 60.23  ? 20  U   A O4    1 
ATOM   420 C C5    . U   A 1 20 ? -20.795 7.318   7.530   1.00 69.58  ? 20  U   A C5    1 
ATOM   421 C C6    . U   A 1 20 ? -20.254 8.177   8.406   1.00 69.75  ? 20  U   A C6    1 
ATOM   422 P P     . G   A 1 21 ? -23.099 11.249  11.934  1.00 68.64  ? 21  G   A P     1 
ATOM   423 O OP1   . G   A 1 21 ? -23.392 12.049  13.141  1.00 74.80  ? 21  G   A OP1   1 
ATOM   424 O OP2   . G   A 1 21 ? -23.522 9.815   11.800  1.00 65.31  ? 21  G   A OP2   1 
ATOM   425 O "O5'" . G   A 1 21 ? -23.736 11.988  10.695  1.00 64.78  ? 21  G   A "O5'" 1 
ATOM   426 C "C5'" . G   A 1 21 ? -23.342 13.332  10.461  1.00 67.43  ? 21  G   A "C5'" 1 
ATOM   427 C "C4'" . G   A 1 21 ? -23.878 13.789  9.138   1.00 65.09  ? 21  G   A "C4'" 1 
ATOM   428 O "O4'" . G   A 1 21 ? -22.894 13.457  8.116   1.00 65.53  ? 21  G   A "O4'" 1 
ATOM   429 C "C3'" . G   A 1 21 ? -25.134 13.110  8.606   1.00 69.79  ? 21  G   A "C3'" 1 
ATOM   430 O "O3'" . G   A 1 21 ? -26.316 12.931  9.427   1.00 71.95  ? 21  G   A "O3'" 1 
ATOM   431 C "C2'" . G   A 1 21 ? -25.018 13.546  7.151   1.00 65.31  ? 21  G   A "C2'" 1 
ATOM   432 O "O2'" . G   A 1 21 ? -25.171 14.932  6.922   1.00 67.23  ? 21  G   A "O2'" 1 
ATOM   433 C "C1'" . G   A 1 21 ? -23.561 13.141  6.903   1.00 66.29  ? 21  G   A "C1'" 1 
ATOM   434 N N9    . G   A 1 21 ? -23.520 11.697  6.696   1.00 65.98  ? 21  G   A N9    1 
ATOM   435 C C8    . G   A 1 21 ? -23.437 10.714  7.655   1.00 68.95  ? 21  G   A C8    1 
ATOM   436 N N7    . G   A 1 21 ? -23.584 9.511   7.168   1.00 72.30  ? 21  G   A N7    1 
ATOM   437 C C5    . G   A 1 21 ? -23.802 9.714   5.814   1.00 71.38  ? 21  G   A C5    1 
ATOM   438 C C6    . G   A 1 21 ? -24.026 8.783   4.776   1.00 77.64  ? 21  G   A C6    1 
ATOM   439 O O6    . G   A 1 21 ? -24.072 7.547   4.847   1.00 99.64  ? 21  G   A O6    1 
ATOM   440 N N1    . G   A 1 21 ? -24.202 9.418   3.549   1.00 68.66  ? 21  G   A N1    1 
ATOM   441 C C2    . G   A 1 21 ? -24.143 10.775  3.347   1.00 65.98  ? 21  G   A C2    1 
ATOM   442 N N2    . G   A 1 21 ? -24.328 11.201  2.089   1.00 73.20  ? 21  G   A N2    1 
ATOM   443 N N3    . G   A 1 21 ? -23.919 11.652  4.307   1.00 63.63  ? 21  G   A N3    1 
ATOM   444 C C4    . G   A 1 21 ? -23.773 11.058  5.508   1.00 65.84  ? 21  G   A C4    1 
ATOM   445 P P     . A   A 1 22 ? -27.542 13.918  9.401   1.00 67.56  ? 22  A   A P     1 
ATOM   446 O OP1   . A   A 1 22 ? -27.361 14.898  8.310   1.00 95.74  ? 22  A   A OP1   1 
ATOM   447 O OP2   . A   A 1 22 ? -27.727 14.397  10.776  1.00 82.61  ? 22  A   A OP2   1 
ATOM   448 O "O5'" . A   A 1 22 ? -28.731 13.029  8.855   1.00 58.95  ? 22  A   A "O5'" 1 
ATOM   449 C "C5'" . A   A 1 22 ? -28.581 12.332  7.624   1.00 63.54  ? 22  A   A "C5'" 1 
ATOM   450 C "C4'" . A   A 1 22 ? -29.639 12.714  6.618   1.00 60.40  ? 22  A   A "C4'" 1 
ATOM   451 O "O4'" . A   A 1 22 ? -29.798 14.145  6.495   1.00 56.64  ? 22  A   A "O4'" 1 
ATOM   452 C "C3'" . A   A 1 22 ? -29.256 12.382  5.184   1.00 66.49  ? 22  A   A "C3'" 1 
ATOM   453 O "O3'" . A   A 1 22 ? -29.246 11.027  4.830   1.00 70.70  ? 22  A   A "O3'" 1 
ATOM   454 C "C2'" . A   A 1 22 ? -30.273 13.155  4.376   1.00 63.15  ? 22  A   A "C2'" 1 
ATOM   455 O "O2'" . A   A 1 22 ? -31.419 12.383  4.139   1.00 71.16  ? 22  A   A "O2'" 1 
ATOM   456 C "C1'" . A   A 1 22 ? -30.456 14.387  5.256   1.00 64.35  ? 22  A   A "C1'" 1 
ATOM   457 N N9    . A   A 1 22 ? -29.890 15.567  4.629   1.00 64.15  ? 22  A   A N9    1 
ATOM   458 C C8    . A   A 1 22 ? -30.016 15.997  3.326   1.00 70.15  ? 22  A   A C8    1 
ATOM   459 N N7    . A   A 1 22 ? -29.409 17.138  3.086   1.00 62.81  ? 22  A   A N7    1 
ATOM   460 C C5    . A   A 1 22 ? -28.884 17.495  4.318   1.00 54.24  ? 22  A   A C5    1 
ATOM   461 C C6    . A   A 1 22 ? -28.165 18.615  4.736   1.00 55.66  ? 22  A   A C6    1 
ATOM   462 N N6    . A   A 1 22 ? -27.819 19.600  3.918   1.00 53.34  ? 22  A   A N6    1 
ATOM   463 N N1    . A   A 1 22 ? -27.749 18.654  6.022   1.00 63.52  ? 22  A   A N1    1 
ATOM   464 C C2    . A   A 1 22 ? -28.086 17.637  6.835   1.00 65.38  ? 22  A   A C2    1 
ATOM   465 N N3    . A   A 1 22 ? -28.797 16.542  6.562   1.00 49.56  ? 22  A   A N3    1 
ATOM   466 C C4    . A   A 1 22 ? -29.158 16.529  5.272   1.00 53.07  ? 22  A   A C4    1 
ATOM   467 P P     . A   A 1 23 ? -27.917 10.465  4.295   1.00 64.37  ? 23  A   A P     1 
ATOM   468 O OP1   . A   A 1 23 ? -28.160 9.054   3.883   1.00 69.22  ? 23  A   A OP1   1 
ATOM   469 O OP2   . A   A 1 23 ? -26.891 10.756  5.335   1.00 55.20  ? 23  A   A OP2   1 
ATOM   470 O "O5'" . A   A 1 23 ? -27.733 11.367  2.997   1.00 56.86  ? 23  A   A "O5'" 1 
ATOM   471 C "C5'" . A   A 1 23 ? -28.385 11.023  1.748   1.00 57.91  ? 23  A   A "C5'" 1 
ATOM   472 C "C4'" . A   A 1 23 ? -28.392 12.217  0.820   1.00 57.41  ? 23  A   A "C4'" 1 
ATOM   473 O "O4'" . A   A 1 23 ? -28.533 13.410  1.622   1.00 65.19  ? 23  A   A "O4'" 1 
ATOM   474 C "C3'" . A   A 1 23 ? -27.111 12.465  0.034   1.00 58.72  ? 23  A   A "C3'" 1 
ATOM   475 O "O3'" . A   A 1 23 ? -27.095 11.775  -1.190  1.00 63.40  ? 23  A   A "O3'" 1 
ATOM   476 C "C2'" . A   A 1 23 ? -27.146 13.960  -0.234  1.00 57.32  ? 23  A   A "C2'" 1 
ATOM   477 O "O2'" . A   A 1 23 ? -27.889 14.324  -1.390  1.00 54.14  ? 23  A   A "O2'" 1 
ATOM   478 C "C1'" . A   A 1 23 ? -27.793 14.477  1.046   1.00 59.05  ? 23  A   A "C1'" 1 
ATOM   479 N N9    . A   A 1 23 ? -26.927 15.052  2.082   1.00 57.00  ? 23  A   A N9    1 
ATOM   480 C C8    . A   A 1 23 ? -26.618 14.539  3.321   1.00 60.78  ? 23  A   A C8    1 
ATOM   481 N N7    . A   A 1 23 ? -25.902 15.349  4.065   1.00 56.24  ? 23  A   A N7    1 
ATOM   482 C C5    . A   A 1 23 ? -25.769 16.487  3.282   1.00 56.31  ? 23  A   A C5    1 
ATOM   483 C C6    . A   A 1 23 ? -25.143 17.722  3.512   1.00 53.87  ? 23  A   A C6    1 
ATOM   484 N N6    . A   A 1 23 ? -24.487 18.016  4.631   1.00 53.72  ? 23  A   A N6    1 
ATOM   485 N N1    . A   A 1 23 ? -25.200 18.650  2.532   1.00 56.15  ? 23  A   A N1    1 
ATOM   486 C C2    . A   A 1 23 ? -25.858 18.348  1.402   1.00 62.77  ? 23  A   A C2    1 
ATOM   487 N N3    . A   A 1 23 ? -26.514 17.232  1.080   1.00 60.26  ? 23  A   A N3    1 
ATOM   488 C C4    . A   A 1 23 ? -26.423 16.328  2.070   1.00 57.69  ? 23  A   A C4    1 
ATOM   489 P P     . A   A 1 24 ? -25.730 11.182  -1.705  1.00 64.02  ? 24  A   A P     1 
ATOM   490 O OP1   . A   A 1 24 ? -26.033 10.445  -2.962  1.00 64.34  ? 24  A   A OP1   1 
ATOM   491 O OP2   . A   A 1 24 ? -25.066 10.515  -0.551  1.00 57.37  ? 24  A   A OP2   1 
ATOM   492 O "O5'" . A   A 1 24 ? -24.886 12.469  -2.077  1.00 53.63  ? 24  A   A "O5'" 1 
ATOM   493 C "C5'" . A   A 1 24 ? -25.230 13.172  -3.258  1.00 57.34  ? 24  A   A "C5'" 1 
ATOM   494 C "C4'" . A   A 1 24 ? -24.534 14.500  -3.286  1.00 61.61  ? 24  A   A "C4'" 1 
ATOM   495 O "O4'" . A   A 1 24 ? -24.953 15.309  -2.161  1.00 62.78  ? 24  A   A "O4'" 1 
ATOM   496 C "C3'" . A   A 1 24 ? -23.016 14.460  -3.190  1.00 61.71  ? 24  A   A "C3'" 1 
ATOM   497 O "O3'" . A   A 1 24 ? -22.675 14.119  -4.551  1.00 70.11  ? 24  A   A "O3'" 1 
ATOM   498 C "C2'" . A   A 1 24 ? -22.720 15.870  -2.714  1.00 61.91  ? 24  A   A "C2'" 1 
ATOM   499 O "O2'" . A   A 1 24 ? -22.714 16.805  -3.776  1.00 67.92  ? 24  A   A "O2'" 1 
ATOM   500 C "C1'" . A   A 1 24 ? -23.869 16.102  -1.727  1.00 61.26  ? 24  A   A "C1'" 1 
ATOM   501 N N9    . A   A 1 24 ? -23.522 15.690  -0.373  1.00 62.12  ? 24  A   A N9    1 
ATOM   502 C C8    . A   A 1 24 ? -23.584 14.431  0.177   1.00 67.29  ? 24  A   A C8    1 
ATOM   503 N N7    . A   A 1 24 ? -23.180 14.378  1.424   1.00 67.05  ? 24  A   A N7    1 
ATOM   504 C C5    . A   A 1 24 ? -22.806 15.684  1.707   1.00 61.19  ? 24  A   A C5    1 
ATOM   505 C C6    . A   A 1 24 ? -22.268 16.282  2.857   1.00 61.25  ? 24  A   A C6    1 
ATOM   506 N N6    . A   A 1 24 ? -22.022 15.618  3.986   1.00 68.37  ? 24  A   A N6    1 
ATOM   507 N N1    . A   A 1 24 ? -22.005 17.607  2.814   1.00 65.53  ? 24  A   A N1    1 
ATOM   508 C C2    . A   A 1 24 ? -22.271 18.278  1.683   1.00 66.34  ? 24  A   A C2    1 
ATOM   509 N N3    . A   A 1 24 ? -22.783 17.827  0.537   1.00 61.75  ? 24  A   A N3    1 
ATOM   510 C C4    . A   A 1 24 ? -23.018 16.505  0.612   1.00 61.49  ? 24  A   A C4    1 
ATOM   511 P P     . G   A 1 25 ? -21.688 12.963  -4.681  1.00 76.04  ? 25  G   A P     1 
ATOM   512 O OP1   . G   A 1 25 ? -21.468 12.654  -6.124  1.00 83.11  ? 25  G   A OP1   1 
ATOM   513 O OP2   . G   A 1 25 ? -22.022 11.799  -3.727  1.00 65.78  ? 25  G   A OP2   1 
ATOM   514 O "O5'" . G   A 1 25 ? -20.409 13.792  -4.312  1.00 64.61  ? 25  G   A "O5'" 1 
ATOM   515 C "C5'" . G   A 1 25 ? -19.373 13.260  -3.518  1.00 65.15  ? 25  G   A "C5'" 1 
ATOM   516 C "C4'" . G   A 1 25 ? -19.047 14.268  -2.469  1.00 67.73  ? 25  G   A "C4'" 1 
ATOM   517 O "O4'" . G   A 1 25 ? -20.184 14.413  -1.585  1.00 71.69  ? 25  G   A "O4'" 1 
ATOM   518 C "C3'" . G   A 1 25 ? -17.915 13.865  -1.547  1.00 73.59  ? 25  G   A "C3'" 1 
ATOM   519 O "O3'" . G   A 1 25 ? -16.859 14.603  -2.106  1.00 71.82  ? 25  G   A "O3'" 1 
ATOM   520 C "C2'" . G   A 1 25 ? -18.227 14.591  -0.271  1.00 70.38  ? 25  G   A "C2'" 1 
ATOM   521 O "O2'" . G   A 1 25 ? -17.876 15.868  -0.630  1.00 65.06  ? 25  G   A "O2'" 1 
ATOM   522 C "C1'" . G   A 1 25 ? -19.735 14.479  -0.244  1.00 65.02  ? 25  G   A "C1'" 1 
ATOM   523 N N9    . G   A 1 25 ? -20.184 13.278  0.455   1.00 61.49  ? 25  G   A N9    1 
ATOM   524 C C8    . G   A 1 25 ? -20.911 12.216  -0.037  1.00 64.33  ? 25  G   A C8    1 
ATOM   525 N N7    . G   A 1 25 ? -21.252 11.358  0.887   1.00 64.80  ? 25  G   A N7    1 
ATOM   526 C C5    . G   A 1 25 ? -20.735 11.895  2.058   1.00 63.69  ? 25  G   A C5    1 
ATOM   527 C C6    . G   A 1 25 ? -20.771 11.405  3.388   1.00 58.31  ? 25  G   A C6    1 
ATOM   528 O O6    . G   A 1 25 ? -21.274 10.357  3.811   1.00 66.72  ? 25  G   A O6    1 
ATOM   529 N N1    . G   A 1 25 ? -20.107 12.257  4.263   1.00 50.43  ? 25  G   A N1    1 
ATOM   530 C C2    . G   A 1 25 ? -19.506 13.441  3.908   1.00 57.24  ? 25  G   A C2    1 
ATOM   531 N N2    . G   A 1 25 ? -18.930 14.136  4.894   1.00 63.96  ? 25  G   A N2    1 
ATOM   532 N N3    . G   A 1 25 ? -19.471 13.910  2.675   1.00 58.09  ? 25  G   A N3    1 
ATOM   533 C C4    . G   A 1 25 ? -20.082 13.084  1.805   1.00 61.47  ? 25  G   A C4    1 
ATOM   534 P P     . U   A 1 26 ? -15.269 14.029  -2.219  1.00 69.80  ? 26  U   A P     1 
ATOM   535 O OP1   . U   A 1 26 ? -14.425 14.986  -2.983  1.00 63.26  ? 26  U   A OP1   1 
ATOM   536 O OP2   . U   A 1 26 ? -15.471 12.701  -2.834  1.00 55.96  ? 26  U   A OP2   1 
ATOM   537 O "O5'" . U   A 1 26 ? -14.753 14.037  -0.718  1.00 59.60  ? 26  U   A "O5'" 1 
ATOM   538 C "C5'" . U   A 1 26 ? -14.318 15.229  -0.011  1.00 69.82  ? 26  U   A "C5'" 1 
ATOM   539 C "C4'" . U   A 1 26 ? -14.195 15.003  1.484   1.00 73.40  ? 26  U   A "C4'" 1 
ATOM   540 O "O4'" . U   A 1 26 ? -15.502 14.729  2.048   1.00 72.73  ? 26  U   A "O4'" 1 
ATOM   541 C "C3'" . U   A 1 26 ? -13.326 13.837  1.941   1.00 75.99  ? 26  U   A "C3'" 1 
ATOM   542 O "O3'" . U   A 1 26 ? -11.936 14.157  1.906   1.00 70.77  ? 26  U   A "O3'" 1 
ATOM   543 C "C2'" . U   A 1 26 ? -13.883 13.557  3.334   1.00 70.03  ? 26  U   A "C2'" 1 
ATOM   544 O "O2'" . U   A 1 26 ? -13.366 14.364  4.366   1.00 70.25  ? 26  U   A "O2'" 1 
ATOM   545 C "C1'" . U   A 1 26 ? -15.377 13.803  3.114   1.00 64.99  ? 26  U   A "C1'" 1 
ATOM   546 N N1    . U   A 1 26 ? -16.100 12.575  2.760   1.00 56.63  ? 26  U   A N1    1 
ATOM   547 C C2    . U   A 1 26 ? -16.398 11.707  3.789   1.00 57.51  ? 26  U   A C2    1 
ATOM   548 O O2    . U   A 1 26 ? -16.081 11.923  4.942   1.00 61.82  ? 26  U   A O2    1 
ATOM   549 N N3    . U   A 1 26 ? -17.063 10.566  3.413   1.00 55.09  ? 26  U   A N3    1 
ATOM   550 C C4    . U   A 1 26 ? -17.419 10.196  2.134   1.00 57.38  ? 26  U   A C4    1 
ATOM   551 O O4    . U   A 1 26 ? -18.011 9.136   1.956   1.00 58.70  ? 26  U   A O4    1 
ATOM   552 C C5    . U   A 1 26 ? -17.088 11.153  1.124   1.00 60.45  ? 26  U   A C5    1 
ATOM   553 C C6    . U   A 1 26 ? -16.451 12.281  1.461   1.00 57.67  ? 26  U   A C6    1 
ATOM   554 P P     . C   A 1 27 ? -10.834 12.987  1.840   1.00 73.28  ? 27  C   A P     1 
ATOM   555 O OP1   . C   A 1 27 ? -9.504  13.627  1.772   1.00 65.15  ? 27  C   A OP1   1 
ATOM   556 O OP2   . C   A 1 27 ? -11.238 11.982  0.815   1.00 64.92  ? 27  C   A OP2   1 
ATOM   557 O "O5'" . C   A 1 27 ? -11.023 12.240  3.228   1.00 69.04  ? 27  C   A "O5'" 1 
ATOM   558 C "C5'" . C   A 1 27 ? -10.312 12.661  4.389   1.00 68.19  ? 27  C   A "C5'" 1 
ATOM   559 C "C4'" . C   A 1 27 ? -10.552 11.656  5.472   1.00 65.04  ? 27  C   A "C4'" 1 
ATOM   560 O "O4'" . C   A 1 27 ? -11.957 11.342  5.491   1.00 62.39  ? 27  C   A "O4'" 1 
ATOM   561 C "C3'" . C   A 1 27 ? -9.918  10.306  5.221   1.00 63.37  ? 27  C   A "C3'" 1 
ATOM   562 O "O3'" . C   A 1 27 ? -8.549  10.293  5.527   1.00 63.30  ? 27  C   A "O3'" 1 
ATOM   563 C "C2'" . C   A 1 27 ? -10.739 9.395   6.108   1.00 64.87  ? 27  C   A "C2'" 1 
ATOM   564 O "O2'" . C   A 1 27 ? -10.336 9.349   7.458   1.00 70.97  ? 27  C   A "O2'" 1 
ATOM   565 C "C1'" . C   A 1 27 ? -12.127 10.004  5.931   1.00 63.29  ? 27  C   A "C1'" 1 
ATOM   566 N N1    . C   A 1 27 ? -12.944 9.295   4.945   1.00 57.05  ? 27  C   A N1    1 
ATOM   567 C C2    . C   A 1 27 ? -13.505 8.065   5.303   1.00 54.77  ? 27  C   A C2    1 
ATOM   568 O O2    . C   A 1 27 ? -13.263 7.599   6.423   1.00 50.51  ? 27  C   A O2    1 
ATOM   569 N N3    . C   A 1 27 ? -14.283 7.408   4.413   1.00 57.04  ? 27  C   A N3    1 
ATOM   570 C C4    . C   A 1 27 ? -14.507 7.939   3.207   1.00 65.70  ? 27  C   A C4    1 
ATOM   571 N N4    . C   A 1 27 ? -15.277 7.260   2.358   1.00 72.77  ? 27  C   A N4    1 
ATOM   572 C C5    . C   A 1 27 ? -13.951 9.195   2.819   1.00 61.09  ? 27  C   A C5    1 
ATOM   573 C C6    . C   A 1 27 ? -13.181 9.829   3.708   1.00 58.19  ? 27  C   A C6    1 
ATOM   574 P P     . U   A 1 28 ? -7.598  9.517   4.553   1.00 68.86  ? 28  U   A P     1 
ATOM   575 O OP1   . U   A 1 28 ? -6.207  9.760   4.971   1.00 65.55  ? 28  U   A OP1   1 
ATOM   576 O OP2   . U   A 1 28 ? -7.975  9.910   3.169   1.00 64.82  ? 28  U   A OP2   1 
ATOM   577 O "O5'" . U   A 1 28 ? -7.960  8.004   4.920   1.00 60.97  ? 28  U   A "O5'" 1 
ATOM   578 C "C5'" . U   A 1 28 ? -7.590  7.477   6.205   1.00 59.25  ? 28  U   A "C5'" 1 
ATOM   579 C "C4'" . U   A 1 28 ? -8.259  6.152   6.479   1.00 62.27  ? 28  U   A "C4'" 1 
ATOM   580 O "O4'" . U   A 1 28 ? -9.697  6.280   6.340   1.00 62.52  ? 28  U   A "O4'" 1 
ATOM   581 C "C3'" . U   A 1 28 ? -7.901  5.026   5.531   1.00 65.30  ? 28  U   A "C3'" 1 
ATOM   582 O "O3'" . U   A 1 28 ? -6.679  4.427   5.913   1.00 67.59  ? 28  U   A "O3'" 1 
ATOM   583 C "C2'" . U   A 1 28 ? -9.074  4.067   5.713   1.00 66.05  ? 28  U   A "C2'" 1 
ATOM   584 O "O2'" . U   A 1 28 ? -9.013  3.079   6.721   1.00 61.42  ? 28  U   A "O2'" 1 
ATOM   585 C "C1'" . U   A 1 28 ? -10.239 5.042   5.912   1.00 61.65  ? 28  U   A "C1'" 1 
ATOM   586 N N1    . U   A 1 28 ? -10.967 5.235   4.649   1.00 58.12  ? 28  U   A N1    1 
ATOM   587 C C2    . U   A 1 28 ? -11.789 4.195   4.252   1.00 57.70  ? 28  U   A C2    1 
ATOM   588 O O2    . U   A 1 28 ? -11.962 3.191   4.928   1.00 54.27  ? 28  U   A O2    1 
ATOM   589 N N3    . U   A 1 28 ? -12.407 4.376   3.040   1.00 58.15  ? 28  U   A N3    1 
ATOM   590 C C4    . U   A 1 28 ? -12.297 5.464   2.203   1.00 60.90  ? 28  U   A C4    1 
ATOM   591 O O4    . U   A 1 28 ? -12.937 5.481   1.149   1.00 64.52  ? 28  U   A O4    1 
ATOM   592 C C5    . U   A 1 28 ? -11.418 6.495   2.676   1.00 54.91  ? 28  U   A C5    1 
ATOM   593 C C6    . U   A 1 28 ? -10.778 6.337   3.841   1.00 54.39  ? 28  U   A C6    1 
ATOM   594 P P     . A   A 1 29 ? -5.495  4.191   4.844   1.00 68.16  ? 29  A   A P     1 
ATOM   595 O OP1   . A   A 1 29 ? -4.240  4.058   5.616   1.00 72.68  ? 29  A   A OP1   1 
ATOM   596 O OP2   . A   A 1 29 ? -5.586  5.207   3.770   1.00 62.21  ? 29  A   A OP2   1 
ATOM   597 O "O5'" . A   A 1 29 ? -5.828  2.770   4.209   1.00 59.25  ? 29  A   A "O5'" 1 
ATOM   598 C "C5'" . A   A 1 29 ? -6.481  1.749   4.969   1.00 62.03  ? 29  A   A "C5'" 1 
ATOM   599 C "C4'" . A   A 1 29 ? -6.010  0.379   4.547   1.00 66.32  ? 29  A   A "C4'" 1 
ATOM   600 O "O4'" . A   A 1 29 ? -6.867  -0.114  3.485   1.00 64.47  ? 29  A   A "O4'" 1 
ATOM   601 C "C3'" . A   A 1 29 ? -4.598  0.277   3.981   1.00 73.60  ? 29  A   A "C3'" 1 
ATOM   602 O "O3'" . A   A 1 29 ? -4.260  -1.094  4.014   1.00 86.14  ? 29  A   A "O3'" 1 
ATOM   603 C "C2'" . A   A 1 29 ? -4.826  0.563   2.511   1.00 73.79  ? 29  A   A "C2'" 1 
ATOM   604 O "O2'" . A   A 1 29 ? -3.749  0.166   1.677   1.00 77.30  ? 29  A   A "O2'" 1 
ATOM   605 C "C1'" . A   A 1 29 ? -6.132  -0.207  2.289   1.00 66.55  ? 29  A   A "C1'" 1 
ATOM   606 N N9    . A   A 1 29 ? -6.960  0.298   1.203   1.00 66.33  ? 29  A   A N9    1 
ATOM   607 C C8    . A   A 1 29 ? -6.910  1.531   0.599   1.00 69.85  ? 29  A   A C8    1 
ATOM   608 N N7    . A   A 1 29 ? -7.754  1.667   -0.392  1.00 66.56  ? 29  A   A N7    1 
ATOM   609 C C5    . A   A 1 29 ? -8.389  0.437   -0.457  1.00 62.22  ? 29  A   A C5    1 
ATOM   610 C C6    . A   A 1 29 ? -9.388  -0.056  -1.299  1.00 62.17  ? 29  A   A C6    1 
ATOM   611 N N6    . A   A 1 29 ? -9.952  0.675   -2.258  1.00 69.34  ? 29  A   A N6    1 
ATOM   612 N N1    . A   A 1 29 ? -9.806  -1.329  -1.109  1.00 54.53  ? 29  A   A N1    1 
ATOM   613 C C2    . A   A 1 29 ? -9.253  -2.040  -0.119  1.00 54.29  ? 29  A   A C2    1 
ATOM   614 N N3    . A   A 1 29 ? -8.304  -1.682  0.745   1.00 56.85  ? 29  A   A N3    1 
ATOM   615 C C4    . A   A 1 29 ? -7.916  -0.414  0.523   1.00 61.74  ? 29  A   A C4    1 
ATOM   616 P P     . U   A 1 30 ? -3.298  -1.643  5.109   1.00 87.82  ? 30  U   A P     1 
ATOM   617 O OP1   . U   A 1 30 ? -3.899  -1.334  6.444   1.00 78.38  ? 30  U   A OP1   1 
ATOM   618 O OP2   . U   A 1 30 ? -1.951  -1.121  4.755   1.00 80.06  ? 30  U   A OP2   1 
ATOM   619 O "O5'" . U   A 1 30 ? -3.412  -3.221  4.885   1.00 81.38  ? 30  U   A "O5'" 1 
ATOM   620 C "C5'" . U   A 1 30 ? -4.383  -4.023  5.595   1.00 80.20  ? 30  U   A "C5'" 1 
ATOM   621 C "C4'" . U   A 1 30 ? -5.149  -4.959  4.675   1.00 83.16  ? 30  U   A "C4'" 1 
ATOM   622 O "O4'" . U   A 1 30 ? -6.410  -5.343  5.299   1.00 103.21 ? 30  U   A "O4'" 1 
ATOM   623 C "C3'" . U   A 1 30 ? -5.545  -4.444  3.303   1.00 86.76  ? 30  U   A "C3'" 1 
ATOM   624 O "O3'" . U   A 1 30 ? -5.572  -5.573  2.440   1.00 80.59  ? 30  U   A "O3'" 1 
ATOM   625 C "C2'" . U   A 1 30 ? -6.919  -3.815  3.549   1.00 94.08  ? 30  U   A "C2'" 1 
ATOM   626 O "O2'" . U   A 1 30 ? -7.845  -3.786  2.481   1.00 96.02  ? 30  U   A "O2'" 1 
ATOM   627 C "C1'" . U   A 1 30 ? -7.500  -4.723  4.633   1.00 99.95  ? 30  U   A "C1'" 1 
ATOM   628 N N1    . U   A 1 30 ? -8.326  -4.010  5.631   1.00 117.05 ? 30  U   A N1    1 
ATOM   629 C C2    . U   A 1 30 ? -9.605  -4.486  5.883   1.00 115.92 ? 30  U   A C2    1 
ATOM   630 O O2    . U   A 1 30 ? -10.076 -5.460  5.321   1.00 103.95 ? 30  U   A O2    1 
ATOM   631 N N3    . U   A 1 30 ? -10.308 -3.777  6.827   1.00 125.32 ? 30  U   A N3    1 
ATOM   632 C C4    . U   A 1 30 ? -9.882  -2.666  7.532   1.00 129.06 ? 30  U   A C4    1 
ATOM   633 O O4    . U   A 1 30 ? -10.636 -2.144  8.357   1.00 120.05 ? 30  U   A O4    1 
ATOM   634 C C5    . U   A 1 30 ? -8.554  -2.233  7.213   1.00 121.05 ? 30  U   A C5    1 
ATOM   635 C C6    . U   A 1 30 ? -7.838  -2.903  6.300   1.00 119.24 ? 30  U   A C6    1 
ATOM   636 P P     . G   A 1 31 ? -4.461  -5.769  1.316   1.00 77.43  ? 31  G   A P     1 
ATOM   637 O OP1   . G   A 1 31 ? -4.164  -7.215  1.219   1.00 80.06  ? 31  G   A OP1   1 
ATOM   638 O OP2   . G   A 1 31 ? -3.376  -4.784  1.539   1.00 82.03  ? 31  G   A OP2   1 
ATOM   639 O "O5'" . G   A 1 31 ? -5.211  -5.345  -0.020  1.00 72.58  ? 31  G   A "O5'" 1 
ATOM   640 C "C5'" . G   A 1 31 ? -6.408  -6.024  -0.421  1.00 70.96  ? 31  G   A "C5'" 1 
ATOM   641 C "C4'" . G   A 1 31 ? -6.801  -5.608  -1.813  1.00 68.41  ? 31  G   A "C4'" 1 
ATOM   642 O "O4'" . G   A 1 31 ? -7.453  -4.318  -1.758  1.00 67.78  ? 31  G   A "O4'" 1 
ATOM   643 C "C3'" . G   A 1 31 ? -5.656  -5.413  -2.783  1.00 73.08  ? 31  G   A "C3'" 1 
ATOM   644 O "O3'" . G   A 1 31 ? -5.337  -6.654  -3.384  1.00 81.07  ? 31  G   A "O3'" 1 
ATOM   645 C "C2'" . G   A 1 31 ? -6.244  -4.405  -3.752  1.00 70.21  ? 31  G   A "C2'" 1 
ATOM   646 O "O2'" . G   A 1 31 ? -7.223  -4.994  -4.575  1.00 64.85  ? 31  G   A "O2'" 1 
ATOM   647 C "C1'" . G   A 1 31 ? -6.968  -3.480  -2.792  1.00 65.68  ? 31  G   A "C1'" 1 
ATOM   648 N N9    . G   A 1 31 ? -6.170  -2.435  -2.163  1.00 60.38  ? 31  G   A N9    1 
ATOM   649 C C8    . G   A 1 31 ? -5.731  -2.441  -0.863  1.00 60.07  ? 31  G   A C8    1 
ATOM   650 N N7    . G   A 1 31 ? -5.100  -1.349  -0.531  1.00 59.35  ? 31  G   A N7    1 
ATOM   651 C C5    . G   A 1 31 ? -5.159  -0.559  -1.666  1.00 49.09  ? 31  G   A C5    1 
ATOM   652 C C6    . G   A 1 31 ? -4.638  0.730   -1.900  1.00 51.51  ? 31  G   A C6    1 
ATOM   653 O O6    . G   A 1 31 ? -4.022  1.461   -1.116  1.00 55.73  ? 31  G   A O6    1 
ATOM   654 N N1    . G   A 1 31 ? -4.897  1.161   -3.199  1.00 50.65  ? 31  G   A N1    1 
ATOM   655 C C2    . G   A 1 31 ? -5.569  0.432   -4.151  1.00 57.19  ? 31  G   A C2    1 
ATOM   656 N N2    . G   A 1 31 ? -5.722  1.015   -5.353  1.00 58.93  ? 31  G   A N2    1 
ATOM   657 N N3    . G   A 1 31 ? -6.048  -0.788  -3.944  1.00 54.04  ? 31  G   A N3    1 
ATOM   658 C C4    . G   A 1 31 ? -5.817  -1.212  -2.685  1.00 52.46  ? 31  G   A C4    1 
ATOM   659 P P     . C   A 1 32 ? -3.956  -6.799  -4.150  1.00 76.91  ? 32  C   A P     1 
ATOM   660 O OP1   . C   A 1 32 ? -3.923  -8.153  -4.740  1.00 67.64  ? 32  C   A OP1   1 
ATOM   661 O OP2   . C   A 1 32 ? -2.888  -6.333  -3.220  1.00 64.60  ? 32  C   A OP2   1 
ATOM   662 O "O5'" . C   A 1 32 ? -4.115  -5.756  -5.344  1.00 65.76  ? 32  C   A "O5'" 1 
ATOM   663 C "C5'" . C   A 1 32 ? -2.983  -5.337  -6.109  1.00 68.51  ? 32  C   A "C5'" 1 
ATOM   664 C "C4'" . C   A 1 32 ? -3.170  -3.919  -6.572  1.00 66.07  ? 32  C   A "C4'" 1 
ATOM   665 O "O4'" . C   A 1 32 ? -3.489  -3.092  -5.438  1.00 63.49  ? 32  C   A "O4'" 1 
ATOM   666 C "C3'" . C   A 1 32 ? -1.943  -3.235  -7.157  1.00 63.16  ? 32  C   A "C3'" 1 
ATOM   667 O "O3'" . C   A 1 32 ? -1.709  -3.612  -8.507  1.00 69.52  ? 32  C   A "O3'" 1 
ATOM   668 C "C2'" . C   A 1 32 ? -2.286  -1.754  -7.005  1.00 57.01  ? 32  C   A "C2'" 1 
ATOM   669 O "O2'" . C   A 1 32 ? -3.066  -1.104  -7.990  1.00 55.13  ? 32  C   A "O2'" 1 
ATOM   670 C "C1'" . C   A 1 32 ? -3.144  -1.755  -5.744  1.00 57.58  ? 32  C   A "C1'" 1 
ATOM   671 N N1    . C   A 1 32 ? -2.492  -1.161  -4.582  1.00 55.73  ? 32  C   A N1    1 
ATOM   672 C C2    . C   A 1 32 ? -2.102  0.180   -4.654  1.00 54.50  ? 32  C   A C2    1 
ATOM   673 O O2    . C   A 1 32 ? -2.264  0.795   -5.725  1.00 52.66  ? 32  C   A O2    1 
ATOM   674 N N3    . C   A 1 32 ? -1.552  0.766   -3.564  1.00 49.88  ? 32  C   A N3    1 
ATOM   675 C C4    . C   A 1 32 ? -1.404  0.066   -2.433  1.00 54.21  ? 32  C   A C4    1 
ATOM   676 N N4    . C   A 1 32 ? -0.852  0.675   -1.384  1.00 60.54  ? 32  C   A N4    1 
ATOM   677 C C5    . C   A 1 32 ? -1.827  -1.290  -2.325  1.00 55.33  ? 32  C   A C5    1 
ATOM   678 C C6    . C   A 1 32 ? -2.374  -1.854  -3.407  1.00 57.72  ? 32  C   A C6    1 
ATOM   679 O "O5'" . C   B 2 1  ? 12.328  2.241   -7.253  1.00 83.21  ? 1   C   B "O5'" 1 
ATOM   680 C "C5'" . C   B 2 1  ? 12.343  3.650   -7.554  1.00 87.39  ? 1   C   B "C5'" 1 
ATOM   681 C "C4'" . C   B 2 1  ? 12.439  4.510   -6.309  1.00 95.78  ? 1   C   B "C4'" 1 
ATOM   682 O "O4'" . C   B 2 1  ? 11.111  4.810   -5.773  1.00 98.90  ? 1   C   B "O4'" 1 
ATOM   683 C "C3'" . C   B 2 1  ? 13.213  3.983   -5.105  1.00 89.96  ? 1   C   B "C3'" 1 
ATOM   684 O "O3'" . C   B 2 1  ? 14.626  4.040   -5.231  1.00 78.67  ? 1   C   B "O3'" 1 
ATOM   685 C "C2'" . C   B 2 1  ? 12.666  4.889   -4.019  1.00 97.35  ? 1   C   B "C2'" 1 
ATOM   686 O "O2'" . C   B 2 1  ? 13.178  6.204   -4.114  1.00 95.39  ? 1   C   B "O2'" 1 
ATOM   687 C "C1'" . C   B 2 1  ? 11.171  4.827   -4.350  1.00 96.16  ? 1   C   B "C1'" 1 
ATOM   688 N N1    . C   B 2 1  ? 10.530  3.596   -3.825  1.00 92.68  ? 1   C   B N1    1 
ATOM   689 C C2    . C   B 2 1  ? 10.352  3.473   -2.442  1.00 87.59  ? 1   C   B C2    1 
ATOM   690 O O2    . C   B 2 1  ? 10.704  4.405   -1.708  1.00 88.30  ? 1   C   B O2    1 
ATOM   691 N N3    . C   B 2 1  ? 9.789   2.348   -1.943  1.00 84.03  ? 1   C   B N3    1 
ATOM   692 C C4    . C   B 2 1  ? 9.416   1.366   -2.767  1.00 83.50  ? 1   C   B C4    1 
ATOM   693 N N4    . C   B 2 1  ? 8.872   0.270   -2.231  1.00 74.81  ? 1   C   B N4    1 
ATOM   694 C C5    . C   B 2 1  ? 9.593   1.461   -4.179  1.00 87.77  ? 1   C   B C5    1 
ATOM   695 C C6    . C   B 2 1  ? 10.155  2.579   -4.659  1.00 90.96  ? 1   C   B C6    1 
ATOM   696 P P     . A   B 2 2  ? 15.494  2.669   -5.240  1.00 88.52  ? 2   A   B P     1 
ATOM   697 O OP1   . A   B 2 2  ? 16.770  2.945   -5.954  1.00 90.19  ? 2   A   B OP1   1 
ATOM   698 O OP2   . A   B 2 2  ? 14.650  1.548   -5.712  1.00 77.88  ? 2   A   B OP2   1 
ATOM   699 O "O5'" . A   B 2 2  ? 15.815  2.441   -3.696  1.00 81.71  ? 2   A   B "O5'" 1 
ATOM   700 C "C5'" . A   B 2 2  ? 16.653  3.386   -3.020  1.00 90.71  ? 2   A   B "C5'" 1 
ATOM   701 C "C4'" . A   B 2 2  ? 16.198  3.651   -1.605  1.00 94.75  ? 2   A   B "C4'" 1 
ATOM   702 O "O4'" . A   B 2 2  ? 14.758  3.845   -1.508  1.00 92.69  ? 2   A   B "O4'" 1 
ATOM   703 C "C3'" . A   B 2 2  ? 16.500  2.563   -0.585  1.00 94.89  ? 2   A   B "C3'" 1 
ATOM   704 O "O3'" . A   B 2 2  ? 17.876  2.610   -0.243  1.00 90.31  ? 2   A   B "O3'" 1 
ATOM   705 C "C2'" . A   B 2 2  ? 15.558  2.966   0.537   1.00 96.90  ? 2   A   B "C2'" 1 
ATOM   706 O "O2'" . A   B 2 2  ? 16.067  4.022   1.325   1.00 102.96 ? 2   A   B "O2'" 1 
ATOM   707 C "C1'" . A   B 2 2  ? 14.299  3.304   -0.271  1.00 97.76  ? 2   A   B "C1'" 1 
ATOM   708 N N9    . A   B 2 2  ? 13.534  2.083   -0.542  1.00 92.19  ? 2   A   B N9    1 
ATOM   709 C C8    . A   B 2 2  ? 13.411  1.383   -1.717  1.00 90.86  ? 2   A   B C8    1 
ATOM   710 N N7    . A   B 2 2  ? 12.706  0.285   -1.608  1.00 84.29  ? 2   A   B N7    1 
ATOM   711 C C5    . A   B 2 2  ? 12.355  0.248   -0.266  1.00 91.81  ? 2   A   B C5    1 
ATOM   712 C C6    . A   B 2 2  ? 11.602  -0.667  0.490   1.00 87.29  ? 2   A   B C6    1 
ATOM   713 N N6    . A   B 2 2  ? 11.046  -1.764  -0.022  1.00 94.07  ? 2   A   B N6    1 
ATOM   714 N N1    . A   B 2 2  ? 11.441  -0.414  1.806   1.00 75.51  ? 2   A   B N1    1 
ATOM   715 C C2    . A   B 2 2  ? 12.000  0.687   2.319   1.00 75.63  ? 2   A   B C2    1 
ATOM   716 N N3    . A   B 2 2  ? 12.723  1.626   1.710   1.00 87.04  ? 2   A   B N3    1 
ATOM   717 C C4    . A   B 2 2  ? 12.865  1.343   0.404   1.00 90.54  ? 2   A   B C4    1 
ATOM   718 P P     . G   B 2 3  ? 18.809  1.316   -0.380  1.00 96.71  ? 3   G   B P     1 
ATOM   719 O OP1   . G   B 2 3  ? 20.172  1.796   -0.709  1.00 106.23 ? 3   G   B OP1   1 
ATOM   720 O OP2   . G   B 2 3  ? 18.154  0.328   -1.279  1.00 85.04  ? 3   G   B OP2   1 
ATOM   721 O "O5'" . G   B 2 3  ? 18.837  0.754   1.111   1.00 85.69  ? 3   G   B "O5'" 1 
ATOM   722 C "C5'" . G   B 2 3  ? 19.006  1.671   2.204   1.00 84.82  ? 3   G   B "C5'" 1 
ATOM   723 C "C4'" . G   B 2 3  ? 18.358  1.145   3.450   1.00 87.35  ? 3   G   B "C4'" 1 
ATOM   724 O "O4'" . G   B 2 3  ? 16.914  1.306   3.369   1.00 99.39  ? 3   G   B "O4'" 1 
ATOM   725 C "C3'" . G   B 2 3  ? 18.539  -0.335  3.722   1.00 91.31  ? 3   G   B "C3'" 1 
ATOM   726 O "O3'" . G   B 2 3  ? 19.829  -0.638  4.229   1.00 91.48  ? 3   G   B "O3'" 1 
ATOM   727 C "C2'" . G   B 2 3  ? 17.411  -0.576  4.707   1.00 98.43  ? 3   G   B "C2'" 1 
ATOM   728 O "O2'" . G   B 2 3  ? 17.767  -0.128  5.996   1.00 96.26  ? 3   G   B "O2'" 1 
ATOM   729 C "C1'" . G   B 2 3  ? 16.285  0.214   4.034   1.00 102.97 ? 3   G   B "C1'" 1 
ATOM   730 N N9    . G   B 2 3  ? 15.544  -0.590  3.055   1.00 99.73  ? 3   G   B N9    1 
ATOM   731 C C8    . G   B 2 3  ? 15.581  -0.496  1.683   1.00 95.11  ? 3   G   B C8    1 
ATOM   732 N N7    . G   B 2 3  ? 14.823  -1.376  1.088   1.00 86.76  ? 3   G   B N7    1 
ATOM   733 C C5    . G   B 2 3  ? 14.246  -2.092  2.129   1.00 94.01  ? 3   G   B C5    1 
ATOM   734 C C6    . G   B 2 3  ? 13.329  -3.178  2.104   1.00 91.96  ? 3   G   B C6    1 
ATOM   735 O O6    . G   B 2 3  ? 12.827  -3.741  1.124   1.00 89.06  ? 3   G   B O6    1 
ATOM   736 N N1    . G   B 2 3  ? 13.023  -3.621  3.389   1.00 89.12  ? 3   G   B N1    1 
ATOM   737 C C2    . G   B 2 3  ? 13.523  -3.082  4.549   1.00 85.27  ? 3   G   B C2    1 
ATOM   738 N N2    . G   B 2 3  ? 13.107  -3.644  5.694   1.00 77.20  ? 3   G   B N2    1 
ATOM   739 N N3    . G   B 2 3  ? 14.372  -2.067  4.585   1.00 93.41  ? 3   G   B N3    1 
ATOM   740 C C4    . G   B 2 3  ? 14.688  -1.625  3.349   1.00 95.80  ? 3   G   B C4    1 
ATOM   741 P P     . C   B 2 4  ? 20.654  -1.882  3.634   1.00 93.04  ? 4   C   B P     1 
ATOM   742 O OP1   . C   B 2 4  ? 22.075  -1.688  3.989   1.00 104.16 ? 4   C   B OP1   1 
ATOM   743 O OP2   . C   B 2 4  ? 20.268  -2.071  2.207   1.00 81.32  ? 4   C   B OP2   1 
ATOM   744 O "O5'" . C   B 2 4  ? 20.186  -3.108  4.535   1.00 88.13  ? 4   C   B "O5'" 1 
ATOM   745 C "C5'" . C   B 2 4  ? 20.189  -2.985  5.965   1.00 95.67  ? 4   C   B "C5'" 1 
ATOM   746 C "C4'" . C   B 2 4  ? 19.218  -3.959  6.576   1.00 102.58 ? 4   C   B "C4'" 1 
ATOM   747 O "O4'" . C   B 2 4  ? 17.859  -3.586  6.218   1.00 106.09 ? 4   C   B "O4'" 1 
ATOM   748 C "C3'" . C   B 2 4  ? 19.344  -5.397  6.097   1.00 103.48 ? 4   C   B "C3'" 1 
ATOM   749 O "O3'" . C   B 2 4  ? 20.355  -6.157  6.734   1.00 97.89  ? 4   C   B "O3'" 1 
ATOM   750 C "C2'" . C   B 2 4  ? 17.964  -5.947  6.418   1.00 102.27 ? 4   C   B "C2'" 1 
ATOM   751 O "O2'" . C   B 2 4  ? 17.760  -6.376  7.744   1.00 92.23  ? 4   C   B "O2'" 1 
ATOM   752 C "C1'" . C   B 2 4  ? 17.084  -4.764  6.016   1.00 108.72 ? 4   C   B "C1'" 1 
ATOM   753 N N1    . C   B 2 4  ? 16.660  -4.839  4.602   1.00 102.58 ? 4   C   B N1    1 
ATOM   754 C C2    . C   B 2 4  ? 15.745  -5.833  4.235   1.00 99.70  ? 4   C   B C2    1 
ATOM   755 O O2    . C   B 2 4  ? 15.325  -6.611  5.102   1.00 112.90 ? 4   C   B O2    1 
ATOM   756 N N3    . C   B 2 4  ? 15.339  -5.919  2.949   1.00 94.28  ? 4   C   B N3    1 
ATOM   757 C C4    . C   B 2 4  ? 15.823  -5.071  2.041   1.00 102.07 ? 4   C   B C4    1 
ATOM   758 N N4    . C   B 2 4  ? 15.393  -5.190  0.784   1.00 113.45 ? 4   C   B N4    1 
ATOM   759 C C5    . C   B 2 4  ? 16.751  -4.045  2.387   1.00 100.48 ? 4   C   B C5    1 
ATOM   760 C C6    . C   B 2 4  ? 17.145  -3.970  3.664   1.00 91.00  ? 4   C   B C6    1 
ATOM   761 P P     . A   B 2 5  ? 20.871  -7.507  6.057   1.00 105.35 ? 5   A   B P     1 
ATOM   762 O OP1   . A   B 2 5  ? 21.955  -8.052  6.911   1.00 116.46 ? 5   A   B OP1   1 
ATOM   763 O OP2   . A   B 2 5  ? 21.094  -7.244  4.605   1.00 97.16  ? 5   A   B OP2   1 
ATOM   764 O "O5'" . A   B 2 5  ? 19.649  -8.513  6.198   1.00 105.39 ? 5   A   B "O5'" 1 
ATOM   765 C "C5'" . A   B 2 5  ? 19.460  -9.271  7.396   1.00 110.88 ? 5   A   B "C5'" 1 
ATOM   766 C "C4'" . A   B 2 5  ? 18.378  -10.293 7.181   1.00 111.95 ? 5   A   B "C4'" 1 
ATOM   767 O "O4'" . A   B 2 5  ? 17.177  -9.651  6.671   1.00 105.20 ? 5   A   B "O4'" 1 
ATOM   768 C "C3'" . A   B 2 5  ? 18.678  -11.368 6.144   1.00 105.38 ? 5   A   B "C3'" 1 
ATOM   769 O "O3'" . A   B 2 5  ? 19.478  -12.408 6.667   1.00 103.15 ? 5   A   B "O3'" 1 
ATOM   770 C "C2'" . A   B 2 5  ? 17.278  -11.849 5.822   1.00 104.19 ? 5   A   B "C2'" 1 
ATOM   771 O "O2'" . A   B 2 5  ? 16.691  -12.589 6.870   1.00 97.06  ? 5   A   B "O2'" 1 
ATOM   772 C "C1'" . A   B 2 5  ? 16.548  -10.517 5.734   1.00 104.75 ? 5   A   B "C1'" 1 
ATOM   773 N N9    . A   B 2 5  ? 16.602  -9.893  4.414   1.00 98.25  ? 5   A   B N9    1 
ATOM   774 C C8    . A   B 2 5  ? 17.278  -8.759  4.042   1.00 93.26  ? 5   A   B C8    1 
ATOM   775 N N7    . A   B 2 5  ? 17.070  -8.403  2.798   1.00 94.62  ? 5   A   B N7    1 
ATOM   776 C C5    . A   B 2 5  ? 16.201  -9.368  2.316   1.00 88.27  ? 5   A   B C5    1 
ATOM   777 C C6    . A   B 2 5  ? 15.593  -9.549  1.063   1.00 84.77  ? 5   A   B C6    1 
ATOM   778 N N6    . A   B 2 5  ? 15.795  -8.743  0.021   1.00 80.76  ? 5   A   B N6    1 
ATOM   779 N N1    . A   B 2 5  ? 14.763  -10.604 0.913   1.00 91.19  ? 5   A   B N1    1 
ATOM   780 C C2    . A   B 2 5  ? 14.556  -11.411 1.966   1.00 99.90  ? 5   A   B C2    1 
ATOM   781 N N3    . A   B 2 5  ? 15.070  -11.343 3.194   1.00 95.64  ? 5   A   B N3    1 
ATOM   782 C C4    . A   B 2 5  ? 15.899  -10.291 3.302   1.00 92.57  ? 5   A   B C4    1 
ATOM   783 P P     . G   B 2 6  ? 20.328  -13.317 5.685   1.00 112.81 ? 6   G   B P     1 
ATOM   784 O OP1   . G   B 2 6  ? 21.112  -14.259 6.516   1.00 114.06 ? 6   G   B OP1   1 
ATOM   785 O OP2   . G   B 2 6  ? 21.019  -12.433 4.715   1.00 108.91 ? 6   G   B OP2   1 
ATOM   786 O "O5'" . G   B 2 6  ? 19.225  -14.173 4.924   1.00 103.92 ? 6   G   B "O5'" 1 
ATOM   787 C "C5'" . G   B 2 6  ? 18.608  -15.280 5.588   1.00 100.03 ? 6   G   B "C5'" 1 
ATOM   788 C "C4'" . G   B 2 6  ? 17.593  -15.900 4.679   1.00 100.44 ? 6   G   B "C4'" 1 
ATOM   789 O "O4'" . G   B 2 6  ? 16.691  -14.878 4.196   1.00 102.46 ? 6   G   B "O4'" 1 
ATOM   790 C "C3'" . G   B 2 6  ? 18.149  -16.501 3.406   1.00 104.54 ? 6   G   B "C3'" 1 
ATOM   791 O "O3'" . G   B 2 6  ? 18.689  -17.773 3.688   1.00 116.74 ? 6   G   B "O3'" 1 
ATOM   792 C "C2'" . G   B 2 6  ? 16.915  -16.541 2.522   1.00 100.61 ? 6   G   B "C2'" 1 
ATOM   793 O "O2'" . G   B 2 6  ? 16.031  -17.628 2.726   1.00 93.79  ? 6   G   B "O2'" 1 
ATOM   794 C "C1'" . G   B 2 6  ? 16.282  -15.203 2.879   1.00 98.77  ? 6   G   B "C1'" 1 
ATOM   795 N N9    . G   B 2 6  ? 16.712  -14.134 1.989   1.00 96.54  ? 6   G   B N9    1 
ATOM   796 C C8    . G   B 2 6  ? 17.580  -13.101 2.256   1.00 92.97  ? 6   G   B C8    1 
ATOM   797 N N7    . G   B 2 6  ? 17.724  -12.282 1.250   1.00 92.42  ? 6   G   B N7    1 
ATOM   798 C C5    . G   B 2 6  ? 16.912  -12.813 0.256   1.00 91.00  ? 6   G   B C5    1 
ATOM   799 C C6    . G   B 2 6  ? 16.651  -12.353 -1.062  1.00 82.66  ? 6   G   B C6    1 
ATOM   800 O O6    . G   B 2 6  ? 17.124  -11.374 -1.641  1.00 85.44  ? 6   G   B O6    1 
ATOM   801 N N1    . G   B 2 6  ? 15.749  -13.180 -1.725  1.00 76.87  ? 6   G   B N1    1 
ATOM   802 C C2    . G   B 2 6  ? 15.174  -14.309 -1.191  1.00 82.21  ? 6   G   B C2    1 
ATOM   803 N N2    . G   B 2 6  ? 14.334  -14.985 -1.992  1.00 84.77  ? 6   G   B N2    1 
ATOM   804 N N3    . G   B 2 6  ? 15.410  -14.749 0.036   1.00 80.90  ? 6   G   B N3    1 
ATOM   805 C C4    . G   B 2 6  ? 16.278  -13.954 0.699   1.00 91.34  ? 6   G   B C4    1 
ATOM   806 P P     . C   B 2 7  ? 20.047  -18.204 3.015   1.00 117.38 ? 7   C   B P     1 
ATOM   807 O OP1   . C   B 2 7  ? 20.505  -19.436 3.704   1.00 102.79 ? 7   C   B OP1   1 
ATOM   808 O OP2   . C   B 2 7  ? 20.930  -17.003 2.981   1.00 112.71 ? 7   C   B OP2   1 
ATOM   809 O "O5'" . C   B 2 7  ? 19.594  -18.572 1.529   1.00 100.78 ? 7   C   B "O5'" 1 
ATOM   810 C "C5'" . C   B 2 7  ? 18.772  -19.724 1.275   1.00 92.70  ? 7   C   B "C5'" 1 
ATOM   811 C "C4'" . C   B 2 7  ? 18.030  -19.567 -0.030  1.00 97.04  ? 7   C   B "C4'" 1 
ATOM   812 O "O4'" . C   B 2 7  ? 17.366  -18.283 -0.078  1.00 94.61  ? 7   C   B "O4'" 1 
ATOM   813 C "C3'" . C   B 2 7  ? 18.891  -19.534 -1.276  1.00 108.75 ? 7   C   B "C3'" 1 
ATOM   814 O "O3'" . C   B 2 7  ? 19.485  -20.778 -1.594  1.00 126.63 ? 7   C   B "O3'" 1 
ATOM   815 C "C2'" . C   B 2 7  ? 17.951  -18.899 -2.296  1.00 98.06  ? 7   C   B "C2'" 1 
ATOM   816 O "O2'" . C   B 2 7  ? 16.960  -19.621 -3.002  1.00 78.10  ? 7   C   B "O2'" 1 
ATOM   817 C "C1'" . C   B 2 7  ? 17.303  -17.831 -1.425  1.00 92.56  ? 7   C   B "C1'" 1 
ATOM   818 N N1    . C   B 2 7  ? 18.015  -16.548 -1.534  1.00 90.45  ? 7   C   B N1    1 
ATOM   819 C C2    . C   B 2 7  ? 17.880  -15.823 -2.726  1.00 86.51  ? 7   C   B C2    1 
ATOM   820 O O2    . C   B 2 7  ? 17.182  -16.298 -3.643  1.00 73.55  ? 7   C   B O2    1 
ATOM   821 N N3    . C   B 2 7  ? 18.507  -14.625 -2.847  1.00 80.85  ? 7   C   B N3    1 
ATOM   822 C C4    . C   B 2 7  ? 19.249  -14.154 -1.836  1.00 84.89  ? 7   C   B C4    1 
ATOM   823 N N4    . C   B 2 7  ? 19.846  -12.969 -1.993  1.00 82.22  ? 7   C   B N4    1 
ATOM   824 C C5    . C   B 2 7  ? 19.411  -14.880 -0.617  1.00 84.84  ? 7   C   B C5    1 
ATOM   825 C C6    . C   B 2 7  ? 18.790  -16.064 -0.514  1.00 85.57  ? 7   C   B C6    1 
ATOM   826 P P     . A   B 2 8  ? 20.995  -20.793 -2.095  1.00 114.37 ? 8   A   B P     1 
ATOM   827 O OP1   . A   B 2 8  ? 21.479  -22.187 -1.988  1.00 129.02 ? 8   A   B OP1   1 
ATOM   828 O OP2   . A   B 2 8  ? 21.735  -19.695 -1.403  1.00 93.32  ? 8   A   B OP2   1 
ATOM   829 O "O5'" . A   B 2 8  ? 20.855  -20.384 -3.627  1.00 95.26  ? 8   A   B "O5'" 1 
ATOM   830 C "C5'" . A   B 2 8  ? 20.006  -21.118 -4.521  1.00 92.31  ? 8   A   B "C5'" 1 
ATOM   831 C "C4'" . A   B 2 8  ? 19.746  -20.283 -5.747  1.00 101.12 ? 8   A   B "C4'" 1 
ATOM   832 O "O4'" . A   B 2 8  ? 19.106  -19.040 -5.358  1.00 99.44  ? 8   A   B "O4'" 1 
ATOM   833 C "C3'" . A   B 2 8  ? 20.977  -19.810 -6.518  1.00 104.01 ? 8   A   B "C3'" 1 
ATOM   834 O "O3'" . A   B 2 8  ? 21.538  -20.828 -7.325  1.00 118.73 ? 8   A   B "O3'" 1 
ATOM   835 C "C2'" . A   B 2 8  ? 20.413  -18.626 -7.290  1.00 95.84  ? 8   A   B "C2'" 1 
ATOM   836 O "O2'" . A   B 2 8  ? 19.558  -18.836 -8.398  1.00 82.97  ? 8   A   B "O2'" 1 
ATOM   837 C "C1'" . A   B 2 8  ? 19.564  -17.992 -6.201  1.00 92.14  ? 8   A   B "C1'" 1 
ATOM   838 N N9    . A   B 2 8  ? 20.327  -17.037 -5.405  1.00 84.56  ? 8   A   B N9    1 
ATOM   839 C C8    . A   B 2 8  ? 20.839  -17.103 -4.128  1.00 80.50  ? 8   A   B C8    1 
ATOM   840 N N7    . A   B 2 8  ? 21.451  -16.005 -3.748  1.00 74.65  ? 8   A   B N7    1 
ATOM   841 C C5    . A   B 2 8  ? 21.331  -15.162 -4.846  1.00 76.11  ? 8   A   B C5    1 
ATOM   842 C C6    . A   B 2 8  ? 21.769  -13.846 -5.083  1.00 74.13  ? 8   A   B C6    1 
ATOM   843 N N6    . A   B 2 8  ? 22.432  -13.115 -4.187  1.00 70.50  ? 8   A   B N6    1 
ATOM   844 N N1    . A   B 2 8  ? 21.512  -13.308 -6.298  1.00 76.98  ? 8   A   B N1    1 
ATOM   845 C C2    . A   B 2 8  ? 20.840  -14.043 -7.199  1.00 77.07  ? 8   A   B C2    1 
ATOM   846 N N3    . A   B 2 8  ? 20.374  -15.287 -7.091  1.00 68.71  ? 8   A   B N3    1 
ATOM   847 C C4    . A   B 2 8  ? 20.651  -15.790 -5.876  1.00 74.92  ? 8   A   B C4    1 
ATOM   848 P P     . G   B 2 9  ? 23.121  -20.948 -7.499  1.00 110.38 ? 9   G   B P     1 
ATOM   849 O OP1   . G   B 2 9  ? 23.370  -22.262 -8.154  1.00 102.95 ? 9   G   B OP1   1 
ATOM   850 O OP2   . G   B 2 9  ? 23.785  -20.626 -6.203  1.00 86.48  ? 9   G   B OP2   1 
ATOM   851 O "O5'" . G   B 2 9  ? 23.448  -19.758 -8.504  1.00 102.84 ? 9   G   B "O5'" 1 
ATOM   852 C "C5'" . G   B 2 9  ? 22.914  -19.742 -9.846  1.00 104.56 ? 9   G   B "C5'" 1 
ATOM   853 C "C4'" . G   B 2 9  ? 23.168  -18.384 -10.444 1.00 117.98 ? 9   G   B "C4'" 1 
ATOM   854 O "O4'" . G   B 2 9  ? 22.746  -17.371 -9.496  1.00 126.42 ? 9   G   B "O4'" 1 
ATOM   855 C "C3'" . G   B 2 9  ? 24.631  -18.044 -10.685 1.00 128.29 ? 9   G   B "C3'" 1 
ATOM   856 O "O3'" . G   B 2 9  ? 25.095  -18.602 -11.911 1.00 145.44 ? 9   G   B "O3'" 1 
ATOM   857 C "C2'" . G   B 2 9  ? 24.623  -16.516 -10.693 1.00 119.14 ? 9   G   B "C2'" 1 
ATOM   858 O "O2'" . G   B 2 9  ? 24.377  -15.947 -11.963 1.00 124.94 ? 9   G   B "O2'" 1 
ATOM   859 C "C1'" . G   B 2 9  ? 23.501  -16.190 -9.700  1.00 104.71 ? 9   G   B "C1'" 1 
ATOM   860 N N9    . G   B 2 9  ? 24.002  -15.705 -8.416  1.00 88.33  ? 9   G   B N9    1 
ATOM   861 C C8    . G   B 2 9  ? 24.228  -16.419 -7.259  1.00 87.22  ? 9   G   B C8    1 
ATOM   862 N N7    . G   B 2 9  ? 24.718  -15.687 -6.293  1.00 78.68  ? 9   G   B N7    1 
ATOM   863 C C5    . G   B 2 9  ? 24.830  -14.417 -6.848  1.00 77.93  ? 9   G   B C5    1 
ATOM   864 C C6    . G   B 2 9  ? 25.326  -13.199 -6.288  1.00 73.25  ? 9   G   B C6    1 
ATOM   865 O O6    . G   B 2 9  ? 25.771  -12.995 -5.151  1.00 64.17  ? 9   G   B O6    1 
ATOM   866 N N1    . G   B 2 9  ? 25.270  -12.154 -7.205  1.00 70.04  ? 9   G   B N1    1 
ATOM   867 C C2    . G   B 2 9  ? 24.822  -12.265 -8.501  1.00 76.07  ? 9   G   B C2    1 
ATOM   868 N N2    . G   B 2 9  ? 24.858  -11.149 -9.236  1.00 76.18  ? 9   G   B N2    1 
ATOM   869 N N3    . G   B 2 9  ? 24.369  -13.390 -9.037  1.00 74.46  ? 9   G   B N3    1 
ATOM   870 C C4    . G   B 2 9  ? 24.394  -14.415 -8.158  1.00 79.46  ? 9   G   B C4    1 
HETATM 871 N N9A   . GP3 C 3 .  ? 1.693   1.281   -7.262  1.00 63.43  ? 101 GP3 A N9A   1 
HETATM 872 C C8A   . GP3 C 3 .  ? 1.340   0.248   -6.494  1.00 62.18  ? 101 GP3 A C8A   1 
HETATM 873 N N7A   . GP3 C 3 .  ? 1.631   0.500   -5.217  1.00 61.25  ? 101 GP3 A N7A   1 
HETATM 874 C C5A   . GP3 C 3 .  ? 2.168   1.710   -5.183  1.00 63.60  ? 101 GP3 A C5A   1 
HETATM 875 C C6A   . GP3 C 3 .  ? 2.621   2.408   -4.144  1.00 64.65  ? 101 GP3 A C6A   1 
HETATM 876 O O6A   . GP3 C 3 .  ? 2.592   1.938   -2.995  1.00 61.24  ? 101 GP3 A O6A   1 
HETATM 877 N N1A   . GP3 C 3 .  ? 3.148   3.684   -4.406  1.00 64.72  ? 101 GP3 A N1A   1 
HETATM 878 C C2A   . GP3 C 3 .  ? 3.181   4.163   -5.726  1.00 63.51  ? 101 GP3 A C2A   1 
HETATM 879 N N2A   . GP3 C 3 .  ? 3.661   5.353   -5.993  1.00 66.42  ? 101 GP3 A N2A   1 
HETATM 880 N N3A   . GP3 C 3 .  ? 2.702   3.426   -6.732  1.00 62.72  ? 101 GP3 A N3A   1 
HETATM 881 C C4A   . GP3 C 3 .  ? 2.205   2.202   -6.449  1.00 65.39  ? 101 GP3 A C4A   1 
HETATM 882 O O5D   . GP3 C 3 .  ? 1.395   -2.163  -8.714  1.00 66.55  ? 101 GP3 A O5D   1 
HETATM 883 C C5D   . GP3 C 3 .  ? 1.092   -1.876  -10.078 1.00 66.75  ? 101 GP3 A C5D   1 
HETATM 884 C C4D   . GP3 C 3 .  ? 1.393   -0.370  -10.247 1.00 71.72  ? 101 GP3 A C4D   1 
HETATM 885 O O4D   . GP3 C 3 .  ? 0.744   0.349   -9.167  1.00 67.41  ? 101 GP3 A O4D   1 
HETATM 886 C C3D   . GP3 C 3 .  ? 2.863   -0.017  -10.078 1.00 74.00  ? 101 GP3 A C3D   1 
HETATM 887 O O3D   . GP3 C 3 .  ? 3.548   -0.134  -11.353 1.00 70.29  ? 101 GP3 A O3D   1 
HETATM 888 C C2D   . GP3 C 3 .  ? 2.767   1.434   -9.572  1.00 73.19  ? 101 GP3 A C2D   1 
HETATM 889 O O2D   . GP3 C 3 .  ? 2.596   2.357   -10.675 1.00 76.13  ? 101 GP3 A O2D   1 
HETATM 890 C C1D   . GP3 C 3 .  ? 1.516   1.456   -8.729  1.00 65.88  ? 101 GP3 A C1D   1 
HETATM 891 P PA    . GP3 C 3 .  ? 1.940   -3.575  -8.190  1.00 81.29  ? 101 GP3 A PA    1 
HETATM 892 O O1A   . GP3 C 3 .  ? 1.242   -4.783  -8.677  1.00 71.67  ? 101 GP3 A O1A   1 
HETATM 893 O O2A   . GP3 C 3 .  ? 2.402   -3.541  -6.779  1.00 72.64  ? 101 GP3 A O2A   1 
HETATM 894 O O3A   . GP3 C 3 .  ? 3.225   -3.079  -9.027  1.00 108.63 ? 101 GP3 A O3A   1 
HETATM 895 P PB    . GP3 C 3 .  ? 4.452   -3.980  -9.467  1.00 112.38 ? 101 GP3 A PB    1 
HETATM 896 O O1B   . GP3 C 3 .  ? 4.210   -4.552  -10.897 1.00 96.28  ? 101 GP3 A O1B   1 
HETATM 897 O O2B   . GP3 C 3 .  ? 4.972   -4.938  -8.454  1.00 102.40 ? 101 GP3 A O2B   1 
HETATM 898 O O3B   . GP3 C 3 .  ? 5.259   -2.549  -9.520  1.00 91.19  ? 101 GP3 A O3B   1 
HETATM 899 P PG    . GP3 C 3 .  ? 6.497   -2.178  -8.438  1.00 82.56  ? 101 GP3 A PG    1 
HETATM 900 O O1G   . GP3 C 3 .  ? 6.496   -2.653  -7.081  1.00 74.06  ? 101 GP3 A O1G   1 
HETATM 901 O O2G   . GP3 C 3 .  ? 7.692   -2.377  -9.287  1.00 93.46  ? 101 GP3 A O2G   1 
HETATM 902 O O5E   . GP3 C 3 .  ? 6.364   -0.594  -8.472  1.00 66.96  ? 101 GP3 A O5E   1 
HETATM 903 C C5E   . GP3 C 3 .  ? 7.515   0.113   -8.848  1.00 75.96  ? 101 GP3 A C5E   1 
HETATM 904 C C4E   . GP3 C 3 .  ? 7.237   1.592   -8.778  1.00 82.53  ? 101 GP3 A C4E   1 
HETATM 905 O O4E   . GP3 C 3 .  ? 5.950   1.841   -8.215  1.00 86.91  ? 101 GP3 A O4E   1 
HETATM 906 C C3E   . GP3 C 3 .  ? 8.215   2.215   -7.833  1.00 87.93  ? 101 GP3 A C3E   1 
HETATM 907 O O3E   . GP3 C 3 .  ? 9.433   2.433   -8.536  1.00 92.05  ? 101 GP3 A O3E   1 
HETATM 908 C C2E   . GP3 C 3 .  ? 7.473   3.481   -7.444  1.00 86.95  ? 101 GP3 A C2E   1 
HETATM 909 O O2E   . GP3 C 3 .  ? 7.391   4.400   -8.520  1.00 77.97  ? 101 GP3 A O2E   1 
HETATM 910 C C1E   . GP3 C 3 .  ? 6.083   2.872   -7.181  1.00 88.16  ? 101 GP3 A C1E   1 
HETATM 911 N N9B   . GP3 C 3 .  ? 5.923   2.200   -5.837  1.00 78.24  ? 101 GP3 A N9B   1 
HETATM 912 C C8B   . GP3 C 3 .  ? 5.454   0.971   -5.666  1.00 75.00  ? 101 GP3 A C8B   1 
HETATM 913 N N7B   . GP3 C 3 .  ? 5.460   0.681   -4.374  1.00 76.25  ? 101 GP3 A N7B   1 
HETATM 914 C C5B   . GP3 C 3 .  ? 5.939   1.728   -3.728  1.00 76.90  ? 101 GP3 A C5B   1 
HETATM 915 C C6B   . GP3 C 3 .  ? 6.129   1.930   -2.426  1.00 75.74  ? 101 GP3 A C6B   1 
HETATM 916 O O6B   . GP3 C 3 .  ? 5.852   1.067   -1.586  1.00 77.71  ? 101 GP3 A O6B   1 
HETATM 917 N N1B   . GP3 C 3 .  ? 6.658   3.143   -2.022  1.00 73.77  ? 101 GP3 A N1B   1 
HETATM 918 C C2B   . GP3 C 3 .  ? 6.955   4.108   -2.970  1.00 76.26  ? 101 GP3 A C2B   1 
HETATM 919 N N2B   . GP3 C 3 .  ? 7.446   5.282   -2.598  1.00 82.19  ? 101 GP3 A N2B   1 
HETATM 920 N N3B   . GP3 C 3 .  ? 6.719   3.853   -4.257  1.00 79.63  ? 101 GP3 A N3B   1 
HETATM 921 C C4B   . GP3 C 3 .  ? 6.222   2.670   -4.632  1.00 77.00  ? 101 GP3 A C4B   1 
HETATM 922 O O     . HOH D 4 .  ? -2.108  10.661  3.483   1.00 82.69  ? 201 HOH A O     1 
HETATM 923 O O     . HOH E 4 .  ? 23.204  -26.400 -9.668  1.00 73.05  ? 101 HOH B O     1 
# 
loop_
_pdbx_poly_seq_scheme.asym_id 
_pdbx_poly_seq_scheme.entity_id 
_pdbx_poly_seq_scheme.seq_id 
_pdbx_poly_seq_scheme.mon_id 
_pdbx_poly_seq_scheme.ndb_seq_num 
_pdbx_poly_seq_scheme.pdb_seq_num 
_pdbx_poly_seq_scheme.auth_seq_num 
_pdbx_poly_seq_scheme.pdb_mon_id 
_pdbx_poly_seq_scheme.auth_mon_id 
_pdbx_poly_seq_scheme.pdb_strand_id 
_pdbx_poly_seq_scheme.pdb_ins_code 
_pdbx_poly_seq_scheme.hetero 
A 1 1  C 1  1  1  C C A . n 
A 1 2  U 2  2  2  U U A . n 
A 1 3  G 3  3  3  G G A . n 
A 1 4  C 4  4  4  C C A . n 
A 1 5  U 5  5  5  U U A . n 
A 1 6  G 6  6  6  G G A . n 
A 1 7  C 7  7  7  C C A . n 
A 1 8  U 8  8  8  U U A . n 
A 1 9  G 9  9  9  G G A . n 
A 1 10 C 10 10 10 C C A . n 
A 1 11 C 11 11 11 C C A . n 
A 1 12 G 12 12 12 G G A . n 
A 1 13 C 13 13 13 C C A . n 
A 1 14 U 14 14 14 U U A . n 
A 1 15 A 15 15 15 A A A . n 
A 1 16 A 16 16 16 A A A . n 
A 1 17 G 17 17 17 G G A . n 
A 1 18 G 18 18 18 G G A . n 
A 1 19 A 19 19 19 A A A . n 
A 1 20 U 20 20 20 U U A . n 
A 1 21 G 21 21 21 G G A . n 
A 1 22 A 22 22 22 A A A . n 
A 1 23 A 23 23 23 A A A . n 
A 1 24 A 24 24 24 A A A . n 
A 1 25 G 25 25 25 G G A . n 
A 1 26 U 26 26 26 U U A . n 
A 1 27 C 27 27 27 C C A . n 
A 1 28 U 28 28 28 U U A . n 
A 1 29 A 29 29 29 A A A . n 
A 1 30 U 30 30 30 U U A . n 
A 1 31 G 31 31 31 G G A . n 
A 1 32 C 32 32 32 C C A . n 
B 2 1  C 1  1  1  C C B . n 
B 2 2  A 2  2  2  A A B . n 
B 2 3  G 3  3  3  G G B . n 
B 2 4  C 4  4  4  C C B . n 
B 2 5  A 5  5  5  A A B . n 
B 2 6  G 6  6  6  G G B . n 
B 2 7  C 7  7  7  C C B . n 
B 2 8  A 8  8  8  A A B . n 
B 2 9  G 9  9  9  G G B . n 
# 
loop_
_pdbx_nonpoly_scheme.asym_id 
_pdbx_nonpoly_scheme.entity_id 
_pdbx_nonpoly_scheme.mon_id 
_pdbx_nonpoly_scheme.ndb_seq_num 
_pdbx_nonpoly_scheme.pdb_seq_num 
_pdbx_nonpoly_scheme.auth_seq_num 
_pdbx_nonpoly_scheme.pdb_mon_id 
_pdbx_nonpoly_scheme.auth_mon_id 
_pdbx_nonpoly_scheme.pdb_strand_id 
_pdbx_nonpoly_scheme.pdb_ins_code 
C 3 GP3 1 101 1 GP3 GP3 A . 
D 4 HOH 1 201 1 HOH HOH A . 
E 4 HOH 1 101 2 HOH HOH B . 
# 
_pdbx_struct_assembly.id                   1 
_pdbx_struct_assembly.details              author_and_software_defined_assembly 
_pdbx_struct_assembly.method_details       PISA 
_pdbx_struct_assembly.oligomeric_details   dimeric 
_pdbx_struct_assembly.oligomeric_count     2 
# 
_pdbx_struct_assembly_gen.assembly_id       1 
_pdbx_struct_assembly_gen.oper_expression   1 
_pdbx_struct_assembly_gen.asym_id_list      A,B,C,D,E 
# 
loop_
_pdbx_struct_assembly_prop.biol_id 
_pdbx_struct_assembly_prop.type 
_pdbx_struct_assembly_prop.value 
_pdbx_struct_assembly_prop.details 
1 'ABSA (A^2)' 1540 ? 
1 MORE         1    ? 
1 'SSA (A^2)'  7510 ? 
# 
_pdbx_struct_oper_list.id                   1 
_pdbx_struct_oper_list.type                 'identity operation' 
_pdbx_struct_oper_list.name                 1_555 
_pdbx_struct_oper_list.symmetry_operation   x,y,z 
_pdbx_struct_oper_list.matrix[1][1]         1.0000000000 
_pdbx_struct_oper_list.matrix[1][2]         0.0000000000 
_pdbx_struct_oper_list.matrix[1][3]         0.0000000000 
_pdbx_struct_oper_list.vector[1]            0.0000000000 
_pdbx_struct_oper_list.matrix[2][1]         0.0000000000 
_pdbx_struct_oper_list.matrix[2][2]         1.0000000000 
_pdbx_struct_oper_list.matrix[2][3]         0.0000000000 
_pdbx_struct_oper_list.vector[2]            0.0000000000 
_pdbx_struct_oper_list.matrix[3][1]         0.0000000000 
_pdbx_struct_oper_list.matrix[3][2]         0.0000000000 
_pdbx_struct_oper_list.matrix[3][3]         1.0000000000 
_pdbx_struct_oper_list.vector[3]            0.0000000000 
# 
loop_
_pdbx_audit_revision_history.ordinal 
_pdbx_audit_revision_history.data_content_type 
_pdbx_audit_revision_history.major_revision 
_pdbx_audit_revision_history.minor_revision 
_pdbx_audit_revision_history.revision_date 
1 'Structure model' 1 0 2018-02-21 
2 'Structure model' 1 1 2018-03-14 
3 'Structure model' 1 2 2023-10-04 
# 
_pdbx_audit_revision_details.ordinal             1 
_pdbx_audit_revision_details.revision_ordinal    1 
_pdbx_audit_revision_details.data_content_type   'Structure model' 
_pdbx_audit_revision_details.provider            repository 
_pdbx_audit_revision_details.type                'Initial release' 
_pdbx_audit_revision_details.description         ? 
_pdbx_audit_revision_details.details             ? 
# 
loop_
_pdbx_audit_revision_group.ordinal 
_pdbx_audit_revision_group.revision_ordinal 
_pdbx_audit_revision_group.data_content_type 
_pdbx_audit_revision_group.group 
1 2 'Structure model' 'Database references'    
2 3 'Structure model' 'Data collection'        
3 3 'Structure model' 'Database references'    
4 3 'Structure model' 'Refinement description' 
# 
loop_
_pdbx_audit_revision_category.ordinal 
_pdbx_audit_revision_category.revision_ordinal 
_pdbx_audit_revision_category.data_content_type 
_pdbx_audit_revision_category.category 
1 2 'Structure model' citation                      
2 3 'Structure model' chem_comp_atom                
3 3 'Structure model' chem_comp_bond                
4 3 'Structure model' database_2                    
5 3 'Structure model' pdbx_initial_refinement_model 
6 3 'Structure model' refine_hist                   
# 
loop_
_pdbx_audit_revision_item.ordinal 
_pdbx_audit_revision_item.revision_ordinal 
_pdbx_audit_revision_item.data_content_type 
_pdbx_audit_revision_item.item 
1 2 'Structure model' '_citation.journal_volume'            
2 2 'Structure model' '_citation.page_first'                
3 2 'Structure model' '_citation.page_last'                 
4 2 'Structure model' '_citation.title'                     
5 3 'Structure model' '_database_2.pdbx_DOI'                
6 3 'Structure model' '_database_2.pdbx_database_accession' 
7 3 'Structure model' '_refine_hist.d_res_low'              
# 
loop_
_software.citation_id 
_software.classification 
_software.compiler_name 
_software.compiler_version 
_software.contact_author 
_software.contact_author_email 
_software.date 
_software.description 
_software.dependencies 
_software.hardware 
_software.language 
_software.location 
_software.mods 
_software.name 
_software.os 
_software.os_version 
_software.type 
_software.version 
_software.pdbx_ordinal 
? refinement       ? ? ? ? ? ? ? ? ? ? ? REFMAC   ? ? ? 5.8.0158 1 
? 'data reduction' ? ? ? ? ? ? ? ? ? ? ? HKL-2000 ? ? ? v1.0     2 
? 'data scaling'   ? ? ? ? ? ? ? ? ? ? ? HKL-2000 ? ? ? v1.0     3 
? phasing          ? ? ? ? ? ? ? ? ? ? ? REFMAC   ? ? ? 5.8.0158 4 
# 
loop_
_pdbx_validate_rmsd_bond.id 
_pdbx_validate_rmsd_bond.PDB_model_num 
_pdbx_validate_rmsd_bond.auth_atom_id_1 
_pdbx_validate_rmsd_bond.auth_asym_id_1 
_pdbx_validate_rmsd_bond.auth_comp_id_1 
_pdbx_validate_rmsd_bond.auth_seq_id_1 
_pdbx_validate_rmsd_bond.PDB_ins_code_1 
_pdbx_validate_rmsd_bond.label_alt_id_1 
_pdbx_validate_rmsd_bond.auth_atom_id_2 
_pdbx_validate_rmsd_bond.auth_asym_id_2 
_pdbx_validate_rmsd_bond.auth_comp_id_2 
_pdbx_validate_rmsd_bond.auth_seq_id_2 
_pdbx_validate_rmsd_bond.PDB_ins_code_2 
_pdbx_validate_rmsd_bond.label_alt_id_2 
_pdbx_validate_rmsd_bond.bond_value 
_pdbx_validate_rmsd_bond.bond_target_value 
_pdbx_validate_rmsd_bond.bond_deviation 
_pdbx_validate_rmsd_bond.bond_standard_deviation 
_pdbx_validate_rmsd_bond.linker_flag 
1 1 "O3'" A A 24 ? ? P A G 25 ? ? 1.525 1.607 -0.082 0.012 Y 
2 1 "O3'" A G 25 ? ? P A U 26 ? ? 1.694 1.607 0.087  0.012 Y 
# 
_pdbx_validate_rmsd_angle.id                         1 
_pdbx_validate_rmsd_angle.PDB_model_num              1 
_pdbx_validate_rmsd_angle.auth_atom_id_1             "C2'" 
_pdbx_validate_rmsd_angle.auth_asym_id_1             A 
_pdbx_validate_rmsd_angle.auth_comp_id_1             G 
_pdbx_validate_rmsd_angle.auth_seq_id_1              21 
_pdbx_validate_rmsd_angle.PDB_ins_code_1             ? 
_pdbx_validate_rmsd_angle.label_alt_id_1             ? 
_pdbx_validate_rmsd_angle.auth_atom_id_2             "C3'" 
_pdbx_validate_rmsd_angle.auth_asym_id_2             A 
_pdbx_validate_rmsd_angle.auth_comp_id_2             G 
_pdbx_validate_rmsd_angle.auth_seq_id_2              21 
_pdbx_validate_rmsd_angle.PDB_ins_code_2             ? 
_pdbx_validate_rmsd_angle.label_alt_id_2             ? 
_pdbx_validate_rmsd_angle.auth_atom_id_3             "O3'" 
_pdbx_validate_rmsd_angle.auth_asym_id_3             A 
_pdbx_validate_rmsd_angle.auth_comp_id_3             G 
_pdbx_validate_rmsd_angle.auth_seq_id_3              21 
_pdbx_validate_rmsd_angle.PDB_ins_code_3             ? 
_pdbx_validate_rmsd_angle.label_alt_id_3             ? 
_pdbx_validate_rmsd_angle.angle_value                129.65 
_pdbx_validate_rmsd_angle.angle_target_value         113.70 
_pdbx_validate_rmsd_angle.angle_deviation            15.95 
_pdbx_validate_rmsd_angle.angle_standard_deviation   1.60 
_pdbx_validate_rmsd_angle.linker_flag                N 
# 
loop_
_chem_comp_atom.comp_id 
_chem_comp_atom.atom_id 
_chem_comp_atom.type_symbol 
_chem_comp_atom.pdbx_aromatic_flag 
_chem_comp_atom.pdbx_stereo_config 
_chem_comp_atom.pdbx_ordinal 
A   OP3    O N N 1   
A   P      P N N 2   
A   OP1    O N N 3   
A   OP2    O N N 4   
A   "O5'"  O N N 5   
A   "C5'"  C N N 6   
A   "C4'"  C N R 7   
A   "O4'"  O N N 8   
A   "C3'"  C N S 9   
A   "O3'"  O N N 10  
A   "C2'"  C N R 11  
A   "O2'"  O N N 12  
A   "C1'"  C N R 13  
A   N9     N Y N 14  
A   C8     C Y N 15  
A   N7     N Y N 16  
A   C5     C Y N 17  
A   C6     C Y N 18  
A   N6     N N N 19  
A   N1     N Y N 20  
A   C2     C Y N 21  
A   N3     N Y N 22  
A   C4     C Y N 23  
A   HOP3   H N N 24  
A   HOP2   H N N 25  
A   "H5'"  H N N 26  
A   "H5''" H N N 27  
A   "H4'"  H N N 28  
A   "H3'"  H N N 29  
A   "HO3'" H N N 30  
A   "H2'"  H N N 31  
A   "HO2'" H N N 32  
A   "H1'"  H N N 33  
A   H8     H N N 34  
A   H61    H N N 35  
A   H62    H N N 36  
A   H2     H N N 37  
C   OP3    O N N 38  
C   P      P N N 39  
C   OP1    O N N 40  
C   OP2    O N N 41  
C   "O5'"  O N N 42  
C   "C5'"  C N N 43  
C   "C4'"  C N R 44  
C   "O4'"  O N N 45  
C   "C3'"  C N S 46  
C   "O3'"  O N N 47  
C   "C2'"  C N R 48  
C   "O2'"  O N N 49  
C   "C1'"  C N R 50  
C   N1     N N N 51  
C   C2     C N N 52  
C   O2     O N N 53  
C   N3     N N N 54  
C   C4     C N N 55  
C   N4     N N N 56  
C   C5     C N N 57  
C   C6     C N N 58  
C   HOP3   H N N 59  
C   HOP2   H N N 60  
C   "H5'"  H N N 61  
C   "H5''" H N N 62  
C   "H4'"  H N N 63  
C   "H3'"  H N N 64  
C   "HO3'" H N N 65  
C   "H2'"  H N N 66  
C   "HO2'" H N N 67  
C   "H1'"  H N N 68  
C   H41    H N N 69  
C   H42    H N N 70  
C   H5     H N N 71  
C   H6     H N N 72  
G   OP3    O N N 73  
G   P      P N N 74  
G   OP1    O N N 75  
G   OP2    O N N 76  
G   "O5'"  O N N 77  
G   "C5'"  C N N 78  
G   "C4'"  C N R 79  
G   "O4'"  O N N 80  
G   "C3'"  C N S 81  
G   "O3'"  O N N 82  
G   "C2'"  C N R 83  
G   "O2'"  O N N 84  
G   "C1'"  C N R 85  
G   N9     N Y N 86  
G   C8     C Y N 87  
G   N7     N Y N 88  
G   C5     C Y N 89  
G   C6     C N N 90  
G   O6     O N N 91  
G   N1     N N N 92  
G   C2     C N N 93  
G   N2     N N N 94  
G   N3     N N N 95  
G   C4     C Y N 96  
G   HOP3   H N N 97  
G   HOP2   H N N 98  
G   "H5'"  H N N 99  
G   "H5''" H N N 100 
G   "H4'"  H N N 101 
G   "H3'"  H N N 102 
G   "HO3'" H N N 103 
G   "H2'"  H N N 104 
G   "HO2'" H N N 105 
G   "H1'"  H N N 106 
G   H8     H N N 107 
G   H1     H N N 108 
G   H21    H N N 109 
G   H22    H N N 110 
GP3 N9A    N Y N 111 
GP3 C8A    C Y N 112 
GP3 N7A    N Y N 113 
GP3 C5A    C Y N 114 
GP3 C6A    C N N 115 
GP3 O6A    O N N 116 
GP3 N1A    N N N 117 
GP3 C2A    C N N 118 
GP3 N2A    N N N 119 
GP3 N3A    N N N 120 
GP3 C4A    C Y N 121 
GP3 O5D    O N N 122 
GP3 C5D    C N N 123 
GP3 C4D    C N R 124 
GP3 O4D    O N N 125 
GP3 C3D    C N S 126 
GP3 O3D    O N N 127 
GP3 C2D    C N R 128 
GP3 O2D    O N N 129 
GP3 C1D    C N R 130 
GP3 PA     P N R 131 
GP3 O1A    O N N 132 
GP3 O2A    O N N 133 
GP3 O3A    O N N 134 
GP3 PB     P N N 135 
GP3 O1B    O N N 136 
GP3 O2B    O N N 137 
GP3 O3B    O N N 138 
GP3 PG     P N R 139 
GP3 O1G    O N N 140 
GP3 O2G    O N N 141 
GP3 O5E    O N N 142 
GP3 C5E    C N N 143 
GP3 C4E    C N R 144 
GP3 O4E    O N N 145 
GP3 C3E    C N S 146 
GP3 O3E    O N N 147 
GP3 C2E    C N R 148 
GP3 O2E    O N N 149 
GP3 C1E    C N R 150 
GP3 N9B    N Y N 151 
GP3 C8B    C Y N 152 
GP3 N7B    N Y N 153 
GP3 C5B    C Y N 154 
GP3 C6B    C N N 155 
GP3 O6B    O N N 156 
GP3 N1B    N N N 157 
GP3 C2B    C N N 158 
GP3 N2B    N N N 159 
GP3 N3B    N N N 160 
GP3 C4B    C Y N 161 
GP3 H8A    H N N 162 
GP3 H1A    H N N 163 
GP3 H21A   H N N 164 
GP3 H22A   H N N 165 
GP3 H51A   H N N 166 
GP3 H52A   H N N 167 
GP3 H4D    H N N 168 
GP3 H3D    H N N 169 
GP3 HO3A   H N N 170 
GP3 H2D    H N N 171 
GP3 HO2A   H N N 172 
GP3 H1D    H N N 173 
GP3 HOA2   H N N 174 
GP3 HOB2   H N N 175 
GP3 HOG2   H N N 176 
GP3 H51B   H N N 177 
GP3 H52B   H N N 178 
GP3 H4E    H N N 179 
GP3 H3E    H N N 180 
GP3 HO3B   H N N 181 
GP3 H2E    H N N 182 
GP3 HO2B   H N N 183 
GP3 H1E    H N N 184 
GP3 H8B    H N N 185 
GP3 H1B    H N N 186 
GP3 H21B   H N N 187 
GP3 H22B   H N N 188 
HOH O      O N N 189 
HOH H1     H N N 190 
HOH H2     H N N 191 
U   OP3    O N N 192 
U   P      P N N 193 
U   OP1    O N N 194 
U   OP2    O N N 195 
U   "O5'"  O N N 196 
U   "C5'"  C N N 197 
U   "C4'"  C N R 198 
U   "O4'"  O N N 199 
U   "C3'"  C N S 200 
U   "O3'"  O N N 201 
U   "C2'"  C N R 202 
U   "O2'"  O N N 203 
U   "C1'"  C N R 204 
U   N1     N N N 205 
U   C2     C N N 206 
U   O2     O N N 207 
U   N3     N N N 208 
U   C4     C N N 209 
U   O4     O N N 210 
U   C5     C N N 211 
U   C6     C N N 212 
U   HOP3   H N N 213 
U   HOP2   H N N 214 
U   "H5'"  H N N 215 
U   "H5''" H N N 216 
U   "H4'"  H N N 217 
U   "H3'"  H N N 218 
U   "HO3'" H N N 219 
U   "H2'"  H N N 220 
U   "HO2'" H N N 221 
U   "H1'"  H N N 222 
U   H3     H N N 223 
U   H5     H N N 224 
U   H6     H N N 225 
# 
loop_
_chem_comp_bond.comp_id 
_chem_comp_bond.atom_id_1 
_chem_comp_bond.atom_id_2 
_chem_comp_bond.value_order 
_chem_comp_bond.pdbx_aromatic_flag 
_chem_comp_bond.pdbx_stereo_config 
_chem_comp_bond.pdbx_ordinal 
A   OP3   P      sing N N 1   
A   OP3   HOP3   sing N N 2   
A   P     OP1    doub N N 3   
A   P     OP2    sing N N 4   
A   P     "O5'"  sing N N 5   
A   OP2   HOP2   sing N N 6   
A   "O5'" "C5'"  sing N N 7   
A   "C5'" "C4'"  sing N N 8   
A   "C5'" "H5'"  sing N N 9   
A   "C5'" "H5''" sing N N 10  
A   "C4'" "O4'"  sing N N 11  
A   "C4'" "C3'"  sing N N 12  
A   "C4'" "H4'"  sing N N 13  
A   "O4'" "C1'"  sing N N 14  
A   "C3'" "O3'"  sing N N 15  
A   "C3'" "C2'"  sing N N 16  
A   "C3'" "H3'"  sing N N 17  
A   "O3'" "HO3'" sing N N 18  
A   "C2'" "O2'"  sing N N 19  
A   "C2'" "C1'"  sing N N 20  
A   "C2'" "H2'"  sing N N 21  
A   "O2'" "HO2'" sing N N 22  
A   "C1'" N9     sing N N 23  
A   "C1'" "H1'"  sing N N 24  
A   N9    C8     sing Y N 25  
A   N9    C4     sing Y N 26  
A   C8    N7     doub Y N 27  
A   C8    H8     sing N N 28  
A   N7    C5     sing Y N 29  
A   C5    C6     sing Y N 30  
A   C5    C4     doub Y N 31  
A   C6    N6     sing N N 32  
A   C6    N1     doub Y N 33  
A   N6    H61    sing N N 34  
A   N6    H62    sing N N 35  
A   N1    C2     sing Y N 36  
A   C2    N3     doub Y N 37  
A   C2    H2     sing N N 38  
A   N3    C4     sing Y N 39  
C   OP3   P      sing N N 40  
C   OP3   HOP3   sing N N 41  
C   P     OP1    doub N N 42  
C   P     OP2    sing N N 43  
C   P     "O5'"  sing N N 44  
C   OP2   HOP2   sing N N 45  
C   "O5'" "C5'"  sing N N 46  
C   "C5'" "C4'"  sing N N 47  
C   "C5'" "H5'"  sing N N 48  
C   "C5'" "H5''" sing N N 49  
C   "C4'" "O4'"  sing N N 50  
C   "C4'" "C3'"  sing N N 51  
C   "C4'" "H4'"  sing N N 52  
C   "O4'" "C1'"  sing N N 53  
C   "C3'" "O3'"  sing N N 54  
C   "C3'" "C2'"  sing N N 55  
C   "C3'" "H3'"  sing N N 56  
C   "O3'" "HO3'" sing N N 57  
C   "C2'" "O2'"  sing N N 58  
C   "C2'" "C1'"  sing N N 59  
C   "C2'" "H2'"  sing N N 60  
C   "O2'" "HO2'" sing N N 61  
C   "C1'" N1     sing N N 62  
C   "C1'" "H1'"  sing N N 63  
C   N1    C2     sing N N 64  
C   N1    C6     sing N N 65  
C   C2    O2     doub N N 66  
C   C2    N3     sing N N 67  
C   N3    C4     doub N N 68  
C   C4    N4     sing N N 69  
C   C4    C5     sing N N 70  
C   N4    H41    sing N N 71  
C   N4    H42    sing N N 72  
C   C5    C6     doub N N 73  
C   C5    H5     sing N N 74  
C   C6    H6     sing N N 75  
G   OP3   P      sing N N 76  
G   OP3   HOP3   sing N N 77  
G   P     OP1    doub N N 78  
G   P     OP2    sing N N 79  
G   P     "O5'"  sing N N 80  
G   OP2   HOP2   sing N N 81  
G   "O5'" "C5'"  sing N N 82  
G   "C5'" "C4'"  sing N N 83  
G   "C5'" "H5'"  sing N N 84  
G   "C5'" "H5''" sing N N 85  
G   "C4'" "O4'"  sing N N 86  
G   "C4'" "C3'"  sing N N 87  
G   "C4'" "H4'"  sing N N 88  
G   "O4'" "C1'"  sing N N 89  
G   "C3'" "O3'"  sing N N 90  
G   "C3'" "C2'"  sing N N 91  
G   "C3'" "H3'"  sing N N 92  
G   "O3'" "HO3'" sing N N 93  
G   "C2'" "O2'"  sing N N 94  
G   "C2'" "C1'"  sing N N 95  
G   "C2'" "H2'"  sing N N 96  
G   "O2'" "HO2'" sing N N 97  
G   "C1'" N9     sing N N 98  
G   "C1'" "H1'"  sing N N 99  
G   N9    C8     sing Y N 100 
G   N9    C4     sing Y N 101 
G   C8    N7     doub Y N 102 
G   C8    H8     sing N N 103 
G   N7    C5     sing Y N 104 
G   C5    C6     sing N N 105 
G   C5    C4     doub Y N 106 
G   C6    O6     doub N N 107 
G   C6    N1     sing N N 108 
G   N1    C2     sing N N 109 
G   N1    H1     sing N N 110 
G   C2    N2     sing N N 111 
G   C2    N3     doub N N 112 
G   N2    H21    sing N N 113 
G   N2    H22    sing N N 114 
G   N3    C4     sing N N 115 
GP3 N9A   C8A    sing Y N 116 
GP3 N9A   C4A    sing Y N 117 
GP3 N9A   C1D    sing N N 118 
GP3 C8A   N7A    doub Y N 119 
GP3 C8A   H8A    sing N N 120 
GP3 N7A   C5A    sing Y N 121 
GP3 C5A   C6A    sing N N 122 
GP3 C5A   C4A    doub Y N 123 
GP3 C6A   O6A    doub N N 124 
GP3 C6A   N1A    sing N N 125 
GP3 N1A   C2A    sing N N 126 
GP3 N1A   H1A    sing N N 127 
GP3 C2A   N2A    sing N N 128 
GP3 C2A   N3A    doub N N 129 
GP3 N2A   H21A   sing N N 130 
GP3 N2A   H22A   sing N N 131 
GP3 N3A   C4A    sing N N 132 
GP3 O5D   C5D    sing N N 133 
GP3 O5D   PA     sing N N 134 
GP3 C5D   C4D    sing N N 135 
GP3 C5D   H51A   sing N N 136 
GP3 C5D   H52A   sing N N 137 
GP3 C4D   O4D    sing N N 138 
GP3 C4D   C3D    sing N N 139 
GP3 C4D   H4D    sing N N 140 
GP3 O4D   C1D    sing N N 141 
GP3 C3D   O3D    sing N N 142 
GP3 C3D   C2D    sing N N 143 
GP3 C3D   H3D    sing N N 144 
GP3 O3D   HO3A   sing N N 145 
GP3 C2D   O2D    sing N N 146 
GP3 C2D   C1D    sing N N 147 
GP3 C2D   H2D    sing N N 148 
GP3 O2D   HO2A   sing N N 149 
GP3 C1D   H1D    sing N N 150 
GP3 PA    O1A    doub N N 151 
GP3 PA    O2A    sing N N 152 
GP3 PA    O3A    sing N N 153 
GP3 O2A   HOA2   sing N N 154 
GP3 O3A   PB     sing N N 155 
GP3 PB    O1B    doub N N 156 
GP3 PB    O2B    sing N N 157 
GP3 PB    O3B    sing N N 158 
GP3 O2B   HOB2   sing N N 159 
GP3 O3B   PG     sing N N 160 
GP3 PG    O1G    doub N N 161 
GP3 PG    O2G    sing N N 162 
GP3 PG    O5E    sing N N 163 
GP3 O2G   HOG2   sing N N 164 
GP3 O5E   C5E    sing N N 165 
GP3 C5E   C4E    sing N N 166 
GP3 C5E   H51B   sing N N 167 
GP3 C5E   H52B   sing N N 168 
GP3 C4E   O4E    sing N N 169 
GP3 C4E   C3E    sing N N 170 
GP3 C4E   H4E    sing N N 171 
GP3 O4E   C1E    sing N N 172 
GP3 C3E   O3E    sing N N 173 
GP3 C3E   C2E    sing N N 174 
GP3 C3E   H3E    sing N N 175 
GP3 O3E   HO3B   sing N N 176 
GP3 C2E   O2E    sing N N 177 
GP3 C2E   C1E    sing N N 178 
GP3 C2E   H2E    sing N N 179 
GP3 O2E   HO2B   sing N N 180 
GP3 C1E   N9B    sing N N 181 
GP3 C1E   H1E    sing N N 182 
GP3 N9B   C8B    sing Y N 183 
GP3 N9B   C4B    sing Y N 184 
GP3 C8B   N7B    doub Y N 185 
GP3 C8B   H8B    sing N N 186 
GP3 N7B   C5B    sing Y N 187 
GP3 C5B   C6B    sing N N 188 
GP3 C5B   C4B    doub Y N 189 
GP3 C6B   O6B    doub N N 190 
GP3 C6B   N1B    sing N N 191 
GP3 N1B   C2B    sing N N 192 
GP3 N1B   H1B    sing N N 193 
GP3 C2B   N2B    sing N N 194 
GP3 C2B   N3B    doub N N 195 
GP3 N2B   H21B   sing N N 196 
GP3 N2B   H22B   sing N N 197 
GP3 N3B   C4B    sing N N 198 
HOH O     H1     sing N N 199 
HOH O     H2     sing N N 200 
U   OP3   P      sing N N 201 
U   OP3   HOP3   sing N N 202 
U   P     OP1    doub N N 203 
U   P     OP2    sing N N 204 
U   P     "O5'"  sing N N 205 
U   OP2   HOP2   sing N N 206 
U   "O5'" "C5'"  sing N N 207 
U   "C5'" "C4'"  sing N N 208 
U   "C5'" "H5'"  sing N N 209 
U   "C5'" "H5''" sing N N 210 
U   "C4'" "O4'"  sing N N 211 
U   "C4'" "C3'"  sing N N 212 
U   "C4'" "H4'"  sing N N 213 
U   "O4'" "C1'"  sing N N 214 
U   "C3'" "O3'"  sing N N 215 
U   "C3'" "C2'"  sing N N 216 
U   "C3'" "H3'"  sing N N 217 
U   "O3'" "HO3'" sing N N 218 
U   "C2'" "O2'"  sing N N 219 
U   "C2'" "C1'"  sing N N 220 
U   "C2'" "H2'"  sing N N 221 
U   "O2'" "HO2'" sing N N 222 
U   "C1'" N1     sing N N 223 
U   "C1'" "H1'"  sing N N 224 
U   N1    C2     sing N N 225 
U   N1    C6     sing N N 226 
U   C2    O2     doub N N 227 
U   C2    N3     sing N N 228 
U   N3    C4     sing N N 229 
U   N3    H3     sing N N 230 
U   C4    O4     doub N N 231 
U   C4    C5     sing N N 232 
U   C5    C6     doub N N 233 
U   C5    H5     sing N N 234 
U   C6    H6     sing N N 235 
# 
loop_
_ndb_struct_conf_na.entry_id 
_ndb_struct_conf_na.feature 
6AZ4 'double helix'         
6AZ4 'a-form double helix'  
6AZ4 tetraloop              
6AZ4 'mismatched base pair' 
6AZ4 'internal loop'        
# 
loop_
_ndb_struct_na_base_pair.model_number 
_ndb_struct_na_base_pair.i_label_asym_id 
_ndb_struct_na_base_pair.i_label_comp_id 
_ndb_struct_na_base_pair.i_label_seq_id 
_ndb_struct_na_base_pair.i_symmetry 
_ndb_struct_na_base_pair.j_label_asym_id 
_ndb_struct_na_base_pair.j_label_comp_id 
_ndb_struct_na_base_pair.j_label_seq_id 
_ndb_struct_na_base_pair.j_symmetry 
_ndb_struct_na_base_pair.shear 
_ndb_struct_na_base_pair.stretch 
_ndb_struct_na_base_pair.stagger 
_ndb_struct_na_base_pair.buckle 
_ndb_struct_na_base_pair.propeller 
_ndb_struct_na_base_pair.opening 
_ndb_struct_na_base_pair.pair_number 
_ndb_struct_na_base_pair.pair_name 
_ndb_struct_na_base_pair.i_auth_asym_id 
_ndb_struct_na_base_pair.i_auth_seq_id 
_ndb_struct_na_base_pair.i_PDB_ins_code 
_ndb_struct_na_base_pair.j_auth_asym_id 
_ndb_struct_na_base_pair.j_auth_seq_id 
_ndb_struct_na_base_pair.j_PDB_ins_code 
_ndb_struct_na_base_pair.hbond_type_28 
_ndb_struct_na_base_pair.hbond_type_12 
1 A C 1  1_555 B G 9  1_555 -0.174 -0.145 0.567  4.481   -15.609 -2.390  1  A_C1:G9_B   A 1  ? B 9  ? 19 1 
1 A U 2  1_555 B A 8  1_555 -0.575 -0.206 0.152  4.635   -12.007 -2.924  2  A_U2:A8_B   A 2  ? B 8  ? 20 1 
1 A G 3  1_555 B C 7  1_555 -0.159 -0.209 0.034  2.518   -10.313 -2.509  3  A_G3:C7_B   A 3  ? B 7  ? 19 1 
1 A C 4  1_555 B G 6  1_555 0.034  -0.253 -0.082 4.193   -12.917 -3.257  4  A_C4:G6_B   A 4  ? B 6  ? 19 1 
1 A U 5  1_555 B A 5  1_555 0.349  -0.048 0.446  3.145   -9.413  4.285   5  A_U5:A5_B   A 5  ? B 5  ? 20 1 
1 A G 6  1_555 B C 4  1_555 -0.008 0.193  0.381  6.232   -4.859  5.203   6  A_G6:C4_B   A 6  ? B 4  ? 19 1 
1 A C 7  1_555 B G 3  1_555 -0.150 -0.202 0.520  0.927   -11.933 -2.224  7  A_C7:G3_B   A 7  ? B 3  ? 19 1 
1 A U 8  1_555 B A 2  1_555 -0.136 -0.002 0.634  -6.091  -18.226 2.868   8  A_U8:A2_B   A 8  ? B 2  ? 20 1 
1 A G 9  1_555 B C 1  1_555 -0.124 0.018  0.155  1.990   -11.658 4.212   9  A_G9:C1_B   A 9  ? B 1  ? 19 1 
1 A G 12 1_555 A C 32 1_555 -0.212 -0.211 -0.162 -2.798  -11.692 -0.392  10 A_G12:C32_A A 12 ? A 32 ? 19 1 
1 A C 13 1_555 A G 31 1_555 0.053  -0.076 -0.195 1.619   -11.072 2.680   11 A_C13:G31_A A 13 ? A 31 ? 19 1 
1 A U 14 1_555 A A 29 1_555 4.125  -2.657 -0.647 -22.019 1.090   -81.832 12 A_U14:A29_A A 14 ? A 29 ? 24 4 
1 A G 17 1_555 A U 28 1_555 -1.916 -0.491 0.119  -1.360  -6.770  -0.985  13 A_G17:U28_A A 17 ? A 28 ? 28 1 
1 A G 18 1_555 A C 27 1_555 -0.474 -0.403 -0.172 -3.566  -7.790  -2.043  14 A_G18:C27_A A 18 ? A 27 ? 19 1 
1 A A 19 1_555 A U 26 1_555 0.022  -0.173 -0.303 -13.151 -11.418 -1.333  15 A_A19:U26_A A 19 ? A 26 ? 20 1 
1 A U 20 1_555 A G 25 1_555 2.504  -0.953 -0.559 -6.381  9.279   -2.911  16 A_U20:G25_A A 20 ? A 25 ? 28 1 
1 A G 21 1_555 A A 24 1_555 7.203  -5.704 1.210  12.264  0.859   -12.533 17 A_G21:A24_A A 21 ? A 24 ? ?  ? 
# 
loop_
_ndb_struct_na_base_pair_step.model_number 
_ndb_struct_na_base_pair_step.i_label_asym_id_1 
_ndb_struct_na_base_pair_step.i_label_comp_id_1 
_ndb_struct_na_base_pair_step.i_label_seq_id_1 
_ndb_struct_na_base_pair_step.i_symmetry_1 
_ndb_struct_na_base_pair_step.j_label_asym_id_1 
_ndb_struct_na_base_pair_step.j_label_comp_id_1 
_ndb_struct_na_base_pair_step.j_label_seq_id_1 
_ndb_struct_na_base_pair_step.j_symmetry_1 
_ndb_struct_na_base_pair_step.i_label_asym_id_2 
_ndb_struct_na_base_pair_step.i_label_comp_id_2 
_ndb_struct_na_base_pair_step.i_label_seq_id_2 
_ndb_struct_na_base_pair_step.i_symmetry_2 
_ndb_struct_na_base_pair_step.j_label_asym_id_2 
_ndb_struct_na_base_pair_step.j_label_comp_id_2 
_ndb_struct_na_base_pair_step.j_label_seq_id_2 
_ndb_struct_na_base_pair_step.j_symmetry_2 
_ndb_struct_na_base_pair_step.shift 
_ndb_struct_na_base_pair_step.slide 
_ndb_struct_na_base_pair_step.rise 
_ndb_struct_na_base_pair_step.tilt 
_ndb_struct_na_base_pair_step.roll 
_ndb_struct_na_base_pair_step.twist 
_ndb_struct_na_base_pair_step.x_displacement 
_ndb_struct_na_base_pair_step.y_displacement 
_ndb_struct_na_base_pair_step.helical_rise 
_ndb_struct_na_base_pair_step.inclination 
_ndb_struct_na_base_pair_step.tip 
_ndb_struct_na_base_pair_step.helical_twist 
_ndb_struct_na_base_pair_step.step_number 
_ndb_struct_na_base_pair_step.step_name 
_ndb_struct_na_base_pair_step.i_auth_asym_id_1 
_ndb_struct_na_base_pair_step.i_auth_seq_id_1 
_ndb_struct_na_base_pair_step.i_PDB_ins_code_1 
_ndb_struct_na_base_pair_step.j_auth_asym_id_1 
_ndb_struct_na_base_pair_step.j_auth_seq_id_1 
_ndb_struct_na_base_pair_step.j_PDB_ins_code_1 
_ndb_struct_na_base_pair_step.i_auth_asym_id_2 
_ndb_struct_na_base_pair_step.i_auth_seq_id_2 
_ndb_struct_na_base_pair_step.i_PDB_ins_code_2 
_ndb_struct_na_base_pair_step.j_auth_asym_id_2 
_ndb_struct_na_base_pair_step.j_auth_seq_id_2 
_ndb_struct_na_base_pair_step.j_PDB_ins_code_2 
1 A C 1  1_555 B G 9  1_555 A U 2  1_555 B A 8  1_555 -0.481 -1.988 3.175 -4.279 6.420  30.217 -4.827 0.145  2.746 12.070 8.044   
31.165 1  AA_C1U2:A8G9_BB     A 1  ? B 9  ? A 2  ? B 8  ? 
1 A U 2  1_555 B A 8  1_555 A G 3  1_555 B C 7  1_555 -0.263 -1.485 3.184 -2.175 7.455  33.547 -3.589 0.129  2.810 12.705 3.707   
34.409 2  AA_U2G3:C7A8_BB     A 2  ? B 8  ? A 3  ? B 7  ? 
1 A G 3  1_555 B C 7  1_555 A C 4  1_555 B G 6  1_555 -0.392 -1.254 3.178 0.426  4.617  34.404 -2.772 0.719  2.984 7.763  -0.717  
34.706 3  AA_G3C4:G6C7_BB     A 3  ? B 7  ? A 4  ? B 6  ? 
1 A C 4  1_555 B G 6  1_555 A U 5  1_555 B A 5  1_555 0.985  -1.727 3.239 -0.151 3.976  31.556 -3.848 -1.824 3.000 7.274  0.277   
31.799 4  AA_C4U5:A5G6_BB     A 4  ? B 6  ? A 5  ? B 5  ? 
1 A U 5  1_555 B A 5  1_555 A G 6  1_555 B C 4  1_555 0.375  -1.731 2.784 2.675  10.135 32.861 -4.153 -0.309 2.193 17.373 -4.585  
34.448 5  AA_U5G6:C4A5_BB     A 5  ? B 5  ? A 6  ? B 4  ? 
1 A G 6  1_555 B C 4  1_555 A C 7  1_555 B G 3  1_555 -0.499 -1.639 3.322 -0.506 6.972  32.418 -4.006 0.792  2.923 12.309 0.893   
33.143 6  AA_G6C7:G3C4_BB     A 6  ? B 4  ? A 7  ? B 3  ? 
1 A C 7  1_555 B G 3  1_555 A U 8  1_555 B A 2  1_555 0.479  -1.818 3.112 0.327  12.071 34.174 -4.392 -0.732 2.360 19.791 -0.535  
36.185 7  AA_C7U8:A2G3_BB     A 7  ? B 3  ? A 8  ? B 2  ? 
1 A U 8  1_555 B A 2  1_555 A G 9  1_555 B C 1  1_555 -0.440 -1.761 2.837 -1.573 5.590  29.619 -4.318 0.581  2.490 10.804 3.040   
30.170 8  AA_U8G9:C1A2_BB     A 8  ? B 2  ? A 9  ? B 1  ? 
1 A G 12 1_555 A C 32 1_555 A C 13 1_555 A G 31 1_555 -0.744 -2.087 3.122 -0.837 1.971  28.918 -4.574 1.313  2.996 3.941  1.674   
28.996 9  AA_G12C13:G31C32_AA A 12 ? A 32 ? A 13 ? A 31 ? 
1 A C 13 1_555 A G 31 1_555 A U 14 1_555 A A 29 1_555 -2.253 -1.650 3.971 12.384 9.079  73.286 -1.681 2.295  3.415 7.526  -10.265 
74.656 10 AA_C13U14:A29G31_AA A 13 ? A 31 ? A 14 ? A 29 ? 
1 A U 14 1_555 A A 29 1_555 A G 17 1_555 A U 28 1_555 -0.805 -0.313 6.468 3.594  1.602  51.407 -0.574 1.407  6.390 1.844  -4.136  
51.547 11 AA_U14G17:U28A29_AA A 14 ? A 29 ? A 17 ? A 28 ? 
1 A G 17 1_555 A U 28 1_555 A G 18 1_555 A C 27 1_555 0.058  -1.883 3.288 0.154  5.290  33.506 -4.046 -0.076 2.965 9.105  -0.265  
33.909 12 AA_G17G18:C27U28_AA A 17 ? A 28 ? A 18 ? A 27 ? 
1 A G 18 1_555 A C 27 1_555 A A 19 1_555 A U 26 1_555 0.359  -2.047 3.463 1.282  9.260  34.976 -4.580 -0.400 2.858 15.076 -2.088  
36.165 13 AA_G18A19:U26C27_AA A 18 ? A 27 ? A 19 ? A 26 ? 
1 A A 19 1_555 A U 26 1_555 A U 20 1_555 A G 25 1_555 0.408  -1.237 3.335 3.597  3.154  43.582 -1.961 -0.200 3.264 4.233  -4.828  
43.831 14 AA_A19U20:G25U26_AA A 19 ? A 26 ? A 20 ? A 25 ? 
1 A U 20 1_555 A G 25 1_555 A G 21 1_555 A A 24 1_555 -2.076 -0.892 2.634 1.448  17.177 44.440 -2.149 2.665  2.106 21.765 -1.835  
47.508 15 AA_U20G21:A24G25_AA A 20 ? A 25 ? A 21 ? A 24 ? 
# 
loop_
_pdbx_entity_nonpoly.entity_id 
_pdbx_entity_nonpoly.name 
_pdbx_entity_nonpoly.comp_id 
3 "DIGUANOSINE-5'-TRIPHOSPHATE" GP3 
4 water                         HOH 
# 
_pdbx_initial_refinement_model.id               1 
_pdbx_initial_refinement_model.entity_id_list   ? 
_pdbx_initial_refinement_model.type             'experimental model' 
_pdbx_initial_refinement_model.source_name      PDB 
_pdbx_initial_refinement_model.accession_code   4FNJ 
_pdbx_initial_refinement_model.details          ? 
# 
_pdbx_struct_assembly_auth_evidence.id                     1 
_pdbx_struct_assembly_auth_evidence.assembly_id            1 
_pdbx_struct_assembly_auth_evidence.experimental_support   none 
_pdbx_struct_assembly_auth_evidence.details                ? 
# 
